data_2GH8
#
_entry.id   2GH8
#
_cell.length_a   457.553
_cell.length_b   457.553
_cell.length_c   457.553
_cell.angle_alpha   90.00
_cell.angle_beta   90.00
_cell.angle_gamma   90.00
#
_symmetry.space_group_name_H-M   'I 2 3'
#
_entity_poly.entity_id   1
_entity_poly.type   'polypeptide(L)'
_entity_poly.pdbx_seq_one_letter_code
;SDGPGSAEIVTEEQGTVVQQQPAPAPTALATLATASTGKSVEQEWMTFFSYHTSINWSTVESQGKILYSQALNPSINPYL
DHIAKLYSTWSGGIDVRFTVSGSGVFGGKLAALLVPPGVEPIESVSMLQYPHVLFDARQTEPVIFTIPDIRKTLFHSMDE
TDTTKLVIMVYNELINPYENGVENKTTCSITVETRPSADFTFALLKPPGSLIKHGSIPSDLIPRNSAHWMGNRWWSTISG
FSVQPRVFQSNRHFDFDSTTTGWSTPYYVPIEIKIQGKVGSNNKWFHVIDTDKALVPGIPDGWPDTTIPDETKATNGNFS
YGESYRAGSTTIKPNENSTHFKGTYICGTLSTVEIPENDEQQIKTEAEKKSQTMYVVTADFKDTIVKPQHKISPQKLVVY
FDGPEKDLTMSATLSPLGYTLVDEQPVGSVSSRVVRIATLPEAFTQGGNYPIFYVNKIKVGYFDRATTNCYNSQILMTSQ
RLAEGNYNLPPDSLAVYRITDSSSQWFDIGINHDGFSYVGLSDLPNDLSFPLTSTFMGVQLARVKLASKVKAHTITAK
;
_entity_poly.pdbx_strand_id   A,B,C
#
# COMPACT_ATOMS: atom_id res chain seq x y z
N GLU A 8 30.68 -42.70 8.20
CA GLU A 8 29.66 -42.84 7.11
C GLU A 8 28.32 -42.09 7.32
N ILE A 9 27.51 -42.07 6.26
CA ILE A 9 26.21 -41.41 6.21
C ILE A 9 25.14 -42.18 7.00
N VAL A 10 24.36 -41.45 7.80
CA VAL A 10 23.29 -42.02 8.63
C VAL A 10 21.95 -41.41 8.28
N THR A 11 21.00 -42.24 7.87
CA THR A 11 19.69 -41.74 7.49
C THR A 11 18.78 -41.48 8.70
N GLU A 12 17.48 -41.42 8.47
CA GLU A 12 16.50 -41.14 9.51
C GLU A 12 16.28 -42.24 10.55
N GLU A 13 16.21 -43.49 10.14
CA GLU A 13 15.97 -44.53 11.11
C GLU A 13 17.21 -45.36 11.27
N GLN A 14 18.25 -44.99 10.53
CA GLN A 14 19.51 -45.72 10.58
C GLN A 14 20.02 -45.87 11.99
N GLY A 15 20.70 -46.97 12.23
CA GLY A 15 21.24 -47.20 13.54
C GLY A 15 21.15 -48.65 13.94
N THR A 16 22.19 -49.11 14.64
CA THR A 16 22.29 -50.48 15.13
C THR A 16 21.40 -50.65 16.35
N VAL A 17 20.56 -51.66 16.31
CA VAL A 17 19.69 -51.90 17.43
C VAL A 17 20.21 -53.05 18.30
N VAL A 18 20.34 -52.76 19.59
CA VAL A 18 20.84 -53.70 20.59
C VAL A 18 19.70 -54.29 21.41
N GLN A 19 19.86 -55.54 21.83
CA GLN A 19 18.83 -56.21 22.63
C GLN A 19 19.28 -56.30 24.10
N GLN A 20 18.34 -56.16 25.05
CA GLN A 20 18.69 -56.21 26.48
C GLN A 20 17.80 -57.10 27.36
N GLN A 21 18.42 -57.80 28.32
CA GLN A 21 17.80 -58.79 29.23
C GLN A 21 16.37 -58.54 29.69
N PRO A 22 16.09 -57.43 30.40
CA PRO A 22 14.70 -57.23 30.82
C PRO A 22 13.96 -56.79 29.57
N ALA A 23 13.21 -57.69 28.94
CA ALA A 23 12.52 -57.33 27.71
C ALA A 23 11.41 -58.31 27.35
N PRO A 24 10.15 -57.92 27.60
CA PRO A 24 8.96 -58.73 27.33
C PRO A 24 8.58 -58.82 25.86
N ALA A 25 7.34 -59.23 25.61
CA ALA A 25 6.80 -59.37 24.26
C ALA A 25 6.02 -58.13 23.86
N PRO A 26 6.68 -57.18 23.20
CA PRO A 26 5.98 -55.96 22.81
C PRO A 26 4.58 -56.16 22.24
N THR A 27 4.41 -57.12 21.33
CA THR A 27 3.10 -57.34 20.71
C THR A 27 2.01 -57.76 21.65
N ALA A 28 2.28 -58.79 22.43
CA ALA A 28 1.30 -59.30 23.38
C ALA A 28 0.83 -58.20 24.30
N LEU A 29 1.76 -57.37 24.76
CA LEU A 29 1.35 -56.31 25.65
C LEU A 29 0.44 -55.32 24.93
N ALA A 30 0.75 -55.08 23.67
CA ALA A 30 0.00 -54.15 22.84
C ALA A 30 -1.44 -54.62 22.71
N THR A 31 -1.60 -55.92 22.59
CA THR A 31 -2.92 -56.46 22.43
C THR A 31 -3.75 -56.28 23.68
N LEU A 32 -3.14 -56.55 24.83
CA LEU A 32 -3.83 -56.39 26.10
C LEU A 32 -4.29 -54.95 26.23
N ALA A 33 -3.52 -54.02 25.69
CA ALA A 33 -3.93 -52.62 25.79
C ALA A 33 -5.15 -52.38 24.92
N THR A 34 -5.00 -52.59 23.62
CA THR A 34 -6.11 -52.38 22.70
C THR A 34 -7.33 -53.18 23.14
N ALA A 35 -7.11 -54.29 23.85
CA ALA A 35 -8.23 -55.08 24.30
C ALA A 35 -9.01 -54.27 25.31
N SER A 36 -8.31 -53.62 26.22
CA SER A 36 -8.97 -52.81 27.24
C SER A 36 -9.40 -51.46 26.75
N THR A 37 -8.61 -50.93 25.84
CA THR A 37 -8.80 -49.63 25.27
C THR A 37 -9.92 -49.56 24.24
N GLY A 38 -9.84 -50.44 23.25
CA GLY A 38 -10.85 -50.44 22.21
C GLY A 38 -10.30 -49.73 20.98
N LYS A 39 -9.00 -49.48 21.00
CA LYS A 39 -8.34 -48.80 19.89
C LYS A 39 -8.67 -49.50 18.59
N SER A 40 -8.90 -48.70 17.54
CA SER A 40 -9.24 -49.23 16.22
C SER A 40 -8.69 -48.30 15.12
N VAL A 41 -8.96 -47.00 15.25
CA VAL A 41 -8.46 -46.05 14.27
C VAL A 41 -7.44 -45.19 14.99
N GLU A 42 -6.43 -44.73 14.27
CA GLU A 42 -5.38 -43.94 14.88
C GLU A 42 -5.71 -42.47 15.09
N GLN A 43 -6.58 -41.93 14.24
CA GLN A 43 -6.96 -40.52 14.36
C GLN A 43 -8.44 -40.47 14.73
N GLU A 44 -8.75 -40.87 15.97
CA GLU A 44 -10.13 -40.90 16.42
C GLU A 44 -10.93 -39.62 16.31
N TRP A 45 -10.26 -38.48 16.31
CA TRP A 45 -11.02 -37.26 16.23
C TRP A 45 -11.63 -37.08 14.85
N MET A 46 -11.52 -38.09 13.99
CA MET A 46 -12.09 -37.94 12.67
C MET A 46 -13.40 -38.64 12.59
N THR A 47 -13.80 -39.26 13.70
CA THR A 47 -15.03 -40.01 13.74
C THR A 47 -16.16 -39.44 14.59
N PHE A 48 -16.08 -38.16 14.94
CA PHE A 48 -17.14 -37.52 15.75
C PHE A 48 -17.14 -36.00 15.62
N PHE A 49 -18.28 -35.39 15.92
CA PHE A 49 -18.38 -33.94 15.82
C PHE A 49 -17.96 -33.23 17.10
N SER A 50 -17.10 -32.22 16.98
CA SER A 50 -16.64 -31.46 18.15
C SER A 50 -17.29 -30.08 18.18
N TYR A 51 -17.68 -29.63 19.37
CA TYR A 51 -18.29 -28.32 19.49
C TYR A 51 -17.31 -27.31 18.88
N HIS A 52 -17.81 -26.44 18.02
CA HIS A 52 -16.93 -25.43 17.46
C HIS A 52 -17.24 -24.09 18.05
N THR A 53 -18.38 -23.54 17.66
CA THR A 53 -18.80 -22.26 18.15
C THR A 53 -20.31 -22.14 18.15
N SER A 54 -20.79 -21.02 18.67
CA SER A 54 -22.22 -20.71 18.73
C SER A 54 -22.44 -19.27 18.30
N ILE A 55 -23.57 -19.03 17.66
CA ILE A 55 -23.91 -17.69 17.22
C ILE A 55 -25.36 -17.48 17.60
N ASN A 56 -25.67 -16.27 18.05
CA ASN A 56 -27.01 -15.92 18.48
C ASN A 56 -27.88 -15.48 17.31
N TRP A 57 -29.18 -15.68 17.47
CA TRP A 57 -30.13 -15.36 16.42
C TRP A 57 -31.31 -14.61 17.02
N SER A 58 -31.37 -13.30 16.76
CA SER A 58 -32.42 -12.44 17.30
C SER A 58 -33.60 -12.21 16.39
N THR A 59 -34.69 -11.76 16.99
CA THR A 59 -35.90 -11.48 16.23
C THR A 59 -35.72 -10.16 15.46
N VAL A 60 -34.64 -9.46 15.72
CA VAL A 60 -34.41 -8.17 15.05
C VAL A 60 -33.80 -8.25 13.68
N GLU A 61 -32.95 -9.26 13.47
CA GLU A 61 -32.28 -9.47 12.19
C GLU A 61 -33.25 -9.95 11.13
N SER A 62 -33.22 -9.27 10.00
CA SER A 62 -34.13 -9.56 8.90
C SER A 62 -33.58 -10.38 7.73
N GLN A 63 -34.50 -11.05 7.04
CA GLN A 63 -34.17 -11.88 5.90
C GLN A 63 -32.98 -11.35 5.11
N GLY A 64 -31.91 -12.13 5.09
CA GLY A 64 -30.74 -11.72 4.33
C GLY A 64 -29.48 -11.50 5.15
N LYS A 65 -29.63 -11.32 6.44
CA LYS A 65 -28.44 -11.08 7.23
C LYS A 65 -27.63 -12.32 7.49
N ILE A 66 -26.33 -12.17 7.35
CA ILE A 66 -25.45 -13.28 7.55
C ILE A 66 -25.05 -13.33 9.01
N LEU A 67 -25.48 -14.37 9.69
CA LEU A 67 -25.13 -14.50 11.09
C LEU A 67 -23.84 -15.29 11.27
N TYR A 68 -23.27 -15.81 10.19
CA TYR A 68 -22.08 -16.61 10.33
C TYR A 68 -21.40 -16.79 8.98
N SER A 69 -20.14 -16.43 8.91
CA SER A 69 -19.40 -16.53 7.68
C SER A 69 -17.96 -16.92 7.98
N GLN A 70 -17.72 -18.22 8.08
CA GLN A 70 -16.40 -18.71 8.41
C GLN A 70 -15.82 -19.58 7.30
N ALA A 71 -14.55 -19.37 7.00
CA ALA A 71 -13.88 -20.12 5.93
C ALA A 71 -13.23 -21.42 6.35
N LEU A 72 -13.23 -22.39 5.44
CA LEU A 72 -12.67 -23.72 5.66
C LEU A 72 -11.18 -23.71 6.02
N ASN A 73 -10.87 -24.10 7.24
CA ASN A 73 -9.50 -24.12 7.69
C ASN A 73 -9.42 -25.16 8.80
N PRO A 74 -8.25 -25.79 8.98
CA PRO A 74 -8.23 -26.78 10.05
C PRO A 74 -8.64 -26.16 11.38
N SER A 75 -8.52 -24.84 11.48
CA SER A 75 -8.88 -24.14 12.71
C SER A 75 -10.34 -24.36 13.11
N ILE A 76 -11.20 -24.66 12.14
CA ILE A 76 -12.60 -24.91 12.41
C ILE A 76 -12.78 -26.04 13.42
N ASN A 77 -11.85 -26.99 13.41
CA ASN A 77 -11.94 -28.11 14.32
C ASN A 77 -10.84 -28.03 15.35
N PRO A 78 -11.22 -28.11 16.64
CA PRO A 78 -10.26 -28.03 17.75
C PRO A 78 -9.07 -28.98 17.60
N TYR A 79 -9.37 -30.20 17.16
CA TYR A 79 -8.31 -31.18 16.96
C TYR A 79 -7.43 -30.85 15.79
N LEU A 80 -8.04 -30.53 14.67
CA LEU A 80 -7.21 -30.20 13.52
C LEU A 80 -6.33 -29.05 13.91
N ASP A 81 -6.93 -27.99 14.45
CA ASP A 81 -6.17 -26.82 14.85
C ASP A 81 -4.94 -27.23 15.68
N HIS A 82 -5.10 -28.23 16.53
CA HIS A 82 -3.96 -28.64 17.32
C HIS A 82 -2.91 -29.40 16.51
N ILE A 83 -3.30 -30.48 15.85
CA ILE A 83 -2.32 -31.22 15.07
C ILE A 83 -1.68 -30.34 14.01
N ALA A 84 -2.50 -29.47 13.43
CA ALA A 84 -2.05 -28.57 12.38
C ALA A 84 -0.73 -27.90 12.73
N LYS A 85 -0.46 -27.70 14.01
CA LYS A 85 0.77 -27.05 14.39
C LYS A 85 1.99 -27.89 14.00
N LEU A 86 1.79 -29.17 13.73
CA LEU A 86 2.93 -30.01 13.38
C LEU A 86 3.21 -30.00 11.89
N TYR A 87 2.23 -29.58 11.11
CA TYR A 87 2.40 -29.58 9.68
C TYR A 87 2.57 -28.22 9.05
N SER A 88 2.86 -28.23 7.76
CA SER A 88 3.09 -27.00 7.03
C SER A 88 2.17 -26.91 5.82
N THR A 89 1.30 -27.89 5.69
CA THR A 89 0.39 -27.95 4.56
C THR A 89 -0.78 -28.85 4.87
N TRP A 90 -1.96 -28.47 4.39
CA TRP A 90 -3.19 -29.23 4.60
C TRP A 90 -4.04 -29.25 3.35
N SER A 91 -5.02 -30.16 3.31
CA SER A 91 -5.91 -30.29 2.16
C SER A 91 -7.09 -31.18 2.52
N GLY A 92 -8.21 -31.01 1.84
CA GLY A 92 -9.35 -31.84 2.15
C GLY A 92 -10.44 -31.04 2.83
N GLY A 93 -11.64 -31.61 2.87
CA GLY A 93 -12.74 -30.91 3.47
C GLY A 93 -13.08 -31.25 4.91
N ILE A 94 -14.07 -30.54 5.41
CA ILE A 94 -14.52 -30.75 6.78
C ILE A 94 -16.03 -30.77 6.90
N ASP A 95 -16.53 -31.75 7.65
CA ASP A 95 -17.94 -31.91 7.89
C ASP A 95 -18.48 -30.97 8.96
N VAL A 96 -19.75 -30.65 8.81
CA VAL A 96 -20.41 -29.78 9.73
C VAL A 96 -21.73 -30.40 10.19
N ARG A 97 -22.11 -30.07 11.41
CA ARG A 97 -23.37 -30.52 11.97
C ARG A 97 -23.85 -29.31 12.72
N PHE A 98 -24.86 -28.62 12.23
CA PHE A 98 -25.32 -27.50 13.00
C PHE A 98 -26.76 -27.73 13.43
N THR A 99 -27.11 -27.14 14.56
CA THR A 99 -28.43 -27.26 15.16
C THR A 99 -28.91 -25.94 15.80
N VAL A 100 -30.21 -25.67 15.73
CA VAL A 100 -30.74 -24.47 16.32
C VAL A 100 -31.49 -24.89 17.57
N SER A 101 -31.28 -24.14 18.64
CA SER A 101 -31.91 -24.45 19.91
C SER A 101 -32.93 -23.40 20.30
N GLY A 102 -34.08 -23.49 19.67
CA GLY A 102 -35.13 -22.53 19.95
C GLY A 102 -36.34 -23.14 20.59
N SER A 103 -37.22 -22.26 21.03
CA SER A 103 -38.45 -22.65 21.68
C SER A 103 -39.50 -23.10 20.68
N GLY A 104 -40.30 -24.08 21.08
CA GLY A 104 -41.34 -24.57 20.19
C GLY A 104 -42.23 -23.41 19.78
N VAL A 105 -42.20 -22.35 20.56
CA VAL A 105 -43.01 -21.15 20.31
C VAL A 105 -42.46 -20.27 19.20
N PHE A 106 -41.14 -20.30 19.01
CA PHE A 106 -40.52 -19.48 17.98
C PHE A 106 -40.97 -19.88 16.60
N GLY A 107 -40.46 -19.16 15.60
CA GLY A 107 -40.78 -19.43 14.22
C GLY A 107 -39.70 -18.82 13.35
N GLY A 108 -39.34 -19.50 12.26
CA GLY A 108 -38.32 -18.95 11.38
C GLY A 108 -37.33 -19.93 10.76
N LYS A 109 -37.01 -19.72 9.48
CA LYS A 109 -36.07 -20.56 8.75
C LYS A 109 -34.70 -19.88 8.71
N LEU A 110 -33.68 -20.69 8.51
CA LEU A 110 -32.30 -20.25 8.43
C LEU A 110 -31.75 -21.02 7.24
N ALA A 111 -30.83 -20.45 6.48
CA ALA A 111 -30.29 -21.22 5.36
C ALA A 111 -28.77 -21.27 5.46
N ALA A 112 -28.17 -22.39 5.10
CA ALA A 112 -26.71 -22.49 5.17
C ALA A 112 -26.23 -22.80 3.77
N LEU A 113 -25.20 -22.11 3.29
CA LEU A 113 -24.73 -22.43 1.95
C LEU A 113 -23.22 -22.41 1.86
N LEU A 114 -22.68 -23.14 0.89
CA LEU A 114 -21.23 -23.19 0.73
C LEU A 114 -20.78 -22.30 -0.41
N VAL A 115 -20.03 -21.25 -0.14
CA VAL A 115 -19.59 -20.41 -1.23
C VAL A 115 -18.17 -20.77 -1.58
N PRO A 116 -17.91 -20.92 -2.87
CA PRO A 116 -16.60 -21.25 -3.38
C PRO A 116 -15.61 -20.16 -3.13
N PRO A 117 -14.32 -20.49 -3.26
CA PRO A 117 -13.28 -19.47 -3.04
C PRO A 117 -13.25 -18.43 -4.15
N GLY A 118 -12.75 -17.25 -3.83
CA GLY A 118 -12.66 -16.17 -4.80
C GLY A 118 -13.96 -15.40 -4.83
N VAL A 119 -14.85 -15.73 -3.90
CA VAL A 119 -16.12 -15.06 -3.84
C VAL A 119 -16.34 -14.57 -2.42
N GLU A 120 -16.82 -13.34 -2.31
CA GLU A 120 -17.10 -12.73 -1.02
C GLU A 120 -18.61 -12.67 -0.91
N PRO A 121 -19.18 -13.21 0.18
CA PRO A 121 -20.62 -13.25 0.45
C PRO A 121 -21.20 -11.86 0.60
N ILE A 122 -22.52 -11.78 0.55
CA ILE A 122 -23.17 -10.50 0.69
C ILE A 122 -24.46 -10.64 1.46
N GLU A 123 -24.76 -9.74 2.38
CA GLU A 123 -26.01 -9.93 3.09
C GLU A 123 -27.18 -9.52 2.20
N SER A 124 -27.57 -10.41 1.29
CA SER A 124 -28.72 -10.16 0.43
C SER A 124 -29.49 -11.44 0.28
N VAL A 125 -30.77 -11.30 -0.03
CA VAL A 125 -31.59 -12.49 -0.17
C VAL A 125 -31.26 -13.26 -1.43
N SER A 126 -30.72 -12.55 -2.41
CA SER A 126 -30.34 -13.14 -3.68
C SER A 126 -29.36 -14.32 -3.51
N MET A 127 -28.54 -14.25 -2.47
CA MET A 127 -27.60 -15.33 -2.19
C MET A 127 -28.35 -16.65 -2.03
N LEU A 128 -29.66 -16.59 -1.83
CA LEU A 128 -30.41 -17.82 -1.65
C LEU A 128 -30.79 -18.52 -2.93
N GLN A 129 -30.59 -17.85 -4.06
CA GLN A 129 -30.90 -18.40 -5.37
C GLN A 129 -29.71 -19.26 -5.76
N TYR A 130 -29.24 -20.00 -4.77
CA TYR A 130 -28.05 -20.80 -4.90
C TYR A 130 -28.33 -22.00 -4.04
N PRO A 131 -27.78 -23.16 -4.39
CA PRO A 131 -28.04 -24.34 -3.56
C PRO A 131 -27.78 -24.08 -2.06
N HIS A 132 -28.73 -24.45 -1.19
CA HIS A 132 -28.59 -24.22 0.26
C HIS A 132 -29.27 -25.24 1.15
N VAL A 133 -29.00 -25.16 2.45
CA VAL A 133 -29.62 -26.06 3.41
C VAL A 133 -30.61 -25.28 4.26
N LEU A 134 -31.80 -25.85 4.41
CA LEU A 134 -32.85 -25.22 5.17
C LEU A 134 -32.92 -25.67 6.60
N PHE A 135 -33.04 -24.75 7.55
CA PHE A 135 -33.19 -25.16 8.94
C PHE A 135 -34.23 -24.31 9.65
N ASP A 136 -35.30 -24.96 10.11
CA ASP A 136 -36.38 -24.25 10.79
C ASP A 136 -36.06 -24.11 12.28
N ALA A 137 -36.44 -22.98 12.87
CA ALA A 137 -36.18 -22.74 14.26
C ALA A 137 -36.84 -23.81 15.12
N ARG A 138 -37.89 -24.43 14.61
CA ARG A 138 -38.57 -25.46 15.38
C ARG A 138 -37.99 -26.84 15.21
N GLN A 139 -37.02 -27.01 14.32
CA GLN A 139 -36.40 -28.34 14.06
C GLN A 139 -35.55 -28.82 15.21
N THR A 140 -35.60 -30.12 15.45
CA THR A 140 -34.80 -30.69 16.52
C THR A 140 -33.64 -31.47 15.96
N GLU A 141 -33.96 -32.30 14.97
CA GLU A 141 -32.96 -33.15 14.32
C GLU A 141 -31.91 -32.27 13.70
N PRO A 142 -30.65 -32.49 14.07
CA PRO A 142 -29.64 -31.63 13.46
C PRO A 142 -29.40 -32.02 12.01
N VAL A 143 -29.00 -31.04 11.22
CA VAL A 143 -28.73 -31.25 9.82
C VAL A 143 -27.23 -31.45 9.68
N ILE A 144 -26.81 -32.29 8.73
CA ILE A 144 -25.37 -32.56 8.52
C ILE A 144 -24.93 -32.46 7.08
N PHE A 145 -23.91 -31.67 6.82
CA PHE A 145 -23.45 -31.57 5.46
C PHE A 145 -21.93 -31.38 5.45
N THR A 146 -21.32 -31.19 4.28
CA THR A 146 -19.88 -31.03 4.24
C THR A 146 -19.40 -29.81 3.51
N ILE A 147 -18.39 -29.15 4.08
CA ILE A 147 -17.79 -28.00 3.45
C ILE A 147 -16.69 -28.65 2.62
N PRO A 148 -16.90 -28.72 1.30
CA PRO A 148 -15.96 -29.32 0.35
C PRO A 148 -14.71 -28.46 0.23
N ASP A 149 -13.61 -29.03 -0.26
CA ASP A 149 -12.40 -28.25 -0.42
C ASP A 149 -12.10 -27.94 -1.87
N ILE A 150 -12.62 -26.83 -2.35
CA ILE A 150 -12.36 -26.42 -3.72
C ILE A 150 -11.02 -25.70 -3.68
N ARG A 151 -10.13 -25.98 -4.61
CA ARG A 151 -8.85 -25.28 -4.58
C ARG A 151 -8.12 -25.20 -5.91
N LYS A 152 -7.45 -24.07 -6.16
CA LYS A 152 -6.73 -23.91 -7.42
C LYS A 152 -5.40 -24.63 -7.38
N THR A 153 -4.79 -24.65 -6.20
CA THR A 153 -3.50 -25.28 -6.00
C THR A 153 -3.60 -26.78 -5.78
N LEU A 154 -2.45 -27.45 -5.72
CA LEU A 154 -2.44 -28.87 -5.48
C LEU A 154 -2.75 -29.15 -4.03
N PHE A 155 -2.39 -28.21 -3.15
CA PHE A 155 -2.63 -28.34 -1.70
C PHE A 155 -2.51 -26.99 -1.01
N HIS A 156 -3.10 -26.84 0.17
CA HIS A 156 -3.04 -25.56 0.87
C HIS A 156 -1.83 -25.38 1.77
N SER A 157 -1.22 -24.20 1.71
CA SER A 157 -0.11 -23.91 2.61
C SER A 157 -0.78 -23.38 3.85
N MET A 158 -0.09 -23.37 4.98
CA MET A 158 -0.73 -22.92 6.19
C MET A 158 -1.28 -21.49 6.24
N ASP A 159 -0.73 -20.60 5.42
CA ASP A 159 -1.15 -19.21 5.39
C ASP A 159 -2.41 -18.94 4.58
N GLU A 160 -2.68 -19.79 3.59
CA GLU A 160 -3.85 -19.62 2.72
C GLU A 160 -5.14 -19.43 3.51
N THR A 161 -5.97 -18.49 3.03
CA THR A 161 -7.24 -18.20 3.67
C THR A 161 -8.40 -18.21 2.66
N ASP A 162 -8.08 -18.18 1.38
CA ASP A 162 -9.12 -18.19 0.36
C ASP A 162 -9.58 -19.63 0.10
N THR A 163 -10.50 -20.07 0.95
CA THR A 163 -11.00 -21.42 0.83
C THR A 163 -12.51 -21.39 0.83
N THR A 164 -13.11 -22.55 0.55
CA THR A 164 -14.55 -22.66 0.54
C THR A 164 -15.03 -22.04 1.84
N LYS A 165 -16.12 -21.30 1.77
CA LYS A 165 -16.61 -20.65 2.96
C LYS A 165 -18.03 -21.07 3.29
N LEU A 166 -18.28 -21.30 4.57
CA LEU A 166 -19.60 -21.69 5.01
C LEU A 166 -20.32 -20.42 5.43
N VAL A 167 -21.54 -20.25 4.96
CA VAL A 167 -22.30 -19.07 5.32
C VAL A 167 -23.66 -19.45 5.86
N ILE A 168 -23.99 -18.93 7.03
CA ILE A 168 -25.29 -19.18 7.62
C ILE A 168 -25.99 -17.83 7.60
N MET A 169 -27.01 -17.77 6.75
CA MET A 169 -27.82 -16.59 6.48
C MET A 169 -29.23 -16.78 7.01
N VAL A 170 -29.92 -15.68 7.22
CA VAL A 170 -31.30 -15.73 7.71
C VAL A 170 -32.27 -15.84 6.54
N TYR A 171 -33.02 -16.95 6.48
CA TYR A 171 -33.98 -17.18 5.41
C TYR A 171 -35.29 -16.47 5.71
N ASN A 172 -35.87 -16.81 6.85
CA ASN A 172 -37.11 -16.19 7.31
C ASN A 172 -36.86 -15.67 8.72
N GLU A 173 -37.04 -14.36 8.87
CA GLU A 173 -36.85 -13.68 10.16
C GLU A 173 -37.47 -14.45 11.32
N LEU A 174 -36.71 -14.60 12.41
CA LEU A 174 -37.19 -15.30 13.58
C LEU A 174 -38.34 -14.54 14.24
N ILE A 175 -39.42 -15.24 14.54
CA ILE A 175 -40.54 -14.57 15.20
C ILE A 175 -40.93 -15.20 16.50
N ASN A 176 -41.65 -14.41 17.29
CA ASN A 176 -42.13 -14.82 18.59
C ASN A 176 -43.43 -14.13 18.92
N PRO A 177 -44.49 -14.91 19.18
CA PRO A 177 -45.82 -14.37 19.50
C PRO A 177 -45.95 -13.64 20.84
N TYR A 178 -44.84 -13.13 21.36
CA TYR A 178 -44.82 -12.39 22.62
C TYR A 178 -43.99 -11.12 22.48
N GLU A 179 -44.68 -9.98 22.37
CA GLU A 179 -44.04 -8.66 22.21
C GLU A 179 -43.84 -7.89 23.54
N ASN A 180 -43.68 -8.63 24.65
CA ASN A 180 -43.49 -8.05 25.99
C ASN A 180 -42.06 -7.53 26.25
N GLY A 181 -41.14 -7.85 25.34
CA GLY A 181 -39.76 -7.41 25.48
C GLY A 181 -39.63 -5.91 25.34
N VAL A 182 -38.66 -5.34 26.05
CA VAL A 182 -38.41 -3.89 26.02
C VAL A 182 -37.13 -3.59 25.22
N GLU A 183 -35.98 -3.90 25.81
CA GLU A 183 -34.66 -3.69 25.20
C GLU A 183 -34.42 -4.63 24.02
N ASN A 184 -35.06 -5.80 24.07
CA ASN A 184 -34.95 -6.80 23.01
C ASN A 184 -36.02 -7.89 23.19
N LYS A 185 -36.59 -8.34 22.08
CA LYS A 185 -37.63 -9.37 22.12
C LYS A 185 -37.05 -10.68 22.66
N THR A 186 -36.55 -11.54 21.77
CA THR A 186 -35.97 -12.82 22.18
C THR A 186 -34.83 -13.28 21.29
N THR A 187 -34.26 -14.43 21.64
CA THR A 187 -33.13 -14.95 20.89
C THR A 187 -32.82 -16.40 21.25
N CYS A 188 -32.30 -17.16 20.29
CA CYS A 188 -31.93 -18.54 20.54
C CYS A 188 -30.53 -18.81 20.00
N SER A 189 -29.97 -19.97 20.35
CA SER A 189 -28.62 -20.32 19.93
C SER A 189 -28.53 -21.25 18.71
N ILE A 190 -27.43 -21.11 17.99
CA ILE A 190 -27.14 -21.93 16.82
C ILE A 190 -25.76 -22.48 17.07
N THR A 191 -25.64 -23.77 17.32
CA THR A 191 -24.30 -24.30 17.56
C THR A 191 -23.79 -24.96 16.29
N VAL A 192 -22.49 -24.85 16.05
CA VAL A 192 -21.89 -25.45 14.86
C VAL A 192 -20.79 -26.40 15.26
N GLU A 193 -20.99 -27.69 14.98
CA GLU A 193 -20.02 -28.74 15.28
C GLU A 193 -19.28 -29.18 14.01
N THR A 194 -18.02 -29.58 14.17
CA THR A 194 -17.20 -30.01 13.03
C THR A 194 -16.52 -31.35 13.20
N ARG A 195 -16.37 -32.04 12.08
CA ARG A 195 -15.70 -33.33 12.05
C ARG A 195 -14.86 -33.35 10.80
N PRO A 196 -13.56 -33.64 10.93
CA PRO A 196 -12.79 -33.64 9.69
C PRO A 196 -13.37 -34.64 8.73
N SER A 197 -13.31 -34.31 7.45
CA SER A 197 -13.85 -35.19 6.44
C SER A 197 -12.88 -36.31 6.07
N ALA A 198 -13.38 -37.33 5.37
CA ALA A 198 -12.53 -38.45 4.98
C ALA A 198 -11.31 -38.05 4.19
N ASP A 199 -11.51 -37.15 3.22
CA ASP A 199 -10.45 -36.65 2.37
C ASP A 199 -9.48 -35.68 3.04
N PHE A 200 -9.88 -35.08 4.16
CA PHE A 200 -9.00 -34.12 4.84
C PHE A 200 -7.72 -34.74 5.39
N THR A 201 -6.56 -34.20 4.97
CA THR A 201 -5.27 -34.72 5.44
C THR A 201 -4.11 -33.72 5.51
N PHE A 202 -3.30 -33.84 6.57
CA PHE A 202 -2.14 -32.97 6.75
C PHE A 202 -0.97 -33.48 5.91
N ALA A 203 -0.25 -32.53 5.34
CA ALA A 203 0.85 -32.85 4.45
C ALA A 203 2.24 -32.81 5.04
N LEU A 204 3.14 -32.06 4.42
CA LEU A 204 4.52 -32.02 4.89
C LEU A 204 4.66 -31.55 6.31
N LEU A 205 5.53 -32.21 7.08
CA LEU A 205 5.76 -31.81 8.46
C LEU A 205 6.52 -30.52 8.48
N LYS A 206 6.30 -29.74 9.54
CA LYS A 206 6.99 -28.47 9.71
C LYS A 206 7.99 -28.56 10.86
N PRO A 207 9.28 -28.34 10.57
CA PRO A 207 10.27 -28.41 11.64
C PRO A 207 9.92 -27.43 12.73
N PRO A 208 9.84 -27.90 13.99
CA PRO A 208 9.51 -27.13 15.18
C PRO A 208 10.08 -25.73 15.26
N GLY A 209 9.21 -24.78 15.56
CA GLY A 209 9.67 -23.40 15.70
C GLY A 209 9.82 -22.63 14.42
N SER A 210 9.36 -23.19 13.31
CA SER A 210 9.47 -22.49 12.03
C SER A 210 8.33 -21.51 11.85
N LEU A 211 8.55 -20.55 10.95
CA LEU A 211 7.53 -19.56 10.69
C LEU A 211 6.80 -19.87 9.40
N ILE A 212 5.72 -19.14 9.16
CA ILE A 212 4.97 -19.36 7.94
C ILE A 212 5.38 -18.35 6.89
N LYS A 213 6.05 -18.85 5.85
CA LYS A 213 6.54 -17.99 4.80
C LYS A 213 5.67 -16.82 4.42
N HIS A 214 4.35 -16.90 4.53
CA HIS A 214 3.64 -15.70 4.14
C HIS A 214 2.93 -15.00 5.25
N GLY A 215 3.14 -15.46 6.47
CA GLY A 215 2.49 -14.84 7.63
C GLY A 215 1.33 -15.65 8.16
N SER A 216 1.33 -15.90 9.47
CA SER A 216 0.29 -16.68 10.14
C SER A 216 -1.05 -15.96 10.14
N ILE A 217 -2.14 -16.71 10.16
CA ILE A 217 -3.45 -16.08 10.16
C ILE A 217 -3.72 -15.48 11.52
N PRO A 218 -4.03 -14.17 11.57
CA PRO A 218 -4.31 -13.38 12.78
C PRO A 218 -5.60 -13.77 13.49
N SER A 219 -5.55 -14.89 14.20
CA SER A 219 -6.74 -15.36 14.87
C SER A 219 -6.69 -15.25 16.39
N ASP A 220 -5.55 -14.81 16.93
CA ASP A 220 -5.42 -14.68 18.38
C ASP A 220 -4.98 -13.28 18.81
N LEU A 221 -5.31 -12.30 17.99
CA LEU A 221 -4.95 -10.93 18.29
C LEU A 221 -5.74 -10.40 19.48
N ILE A 222 -7.00 -10.79 19.60
CA ILE A 222 -7.79 -10.32 20.73
C ILE A 222 -8.03 -11.49 21.67
N PRO A 223 -7.80 -11.29 22.97
CA PRO A 223 -8.00 -12.33 23.97
C PRO A 223 -9.44 -12.81 24.08
N ARG A 224 -9.62 -14.10 24.36
CA ARG A 224 -10.96 -14.67 24.46
C ARG A 224 -11.81 -14.04 25.57
N ASN A 225 -11.18 -13.69 26.69
CA ASN A 225 -11.88 -13.07 27.79
C ASN A 225 -11.54 -11.61 28.04
N SER A 226 -12.55 -10.76 28.09
CA SER A 226 -12.33 -9.35 28.28
C SER A 226 -11.64 -9.04 29.60
N ALA A 227 -11.47 -10.07 30.43
CA ALA A 227 -10.82 -9.92 31.73
C ALA A 227 -9.32 -9.80 31.55
N HIS A 228 -8.83 -10.23 30.40
CA HIS A 228 -7.40 -10.16 30.11
C HIS A 228 -7.14 -8.97 29.16
N TRP A 229 -8.12 -8.09 29.01
CA TRP A 229 -7.94 -6.93 28.16
C TRP A 229 -7.36 -5.73 28.86
N MET A 230 -6.14 -5.37 28.50
CA MET A 230 -5.53 -4.20 29.09
C MET A 230 -5.16 -3.26 27.95
N GLY A 231 -5.23 -1.96 28.18
CA GLY A 231 -4.92 -1.01 27.12
C GLY A 231 -3.45 -0.76 26.89
N ASN A 232 -3.10 -0.28 25.71
CA ASN A 232 -1.70 -0.02 25.50
C ASN A 232 -1.28 1.35 26.02
N ARG A 233 -2.24 2.23 26.31
CA ARG A 233 -1.97 3.59 26.84
C ARG A 233 -1.86 3.42 28.36
N TRP A 234 -2.84 2.77 28.95
CA TRP A 234 -2.76 2.58 30.38
C TRP A 234 -2.91 1.11 30.71
N TRP A 235 -2.18 0.67 31.73
CA TRP A 235 -2.19 -0.71 32.17
C TRP A 235 -3.50 -1.15 32.76
N SER A 236 -4.48 -0.25 32.76
CA SER A 236 -5.81 -0.53 33.30
C SER A 236 -6.47 -1.64 32.47
N THR A 237 -7.65 -2.09 32.92
CA THR A 237 -8.41 -3.17 32.26
C THR A 237 -9.53 -2.59 31.37
N ILE A 238 -9.55 -2.86 30.06
CA ILE A 238 -10.62 -2.27 29.25
C ILE A 238 -11.98 -2.40 29.90
N SER A 239 -12.75 -1.33 29.82
CA SER A 239 -14.09 -1.28 30.41
C SER A 239 -15.10 -0.59 29.51
N GLY A 240 -14.67 -0.17 28.33
CA GLY A 240 -15.57 0.49 27.41
C GLY A 240 -14.94 0.76 26.07
N PHE A 241 -15.77 1.04 25.08
CA PHE A 241 -15.29 1.34 23.74
C PHE A 241 -15.77 2.74 23.39
N SER A 242 -15.12 3.37 22.40
CA SER A 242 -15.56 4.68 21.94
C SER A 242 -15.36 4.83 20.46
N VAL A 243 -16.46 4.98 19.73
CA VAL A 243 -16.38 5.13 18.29
C VAL A 243 -16.09 6.59 17.93
N GLN A 244 -15.13 6.80 17.04
CA GLN A 244 -14.76 8.14 16.60
C GLN A 244 -14.58 8.13 15.09
N PRO A 245 -14.77 9.29 14.42
CA PRO A 245 -14.62 9.34 12.97
C PRO A 245 -13.15 9.28 12.56
N ARG A 246 -12.28 9.19 13.56
CA ARG A 246 -10.85 9.11 13.31
C ARG A 246 -10.12 8.77 14.60
N VAL A 247 -9.43 7.64 14.58
CA VAL A 247 -8.67 7.19 15.73
C VAL A 247 -7.20 7.41 15.45
N PHE A 248 -6.41 7.53 16.51
CA PHE A 248 -5.00 7.78 16.35
C PHE A 248 -4.20 7.53 17.61
N GLN A 249 -2.94 7.13 17.43
CA GLN A 249 -2.06 6.90 18.55
C GLN A 249 -0.72 6.54 17.98
N SER A 250 0.32 6.67 18.79
CA SER A 250 1.63 6.34 18.28
C SER A 250 2.50 5.53 19.18
N ASN A 251 2.29 5.67 20.48
CA ASN A 251 3.16 4.95 21.39
C ASN A 251 3.20 3.43 21.32
N ARG A 252 2.48 2.73 22.19
CA ARG A 252 2.57 1.27 22.10
C ARG A 252 1.70 0.75 20.99
N HIS A 253 1.60 1.52 19.92
CA HIS A 253 0.78 1.04 18.83
C HIS A 253 1.68 0.38 17.82
N PHE A 254 1.37 -0.88 17.55
CA PHE A 254 2.13 -1.64 16.60
C PHE A 254 1.38 -2.02 15.34
N ASP A 255 2.15 -2.03 14.25
CA ASP A 255 1.68 -2.34 12.92
C ASP A 255 1.63 -3.84 12.77
N PHE A 256 0.95 -4.28 11.73
CA PHE A 256 0.85 -5.69 11.49
C PHE A 256 2.20 -6.32 11.26
N ASP A 257 3.22 -5.52 10.95
CA ASP A 257 4.52 -6.11 10.72
C ASP A 257 5.50 -5.85 11.84
N SER A 258 5.00 -5.87 13.07
CA SER A 258 5.81 -5.68 14.26
C SER A 258 6.51 -4.33 14.30
N THR A 259 6.03 -3.41 13.47
CA THR A 259 6.59 -2.07 13.40
C THR A 259 5.87 -1.13 14.36
N THR A 260 6.63 -0.22 14.96
CA THR A 260 6.06 0.74 15.91
C THR A 260 6.68 2.11 15.70
N THR A 261 5.82 3.11 15.56
CA THR A 261 6.30 4.47 15.35
C THR A 261 6.60 5.10 16.71
N GLY A 262 6.27 4.35 17.75
CA GLY A 262 6.48 4.79 19.11
C GLY A 262 7.89 4.67 19.64
N TRP A 263 8.02 4.59 20.96
CA TRP A 263 9.32 4.53 21.62
C TRP A 263 9.31 3.61 22.82
N SER A 264 8.28 2.79 22.91
CA SER A 264 8.15 1.89 24.03
C SER A 264 7.66 0.51 23.58
N THR A 265 7.97 -0.50 24.38
CA THR A 265 7.59 -1.89 24.10
C THR A 265 6.19 -2.22 24.59
N PRO A 266 5.59 -3.29 24.05
CA PRO A 266 4.25 -3.69 24.44
C PRO A 266 4.17 -4.30 25.83
N TYR A 267 4.87 -3.68 26.78
CA TYR A 267 4.85 -4.16 28.14
C TYR A 267 4.97 -2.96 29.09
N TYR A 268 4.38 -3.07 30.28
CA TYR A 268 4.45 -1.99 31.26
C TYR A 268 5.58 -2.29 32.23
N VAL A 269 6.71 -1.61 32.03
CA VAL A 269 7.87 -1.80 32.89
C VAL A 269 8.26 -0.47 33.51
N PRO A 270 8.91 -0.51 34.69
CA PRO A 270 9.35 0.68 35.41
C PRO A 270 10.24 1.58 34.58
N ILE A 271 10.12 2.88 34.83
CA ILE A 271 10.90 3.88 34.12
C ILE A 271 12.05 4.38 34.98
N GLU A 272 13.26 4.36 34.43
CA GLU A 272 14.44 4.80 35.15
C GLU A 272 15.04 6.00 34.45
N ILE A 273 15.14 7.13 35.16
CA ILE A 273 15.67 8.37 34.61
C ILE A 273 16.64 9.05 35.57
N LYS A 274 17.29 10.10 35.05
CA LYS A 274 18.22 10.92 35.82
C LYS A 274 17.84 12.37 35.61
N ILE A 275 17.65 13.08 36.72
CA ILE A 275 17.28 14.48 36.68
C ILE A 275 18.43 15.41 37.01
N GLN A 276 18.32 16.64 36.54
CA GLN A 276 19.34 17.67 36.72
C GLN A 276 18.99 18.64 37.85
N GLY A 277 19.84 18.69 38.87
CA GLY A 277 19.62 19.59 39.99
C GLY A 277 20.19 20.96 39.69
N LYS A 278 19.33 21.98 39.74
CA LYS A 278 19.73 23.36 39.46
C LYS A 278 20.25 24.12 40.68
N VAL A 279 21.42 24.75 40.52
CA VAL A 279 22.07 25.53 41.58
C VAL A 279 21.64 26.99 41.55
N GLY A 280 22.13 27.71 40.53
CA GLY A 280 21.82 29.12 40.37
C GLY A 280 20.41 29.36 39.88
N SER A 281 19.44 28.82 40.62
CA SER A 281 18.03 28.95 40.30
C SER A 281 17.13 28.25 41.32
N ASN A 282 15.87 28.69 41.37
CA ASN A 282 14.85 28.15 42.29
C ASN A 282 13.58 27.75 41.53
N ASN A 283 13.69 26.67 40.75
CA ASN A 283 12.57 26.16 39.96
C ASN A 283 12.16 24.77 40.43
N LYS A 284 10.92 24.39 40.11
CA LYS A 284 10.36 23.11 40.49
C LYS A 284 10.33 22.08 39.34
N TRP A 285 10.52 22.55 38.11
CA TRP A 285 10.54 21.65 36.97
C TRP A 285 11.97 21.31 36.62
N PHE A 286 12.28 20.02 36.52
CA PHE A 286 13.62 19.60 36.20
C PHE A 286 13.69 18.91 34.84
N HIS A 287 14.90 18.84 34.30
CA HIS A 287 15.17 18.20 33.03
C HIS A 287 15.66 16.78 33.32
N VAL A 288 15.65 15.94 32.29
CA VAL A 288 16.10 14.55 32.43
C VAL A 288 17.33 14.36 31.55
N ILE A 289 18.49 14.15 32.17
CA ILE A 289 19.74 13.97 31.43
C ILE A 289 19.66 12.80 30.45
N ASP A 290 19.50 11.60 31.00
CA ASP A 290 19.40 10.39 30.18
C ASP A 290 18.65 9.29 30.94
N THR A 291 18.35 8.21 30.22
CA THR A 291 17.65 7.08 30.80
C THR A 291 18.44 5.81 30.53
N ASP A 292 18.32 4.84 31.42
CA ASP A 292 19.05 3.59 31.28
C ASP A 292 18.46 2.60 30.26
N LYS A 293 17.23 2.18 30.52
CA LYS A 293 16.54 1.23 29.65
C LYS A 293 15.65 1.92 28.61
N ALA A 294 15.98 1.75 27.32
CA ALA A 294 15.19 2.36 26.26
C ALA A 294 15.30 1.69 24.89
N LEU A 295 14.18 1.74 24.17
CA LEU A 295 14.06 1.16 22.84
C LEU A 295 14.66 2.15 21.85
N VAL A 296 14.32 3.43 22.05
CA VAL A 296 14.85 4.48 21.20
C VAL A 296 15.86 5.28 22.03
N PRO A 297 17.13 5.30 21.59
CA PRO A 297 18.17 6.02 22.31
C PRO A 297 17.77 7.44 22.72
N GLY A 298 17.61 7.64 24.03
CA GLY A 298 17.24 8.94 24.54
C GLY A 298 15.91 8.98 25.25
N ILE A 299 14.90 8.36 24.66
CA ILE A 299 13.59 8.34 25.25
C ILE A 299 13.37 7.08 26.05
N PRO A 300 13.09 7.21 27.36
CA PRO A 300 12.86 6.05 28.22
C PRO A 300 11.64 5.22 27.78
N ASP A 301 11.77 3.90 27.90
CA ASP A 301 10.69 2.98 27.53
C ASP A 301 9.51 3.08 28.48
N GLY A 302 8.42 3.66 27.98
CA GLY A 302 7.23 3.78 28.80
C GLY A 302 6.80 5.18 29.16
N TRP A 303 7.63 6.15 28.81
CA TRP A 303 7.35 7.55 29.08
C TRP A 303 5.97 7.85 28.52
N PRO A 304 5.10 8.48 29.31
CA PRO A 304 3.74 8.85 28.96
C PRO A 304 3.53 9.36 27.53
N ASP A 305 2.28 9.26 27.06
CA ASP A 305 1.91 9.61 25.69
C ASP A 305 1.22 10.98 25.47
N THR A 306 0.99 11.73 26.54
CA THR A 306 0.33 13.03 26.41
C THR A 306 1.17 14.19 26.94
N THR A 307 0.71 15.41 26.63
CA THR A 307 1.38 16.63 27.05
C THR A 307 0.41 17.48 27.84
N ILE A 308 0.86 18.68 28.19
CA ILE A 308 0.05 19.63 28.94
C ILE A 308 -0.87 20.38 27.98
N PRO A 309 -2.03 20.83 28.48
CA PRO A 309 -3.02 21.54 27.68
C PRO A 309 -2.55 22.89 27.12
N ASP A 310 -2.08 23.77 28.00
CA ASP A 310 -1.62 25.09 27.60
C ASP A 310 -0.29 25.48 28.25
N GLU A 311 0.21 26.67 27.92
CA GLU A 311 1.47 27.19 28.46
C GLU A 311 1.29 27.64 29.91
N THR A 312 2.29 27.38 30.74
CA THR A 312 2.22 27.77 32.13
C THR A 312 3.59 28.14 32.68
N LYS A 313 3.60 29.03 33.67
CA LYS A 313 4.83 29.47 34.29
C LYS A 313 5.34 28.34 35.21
N ALA A 314 6.64 28.31 35.42
CA ALA A 314 7.26 27.29 36.25
C ALA A 314 7.09 27.54 37.75
N THR A 315 6.07 28.32 38.11
CA THR A 315 5.80 28.63 39.52
C THR A 315 5.37 27.39 40.29
N ASN A 316 5.80 27.30 41.54
CA ASN A 316 5.45 26.18 42.39
C ASN A 316 3.96 26.25 42.76
N GLY A 317 3.38 25.10 43.07
CA GLY A 317 1.97 25.05 43.45
C GLY A 317 1.54 23.63 43.76
N ASN A 318 0.32 23.46 44.22
CA ASN A 318 -0.19 22.14 44.53
C ASN A 318 -1.44 21.99 43.69
N PHE A 319 -2.35 21.12 44.13
CA PHE A 319 -3.59 20.95 43.39
C PHE A 319 -4.51 22.12 43.75
N SER A 320 -5.49 22.39 42.89
CA SER A 320 -6.45 23.46 43.12
C SER A 320 -7.56 23.49 42.07
N TYR A 321 -8.77 23.16 42.50
CA TYR A 321 -9.91 23.15 41.59
C TYR A 321 -11.09 23.91 42.19
N GLY A 322 -11.87 24.55 41.32
CA GLY A 322 -13.01 25.33 41.76
C GLY A 322 -14.22 24.48 42.10
N GLU A 323 -15.30 25.12 42.54
CA GLU A 323 -16.52 24.40 42.91
C GLU A 323 -17.15 23.70 41.71
N SER A 324 -16.67 24.04 40.52
CA SER A 324 -17.18 23.45 39.28
C SER A 324 -16.85 21.96 39.20
N TYR A 325 -15.68 21.60 39.73
CA TYR A 325 -15.23 20.21 39.71
C TYR A 325 -15.80 19.38 40.86
N ARG A 326 -16.15 20.05 41.96
CA ARG A 326 -16.68 19.39 43.16
C ARG A 326 -17.64 18.24 42.83
N ALA A 327 -17.77 17.31 43.77
CA ALA A 327 -18.63 16.14 43.62
C ALA A 327 -19.98 16.52 42.99
N GLY A 328 -20.50 15.63 42.15
CA GLY A 328 -21.77 15.87 41.49
C GLY A 328 -21.76 15.35 40.07
N SER A 329 -22.25 16.17 39.14
CA SER A 329 -22.30 15.79 37.72
C SER A 329 -22.62 17.00 36.84
N THR A 330 -22.53 18.20 37.43
CA THR A 330 -22.81 19.45 36.73
C THR A 330 -21.76 19.76 35.66
N THR A 331 -22.01 20.82 34.88
CA THR A 331 -21.10 21.24 33.81
C THR A 331 -19.70 21.53 34.38
N ILE A 332 -18.68 21.33 33.55
CA ILE A 332 -17.31 21.56 33.97
C ILE A 332 -16.75 22.83 33.36
N LYS A 333 -15.92 23.56 34.11
CA LYS A 333 -15.32 24.79 33.63
C LYS A 333 -13.80 24.66 33.58
N PRO A 334 -13.20 24.70 32.36
CA PRO A 334 -11.76 24.58 32.15
C PRO A 334 -10.89 25.71 32.74
N ASN A 335 -11.51 26.83 33.09
CA ASN A 335 -10.79 27.97 33.65
C ASN A 335 -10.69 27.94 35.18
N GLU A 336 -11.37 26.98 35.81
CA GLU A 336 -11.33 26.85 37.26
C GLU A 336 -10.25 25.88 37.71
N ASN A 337 -9.37 25.50 36.80
CA ASN A 337 -8.29 24.57 37.12
C ASN A 337 -7.00 25.36 37.27
N SER A 338 -6.64 25.68 38.51
CA SER A 338 -5.43 26.46 38.77
C SER A 338 -4.19 25.59 38.98
N THR A 339 -4.32 24.30 38.72
CA THR A 339 -3.20 23.38 38.89
C THR A 339 -2.20 23.61 37.76
N HIS A 340 -0.97 23.93 38.13
CA HIS A 340 0.07 24.19 37.15
C HIS A 340 0.57 22.94 36.45
N PHE A 341 0.82 21.89 37.21
CA PHE A 341 1.32 20.67 36.63
C PHE A 341 0.16 19.82 36.13
N LYS A 342 -0.92 20.49 35.72
CA LYS A 342 -2.08 19.77 35.22
C LYS A 342 -1.68 19.07 33.93
N GLY A 343 -2.22 17.87 33.73
CA GLY A 343 -1.94 17.12 32.52
C GLY A 343 -0.66 16.31 32.58
N THR A 344 -0.16 16.09 33.79
CA THR A 344 1.05 15.33 33.94
C THR A 344 0.70 13.93 34.39
N TYR A 345 1.72 13.10 34.60
CA TYR A 345 1.50 11.72 35.06
C TYR A 345 2.05 11.46 36.43
N ILE A 346 1.17 11.08 37.34
CA ILE A 346 1.61 10.79 38.69
C ILE A 346 2.43 9.50 38.68
N CYS A 347 3.68 9.57 39.15
CA CYS A 347 4.56 8.39 39.18
C CYS A 347 5.24 8.14 40.53
N GLY A 348 4.76 7.15 41.27
CA GLY A 348 5.38 6.83 42.55
C GLY A 348 6.87 6.69 42.31
N THR A 349 7.70 7.07 43.26
CA THR A 349 9.13 6.99 42.97
C THR A 349 10.09 6.54 44.05
N LEU A 350 11.27 6.14 43.59
CA LEU A 350 12.36 5.72 44.46
C LEU A 350 13.58 6.40 43.86
N SER A 351 14.00 7.49 44.51
CA SER A 351 15.14 8.29 44.08
C SER A 351 16.29 8.27 45.08
N THR A 352 17.47 8.60 44.57
CA THR A 352 18.68 8.67 45.37
C THR A 352 19.56 9.70 44.71
N VAL A 353 20.50 10.24 45.47
CA VAL A 353 21.39 11.25 44.95
C VAL A 353 22.83 10.80 45.01
N GLU A 354 23.66 11.32 44.11
CA GLU A 354 25.06 10.96 44.11
C GLU A 354 25.88 11.94 44.92
N ILE A 355 26.52 11.43 45.97
CA ILE A 355 27.35 12.27 46.82
C ILE A 355 28.72 12.47 46.16
N PRO A 356 29.06 13.73 45.84
CA PRO A 356 30.34 14.06 45.21
C PRO A 356 31.54 13.70 46.09
N GLU A 357 32.73 13.93 45.54
CA GLU A 357 33.97 13.64 46.25
C GLU A 357 34.32 14.62 47.38
N ASN A 358 35.29 15.50 47.12
CA ASN A 358 35.74 16.50 48.10
C ASN A 358 35.06 17.88 47.92
N ASP A 359 34.60 18.18 46.71
CA ASP A 359 33.92 19.46 46.41
C ASP A 359 32.48 19.42 46.91
N GLU A 360 32.29 18.76 48.05
CA GLU A 360 31.00 18.62 48.69
C GLU A 360 30.60 19.90 49.40
N GLN A 361 29.44 20.43 49.05
CA GLN A 361 28.93 21.65 49.68
C GLN A 361 27.88 21.28 50.72
N GLN A 362 26.83 20.58 50.29
CA GLN A 362 25.77 20.16 51.20
C GLN A 362 24.78 19.29 50.45
N ILE A 363 25.31 18.48 49.53
CA ILE A 363 24.50 17.58 48.71
C ILE A 363 23.99 16.43 49.58
N LYS A 364 24.88 15.90 50.40
CA LYS A 364 24.58 14.79 51.29
C LYS A 364 23.25 14.96 52.00
N THR A 365 22.99 16.18 52.42
CA THR A 365 21.74 16.48 53.12
C THR A 365 20.57 16.05 52.28
N GLU A 366 20.53 16.56 51.05
CA GLU A 366 19.47 16.27 50.09
C GLU A 366 19.36 14.76 49.83
N ALA A 367 20.50 14.09 49.72
CA ALA A 367 20.53 12.66 49.45
C ALA A 367 19.83 11.85 50.53
N GLU A 368 19.96 12.28 51.78
CA GLU A 368 19.34 11.57 52.88
C GLU A 368 17.84 11.82 52.95
N LYS A 369 17.31 12.61 52.03
CA LYS A 369 15.89 12.93 52.00
C LYS A 369 15.01 11.81 51.44
N LYS A 370 13.79 11.68 51.96
CA LYS A 370 12.83 10.67 51.52
C LYS A 370 12.38 11.01 50.11
N SER A 371 12.16 9.99 49.28
CA SER A 371 11.74 10.22 47.89
C SER A 371 10.33 10.77 47.80
N GLN A 372 10.05 11.48 46.71
CA GLN A 372 8.74 12.06 46.51
C GLN A 372 8.18 11.71 45.15
N THR A 373 6.86 11.64 45.06
CA THR A 373 6.21 11.32 43.83
C THR A 373 6.40 12.37 42.74
N MET A 374 6.97 11.96 41.61
CA MET A 374 7.21 12.88 40.50
C MET A 374 6.05 12.97 39.53
N TYR A 375 5.80 14.18 39.03
CA TYR A 375 4.72 14.38 38.09
C TYR A 375 5.32 14.57 36.72
N VAL A 376 5.50 13.46 36.00
CA VAL A 376 6.10 13.42 34.67
C VAL A 376 5.23 13.87 33.51
N VAL A 377 5.90 14.41 32.48
CA VAL A 377 5.27 14.89 31.26
C VAL A 377 6.26 15.28 30.19
N THR A 378 5.76 15.57 29.01
CA THR A 378 6.62 15.93 27.90
C THR A 378 6.27 17.31 27.37
N ALA A 379 7.26 18.20 27.35
CA ALA A 379 7.04 19.55 26.86
C ALA A 379 8.31 20.39 26.85
N ASP A 380 8.27 21.49 26.11
CA ASP A 380 9.41 22.42 26.01
C ASP A 380 9.62 23.08 27.36
N PHE A 381 10.86 23.42 27.67
CA PHE A 381 11.12 24.02 28.96
C PHE A 381 12.29 25.00 28.93
N LYS A 382 12.01 26.27 28.70
CA LYS A 382 13.07 27.27 28.69
C LYS A 382 13.34 27.72 30.12
N ASP A 383 13.73 28.97 30.29
CA ASP A 383 14.05 29.50 31.61
C ASP A 383 12.84 29.55 32.58
N THR A 384 11.84 30.36 32.24
CA THR A 384 10.68 30.53 33.12
C THR A 384 9.34 29.95 32.66
N ILE A 385 9.25 29.55 31.40
CA ILE A 385 8.00 28.99 30.91
C ILE A 385 8.09 27.55 30.44
N VAL A 386 6.99 26.83 30.62
CA VAL A 386 6.91 25.43 30.22
C VAL A 386 5.84 25.28 29.15
N LYS A 387 6.25 25.25 27.89
CA LYS A 387 5.30 25.10 26.79
C LYS A 387 5.08 23.64 26.42
N PRO A 388 3.86 23.30 25.99
CA PRO A 388 3.54 21.93 25.61
C PRO A 388 4.28 21.53 24.33
N GLN A 389 4.65 20.26 24.25
CA GLN A 389 5.35 19.72 23.08
C GLN A 389 4.84 18.34 22.71
N HIS A 390 4.33 18.21 21.49
CA HIS A 390 3.81 16.93 21.00
C HIS A 390 4.79 16.28 20.03
N LYS A 391 6.08 16.39 20.34
CA LYS A 391 7.14 15.84 19.52
C LYS A 391 8.25 15.35 20.45
N ILE A 392 7.97 14.23 21.11
CA ILE A 392 8.90 13.62 22.05
C ILE A 392 10.35 13.68 21.58
N SER A 393 11.25 13.83 22.54
CA SER A 393 12.67 13.91 22.26
C SER A 393 13.45 13.76 23.55
N PRO A 394 14.70 13.32 23.45
CA PRO A 394 15.53 13.13 24.63
C PRO A 394 15.75 14.43 25.37
N GLN A 395 15.19 15.50 24.81
CA GLN A 395 15.37 16.80 25.40
C GLN A 395 14.06 17.47 25.78
N LYS A 396 12.96 16.75 25.60
CA LYS A 396 11.65 17.29 25.94
C LYS A 396 11.02 16.52 27.10
N LEU A 397 11.86 15.94 27.95
CA LEU A 397 11.37 15.16 29.08
C LEU A 397 11.42 16.00 30.36
N VAL A 398 10.26 16.38 30.85
CA VAL A 398 10.21 17.22 32.06
C VAL A 398 9.63 16.49 33.27
N VAL A 399 10.03 16.92 34.45
CA VAL A 399 9.54 16.31 35.68
C VAL A 399 9.18 17.42 36.65
N TYR A 400 8.11 17.25 37.41
CA TYR A 400 7.70 18.27 38.37
C TYR A 400 7.53 17.73 39.77
N PHE A 401 8.22 18.33 40.74
CA PHE A 401 8.12 17.88 42.13
C PHE A 401 8.99 18.73 43.04
N ASP A 402 8.90 18.52 44.34
CA ASP A 402 9.73 19.29 45.26
C ASP A 402 11.15 18.73 45.22
N GLY A 403 11.86 19.00 44.14
CA GLY A 403 13.22 18.51 44.00
C GLY A 403 14.26 19.34 44.71
N PRO A 404 15.55 19.06 44.49
CA PRO A 404 16.66 19.78 45.11
C PRO A 404 16.86 21.19 44.52
N GLU A 405 17.53 22.06 45.27
CA GLU A 405 17.79 23.42 44.81
C GLU A 405 19.28 23.62 44.63
N LYS A 406 20.04 22.60 45.00
CA LYS A 406 21.49 22.61 44.90
C LYS A 406 21.90 21.79 43.68
N ASP A 407 22.95 22.22 42.98
CA ASP A 407 23.40 21.50 41.80
C ASP A 407 23.78 20.07 42.16
N LEU A 408 23.10 19.11 41.54
CA LEU A 408 23.36 17.70 41.79
C LEU A 408 22.61 16.85 40.78
N THR A 409 23.01 15.59 40.67
CA THR A 409 22.39 14.65 39.75
C THR A 409 21.66 13.56 40.54
N MET A 410 20.33 13.53 40.42
CA MET A 410 19.53 12.54 41.12
C MET A 410 19.03 11.47 40.17
N SER A 411 19.06 10.23 40.63
CA SER A 411 18.60 9.09 39.84
C SER A 411 17.33 8.56 40.48
N ALA A 412 16.33 8.27 39.66
CA ALA A 412 15.07 7.77 40.19
C ALA A 412 14.45 6.74 39.29
N THR A 413 13.74 5.81 39.92
CA THR A 413 13.06 4.75 39.21
C THR A 413 11.60 4.94 39.56
N LEU A 414 10.83 5.45 38.62
CA LEU A 414 9.42 5.71 38.87
C LEU A 414 8.48 4.88 38.00
N SER A 415 7.26 4.68 38.48
CA SER A 415 6.24 3.91 37.75
C SER A 415 4.91 4.66 37.73
N PRO A 416 4.38 4.96 36.53
CA PRO A 416 3.10 5.69 36.47
C PRO A 416 1.91 5.04 37.18
N LEU A 417 1.04 5.86 37.79
CA LEU A 417 -0.13 5.35 38.48
C LEU A 417 -1.37 6.17 38.24
N GLY A 418 -1.17 7.42 37.83
CA GLY A 418 -2.30 8.29 37.58
C GLY A 418 -2.05 9.50 36.70
N TYR A 419 -3.12 10.22 36.42
CA TYR A 419 -3.06 11.41 35.58
C TYR A 419 -3.54 12.61 36.40
N THR A 420 -2.97 13.79 36.13
CA THR A 420 -3.36 15.02 36.81
C THR A 420 -4.49 15.61 35.98
N LEU A 421 -5.73 15.36 36.43
CA LEU A 421 -6.91 15.80 35.71
C LEU A 421 -6.84 17.19 35.15
N VAL A 422 -7.41 17.34 33.96
CA VAL A 422 -7.41 18.62 33.29
C VAL A 422 -8.83 19.06 33.05
N ASP A 423 -9.64 18.15 32.52
CA ASP A 423 -11.03 18.46 32.24
C ASP A 423 -11.84 17.21 32.04
N GLU A 424 -13.04 17.39 31.52
CA GLU A 424 -13.95 16.29 31.29
C GLU A 424 -13.43 15.30 30.25
N GLN A 425 -12.85 15.82 29.17
CA GLN A 425 -12.31 15.00 28.09
C GLN A 425 -11.41 13.85 28.56
N PRO A 426 -11.54 12.67 27.94
CA PRO A 426 -10.75 11.49 28.27
C PRO A 426 -9.32 11.65 27.74
N VAL A 427 -8.37 11.08 28.48
CA VAL A 427 -6.96 11.17 28.11
C VAL A 427 -6.68 10.61 26.74
N GLY A 428 -6.02 11.40 25.90
CA GLY A 428 -5.66 10.95 24.56
C GLY A 428 -6.71 11.23 23.52
N SER A 429 -7.69 12.03 23.89
CA SER A 429 -8.79 12.40 23.00
C SER A 429 -8.39 13.43 21.92
N VAL A 430 -7.51 14.36 22.28
CA VAL A 430 -7.06 15.39 21.35
C VAL A 430 -5.79 14.98 20.61
N SER A 431 -5.86 14.97 19.27
CA SER A 431 -4.75 14.60 18.41
C SER A 431 -3.52 15.42 18.74
N SER A 432 -3.71 16.73 18.65
CA SER A 432 -2.68 17.72 18.91
C SER A 432 -2.08 17.61 20.30
N ARG A 433 -2.66 16.76 21.14
CA ARG A 433 -2.15 16.61 22.50
C ARG A 433 -1.38 15.31 22.66
N VAL A 434 -1.46 14.47 21.62
CA VAL A 434 -0.79 13.17 21.60
C VAL A 434 0.62 13.28 21.06
N VAL A 435 1.57 12.78 21.84
CA VAL A 435 2.99 12.83 21.50
C VAL A 435 3.45 12.15 20.23
N ARG A 436 3.12 12.80 19.11
CA ARG A 436 3.49 12.35 17.78
C ARG A 436 5.06 12.36 17.79
N ILE A 437 5.74 11.21 17.83
CA ILE A 437 7.24 11.21 17.83
C ILE A 437 7.83 11.67 16.48
N ALA A 438 7.01 11.54 15.44
CA ALA A 438 7.34 11.92 14.07
C ALA A 438 6.10 11.75 13.20
N THR A 439 5.62 10.51 13.06
CA THR A 439 4.42 10.23 12.27
C THR A 439 3.39 9.71 13.24
N LEU A 440 2.14 10.13 13.03
CA LEU A 440 1.07 9.70 13.91
C LEU A 440 0.12 8.80 13.16
N PRO A 441 0.16 7.50 13.47
CA PRO A 441 -0.71 6.53 12.83
C PRO A 441 -2.15 6.94 13.07
N GLU A 442 -2.98 6.78 12.06
CA GLU A 442 -4.36 7.17 12.20
C GLU A 442 -5.26 6.27 11.38
N ALA A 443 -6.55 6.29 11.69
CA ALA A 443 -7.50 5.48 10.93
C ALA A 443 -8.80 6.25 10.87
N PHE A 444 -9.24 6.54 9.65
CA PHE A 444 -10.48 7.28 9.43
C PHE A 444 -11.62 6.33 9.11
N THR A 445 -12.85 6.80 9.27
CA THR A 445 -14.02 6.00 8.95
C THR A 445 -13.87 5.52 7.52
N GLN A 446 -14.24 4.28 7.26
CA GLN A 446 -14.13 3.72 5.92
C GLN A 446 -15.37 2.93 5.55
N GLY A 447 -15.99 3.33 4.45
CA GLY A 447 -17.18 2.67 3.99
C GLY A 447 -18.26 2.81 5.04
N GLY A 448 -18.49 1.74 5.79
CA GLY A 448 -19.50 1.79 6.82
C GLY A 448 -18.94 1.41 8.17
N ASN A 449 -17.63 1.18 8.20
CA ASN A 449 -16.98 0.80 9.44
C ASN A 449 -16.31 2.02 10.03
N TYR A 450 -16.33 2.11 11.36
CA TYR A 450 -15.73 3.25 12.02
C TYR A 450 -14.61 2.79 12.94
N PRO A 451 -13.56 3.61 13.09
CA PRO A 451 -12.41 3.32 13.95
C PRO A 451 -12.90 3.38 15.38
N ILE A 452 -12.11 2.90 16.34
CA ILE A 452 -12.54 2.95 17.74
C ILE A 452 -11.38 2.92 18.72
N PHE A 453 -11.60 3.51 19.89
CA PHE A 453 -10.59 3.52 20.95
C PHE A 453 -11.04 2.56 22.01
N TYR A 454 -10.09 2.01 22.76
CA TYR A 454 -10.44 1.09 23.84
C TYR A 454 -10.30 1.92 25.09
N VAL A 455 -11.40 2.00 25.83
CA VAL A 455 -11.45 2.79 27.04
C VAL A 455 -10.97 2.13 28.32
N ASN A 456 -10.10 2.85 29.01
CA ASN A 456 -9.50 2.43 30.26
C ASN A 456 -10.05 3.16 31.46
N LYS A 457 -9.18 3.43 32.42
CA LYS A 457 -9.57 4.14 33.63
C LYS A 457 -8.34 4.55 34.43
N ILE A 458 -7.90 5.80 34.22
CA ILE A 458 -6.73 6.32 34.93
C ILE A 458 -7.14 7.00 36.21
N LYS A 459 -6.39 6.74 37.28
CA LYS A 459 -6.70 7.35 38.56
C LYS A 459 -6.33 8.82 38.55
N VAL A 460 -7.22 9.65 39.04
CA VAL A 460 -6.97 11.07 39.09
C VAL A 460 -6.29 11.43 40.41
N GLY A 461 -5.54 12.53 40.38
CA GLY A 461 -4.81 12.93 41.55
C GLY A 461 -5.38 13.70 42.72
N TYR A 462 -6.10 14.78 42.46
CA TYR A 462 -6.60 15.55 43.58
C TYR A 462 -7.86 15.01 44.20
N PHE A 463 -8.78 14.57 43.36
CA PHE A 463 -10.05 14.05 43.85
C PHE A 463 -9.86 12.85 44.76
N ASP A 464 -10.95 12.23 45.19
CA ASP A 464 -10.83 11.10 46.09
C ASP A 464 -10.58 9.78 45.33
N ARG A 465 -11.36 8.75 45.63
CA ARG A 465 -11.20 7.48 44.95
C ARG A 465 -11.79 7.68 43.55
N ALA A 466 -11.33 8.72 42.87
CA ALA A 466 -11.82 9.05 41.54
C ALA A 466 -10.90 8.60 40.41
N THR A 467 -11.49 8.56 39.22
CA THR A 467 -10.83 8.15 37.98
C THR A 467 -11.41 8.94 36.81
N THR A 468 -10.86 8.71 35.64
CA THR A 468 -11.33 9.38 34.44
C THR A 468 -11.08 8.42 33.28
N ASN A 469 -11.76 8.64 32.18
CA ASN A 469 -11.59 7.77 31.03
C ASN A 469 -10.31 8.04 30.24
N CYS A 470 -9.79 6.97 29.65
CA CYS A 470 -8.57 7.00 28.84
C CYS A 470 -8.71 6.18 27.55
N TYR A 471 -8.34 6.75 26.42
CA TYR A 471 -8.41 6.06 25.12
C TYR A 471 -7.16 5.23 24.83
N ASN A 472 -7.35 4.05 24.24
CA ASN A 472 -6.25 3.16 23.88
C ASN A 472 -6.49 2.72 22.43
N SER A 473 -5.46 2.77 21.59
CA SER A 473 -5.61 2.39 20.19
C SER A 473 -5.77 0.90 19.98
N GLN A 474 -5.12 0.13 20.85
CA GLN A 474 -5.13 -1.32 20.77
C GLN A 474 -5.11 -1.93 22.15
N ILE A 475 -5.45 -3.22 22.23
CA ILE A 475 -5.43 -3.91 23.50
C ILE A 475 -4.04 -4.46 23.69
N LEU A 476 -3.45 -4.19 24.85
CA LEU A 476 -2.10 -4.63 25.14
C LEU A 476 -1.73 -5.93 24.44
N MET A 477 -2.52 -6.99 24.67
CA MET A 477 -2.22 -8.29 24.05
C MET A 477 -2.08 -8.20 22.52
N THR A 478 -2.92 -7.42 21.86
CA THR A 478 -2.82 -7.28 20.41
C THR A 478 -1.45 -6.72 20.07
N SER A 479 -1.09 -5.66 20.77
CA SER A 479 0.18 -5.02 20.56
C SER A 479 1.29 -6.04 20.77
N GLN A 480 1.16 -6.87 21.79
CA GLN A 480 2.20 -7.88 22.02
C GLN A 480 2.28 -8.84 20.87
N ARG A 481 1.18 -9.55 20.62
CA ARG A 481 1.13 -10.51 19.53
C ARG A 481 1.66 -9.89 18.26
N LEU A 482 1.04 -8.80 17.82
CA LEU A 482 1.50 -8.18 16.59
C LEU A 482 2.95 -7.79 16.64
N ALA A 483 3.45 -7.45 17.82
CA ALA A 483 4.84 -7.02 17.94
C ALA A 483 5.85 -8.14 17.99
N GLU A 484 5.46 -9.28 18.53
CA GLU A 484 6.38 -10.39 18.65
C GLU A 484 6.19 -11.48 17.62
N GLY A 485 4.95 -11.63 17.15
CA GLY A 485 4.66 -12.66 16.18
C GLY A 485 4.98 -12.32 14.74
N ASN A 486 4.45 -13.15 13.86
CA ASN A 486 4.63 -13.03 12.42
C ASN A 486 3.27 -13.19 11.74
N TYR A 487 2.48 -12.11 11.71
CA TYR A 487 1.16 -12.19 11.10
C TYR A 487 1.11 -11.53 9.74
N ASN A 488 0.06 -11.84 8.98
CA ASN A 488 -0.16 -11.28 7.65
C ASN A 488 -1.64 -10.97 7.45
N LEU A 489 -1.89 -10.07 6.50
CA LEU A 489 -3.24 -9.69 6.23
C LEU A 489 -3.32 -9.23 4.78
N PRO A 490 -4.07 -9.97 3.96
CA PRO A 490 -4.20 -9.62 2.57
C PRO A 490 -4.37 -8.12 2.40
N PRO A 491 -4.10 -7.62 1.20
CA PRO A 491 -4.18 -6.21 0.82
C PRO A 491 -5.27 -5.34 1.45
N ASP A 492 -6.49 -5.45 0.94
CA ASP A 492 -7.59 -4.64 1.44
C ASP A 492 -8.55 -5.43 2.30
N SER A 493 -8.07 -5.94 3.42
CA SER A 493 -8.90 -6.76 4.30
C SER A 493 -8.56 -6.52 5.74
N LEU A 494 -9.23 -7.24 6.64
CA LEU A 494 -8.94 -7.11 8.06
C LEU A 494 -9.42 -8.29 8.90
N ALA A 495 -8.73 -8.48 10.03
CA ALA A 495 -9.02 -9.55 10.97
C ALA A 495 -10.26 -9.21 11.79
N VAL A 496 -11.33 -9.92 11.48
CA VAL A 496 -12.60 -9.71 12.14
C VAL A 496 -12.77 -10.63 13.33
N TYR A 497 -13.32 -10.07 14.42
CA TYR A 497 -13.61 -10.82 15.65
C TYR A 497 -15.02 -10.51 16.12
N ARG A 498 -15.61 -11.48 16.81
CA ARG A 498 -16.97 -11.38 17.33
C ARG A 498 -16.97 -11.19 18.85
N ILE A 499 -17.25 -9.97 19.28
CA ILE A 499 -17.31 -9.64 20.69
C ILE A 499 -18.73 -9.77 21.19
N THR A 500 -18.90 -10.50 22.29
CA THR A 500 -20.23 -10.73 22.87
C THR A 500 -20.24 -10.45 24.38
N ASP A 501 -21.25 -9.73 24.85
CA ASP A 501 -21.35 -9.43 26.29
C ASP A 501 -22.10 -10.52 27.05
N SER A 502 -22.22 -10.38 28.36
CA SER A 502 -22.92 -11.38 29.16
C SER A 502 -24.43 -11.36 28.96
N SER A 503 -24.88 -10.36 28.21
CA SER A 503 -26.29 -10.20 27.87
C SER A 503 -26.57 -11.07 26.66
N SER A 504 -26.79 -10.46 25.50
CA SER A 504 -27.06 -11.23 24.31
C SER A 504 -26.75 -10.39 23.09
N GLN A 505 -25.96 -9.34 23.32
CA GLN A 505 -25.55 -8.42 22.29
C GLN A 505 -24.15 -8.78 21.77
N TRP A 506 -23.88 -8.43 20.53
CA TRP A 506 -22.58 -8.72 19.95
C TRP A 506 -22.31 -7.82 18.77
N PHE A 507 -21.05 -7.63 18.46
CA PHE A 507 -20.67 -6.80 17.33
C PHE A 507 -19.30 -7.26 16.84
N ASP A 508 -19.07 -7.11 15.55
CA ASP A 508 -17.81 -7.52 14.96
C ASP A 508 -16.80 -6.39 14.95
N ILE A 509 -15.58 -6.72 15.36
CA ILE A 509 -14.46 -5.79 15.39
C ILE A 509 -13.47 -6.27 14.36
N GLY A 510 -13.02 -5.36 13.50
CA GLY A 510 -12.08 -5.76 12.48
C GLY A 510 -10.74 -5.07 12.51
N ILE A 511 -9.74 -5.71 13.10
CA ILE A 511 -8.42 -5.09 13.13
C ILE A 511 -7.87 -4.96 11.71
N ASN A 512 -7.34 -3.79 11.36
CA ASN A 512 -6.81 -3.61 10.01
C ASN A 512 -5.29 -3.80 9.99
N HIS A 513 -4.67 -3.68 8.84
CA HIS A 513 -3.23 -3.90 8.79
C HIS A 513 -2.48 -2.94 9.68
N ASP A 514 -2.87 -1.68 9.66
CA ASP A 514 -2.22 -0.65 10.46
C ASP A 514 -2.23 -0.92 11.95
N GLY A 515 -3.24 -1.66 12.41
CA GLY A 515 -3.30 -1.98 13.82
C GLY A 515 -4.52 -1.44 14.53
N PHE A 516 -5.35 -0.71 13.80
CA PHE A 516 -6.54 -0.14 14.42
C PHE A 516 -7.73 -1.05 14.31
N SER A 517 -8.70 -0.85 15.19
CA SER A 517 -9.89 -1.67 15.20
C SER A 517 -11.09 -0.89 14.65
N TYR A 518 -11.92 -1.55 13.86
CA TYR A 518 -13.09 -0.90 13.31
C TYR A 518 -14.36 -1.59 13.76
N VAL A 519 -15.48 -0.93 13.48
CA VAL A 519 -16.77 -1.44 13.85
C VAL A 519 -17.81 -0.98 12.84
N GLY A 520 -18.87 -1.75 12.68
CA GLY A 520 -19.90 -1.38 11.72
C GLY A 520 -21.05 -0.63 12.38
N LEU A 521 -20.69 0.37 13.17
CA LEU A 521 -21.64 1.20 13.90
C LEU A 521 -21.11 2.61 14.07
N SER A 522 -22.01 3.59 14.00
CA SER A 522 -21.67 4.99 14.16
C SER A 522 -21.32 5.21 15.63
N ASP A 523 -22.09 4.58 16.50
CA ASP A 523 -21.92 4.69 17.93
C ASP A 523 -21.99 3.31 18.56
N LEU A 524 -21.56 3.19 19.81
CA LEU A 524 -21.58 1.90 20.47
C LEU A 524 -22.09 2.11 21.89
N PRO A 525 -23.07 1.30 22.32
CA PRO A 525 -23.69 1.34 23.65
C PRO A 525 -22.72 1.22 24.82
N ASN A 526 -23.17 1.59 26.02
CA ASN A 526 -22.33 1.53 27.23
C ASN A 526 -23.05 0.78 28.34
N ASP A 527 -24.31 0.47 28.06
CA ASP A 527 -25.18 -0.24 28.98
C ASP A 527 -25.17 -1.73 28.63
N LEU A 528 -23.97 -2.31 28.62
CA LEU A 528 -23.84 -3.73 28.31
C LEU A 528 -22.96 -4.43 29.31
N SER A 529 -23.49 -5.53 29.84
CA SER A 529 -22.81 -6.37 30.82
C SER A 529 -21.40 -6.56 30.30
N PHE A 530 -20.40 -6.18 31.10
CA PHE A 530 -19.04 -6.25 30.57
C PHE A 530 -18.22 -7.51 30.65
N PRO A 531 -18.75 -8.59 31.22
CA PRO A 531 -17.79 -9.70 31.16
C PRO A 531 -17.78 -10.24 29.69
N LEU A 532 -17.27 -9.46 28.75
CA LEU A 532 -17.21 -9.83 27.33
C LEU A 532 -16.40 -11.05 26.99
N THR A 533 -16.59 -11.54 25.76
CA THR A 533 -15.91 -12.71 25.24
C THR A 533 -15.81 -12.51 23.72
N SER A 534 -14.65 -12.83 23.15
CA SER A 534 -14.49 -12.65 21.70
C SER A 534 -13.95 -13.90 21.05
N THR A 535 -14.40 -14.18 19.84
CA THR A 535 -13.88 -15.33 19.12
C THR A 535 -13.51 -14.88 17.73
N PHE A 536 -12.55 -15.55 17.12
CA PHE A 536 -12.13 -15.15 15.80
C PHE A 536 -13.11 -15.60 14.73
N MET A 537 -13.52 -14.68 13.86
CA MET A 537 -14.44 -15.04 12.79
C MET A 537 -13.71 -15.37 11.51
N GLY A 538 -12.73 -14.56 11.19
CA GLY A 538 -11.98 -14.79 9.97
C GLY A 538 -11.53 -13.49 9.34
N VAL A 539 -10.99 -13.58 8.14
CA VAL A 539 -10.52 -12.40 7.43
C VAL A 539 -11.56 -12.01 6.41
N GLN A 540 -12.01 -10.77 6.48
CA GLN A 540 -13.01 -10.29 5.54
C GLN A 540 -12.54 -9.04 4.82
N LEU A 541 -13.11 -8.78 3.65
CA LEU A 541 -12.75 -7.59 2.88
C LEU A 541 -13.12 -6.39 3.69
N ALA A 542 -12.26 -5.38 3.68
CA ALA A 542 -12.51 -4.17 4.45
C ALA A 542 -13.64 -3.31 3.88
N ARG A 543 -14.10 -3.64 2.67
CA ARG A 543 -15.17 -2.88 2.04
C ARG A 543 -16.54 -3.45 2.37
N VAL A 544 -16.59 -4.32 3.35
CA VAL A 544 -17.85 -4.91 3.73
C VAL A 544 -18.12 -4.52 5.17
N LYS A 545 -19.22 -3.83 5.37
CA LYS A 545 -19.60 -3.35 6.69
C LYS A 545 -19.67 -4.51 7.68
N LEU A 546 -18.92 -4.37 8.78
CA LEU A 546 -18.89 -5.39 9.82
C LEU A 546 -20.25 -5.58 10.49
N ALA A 547 -20.65 -6.84 10.69
CA ALA A 547 -21.92 -7.13 11.31
C ALA A 547 -21.95 -6.72 12.78
N SER A 548 -23.16 -6.66 13.33
CA SER A 548 -23.39 -6.27 14.73
C SER A 548 -24.81 -6.58 15.17
N LYS A 549 -25.11 -6.26 16.42
CA LYS A 549 -26.43 -6.49 16.97
C LYS A 549 -26.41 -5.88 18.35
N VAL A 550 -26.71 -4.59 18.40
CA VAL A 550 -26.71 -3.87 19.64
C VAL A 550 -27.92 -2.98 19.75
N LYS A 551 -27.91 -2.10 20.76
CA LYS A 551 -28.98 -1.14 21.05
C LYS A 551 -30.15 -1.84 21.76
N THR B 11 -27.11 -37.64 1.49
CA THR B 11 -27.82 -38.80 0.89
C THR B 11 -29.26 -38.36 0.66
N GLU B 12 -29.90 -37.81 1.71
CA GLU B 12 -31.30 -37.36 1.66
C GLU B 12 -31.52 -35.90 1.20
N GLU B 13 -32.52 -35.71 0.32
CA GLU B 13 -32.86 -34.40 -0.21
C GLU B 13 -33.88 -33.73 0.70
N GLN B 14 -33.64 -32.47 1.06
CA GLN B 14 -34.55 -31.75 1.95
C GLN B 14 -35.91 -31.52 1.34
N GLY B 15 -36.93 -32.08 2.00
CA GLY B 15 -38.29 -31.93 1.49
C GLY B 15 -38.87 -33.25 1.02
N THR B 16 -40.20 -33.31 0.95
CA THR B 16 -40.89 -34.52 0.52
C THR B 16 -41.68 -34.31 -0.75
N VAL B 17 -41.52 -35.23 -1.68
CA VAL B 17 -42.25 -35.14 -2.93
C VAL B 17 -43.63 -35.68 -2.79
N VAL B 18 -44.59 -34.87 -3.19
CA VAL B 18 -45.97 -35.26 -3.11
C VAL B 18 -46.49 -35.47 -4.51
N GLN B 19 -47.58 -36.20 -4.62
CA GLN B 19 -48.17 -36.46 -5.93
C GLN B 19 -49.24 -35.43 -6.28
N GLN B 20 -49.09 -34.72 -7.40
CA GLN B 20 -50.10 -33.74 -7.81
C GLN B 20 -50.89 -34.43 -8.88
N GLN B 21 -52.12 -34.00 -9.14
CA GLN B 21 -52.89 -34.68 -10.15
C GLN B 21 -52.42 -34.24 -11.51
N PRO B 22 -52.61 -32.95 -11.85
CA PRO B 22 -52.11 -32.62 -13.18
C PRO B 22 -50.60 -33.05 -13.20
N ALA B 23 -50.28 -34.16 -13.86
CA ALA B 23 -48.91 -34.66 -13.91
C ALA B 23 -48.19 -34.43 -15.23
N PRO B 24 -46.87 -34.20 -15.16
CA PRO B 24 -46.02 -33.94 -16.33
C PRO B 24 -45.75 -35.22 -17.13
N ALA B 25 -46.26 -36.32 -16.55
CA ALA B 25 -46.15 -37.70 -17.05
C ALA B 25 -45.73 -37.86 -18.53
N PRO B 26 -46.36 -37.09 -19.44
CA PRO B 26 -46.02 -37.20 -20.86
C PRO B 26 -44.57 -36.80 -21.16
N THR B 27 -43.93 -37.65 -21.98
CA THR B 27 -42.55 -37.50 -22.43
C THR B 27 -42.67 -37.16 -23.89
N ALA B 28 -43.81 -37.53 -24.47
CA ALA B 28 -44.08 -37.28 -25.87
C ALA B 28 -44.13 -35.80 -26.13
N LEU B 29 -44.60 -35.04 -25.13
CA LEU B 29 -44.68 -33.60 -25.28
C LEU B 29 -43.30 -33.10 -25.61
N ALA B 30 -42.33 -33.59 -24.87
CA ALA B 30 -40.94 -33.22 -25.08
C ALA B 30 -40.55 -33.56 -26.51
N THR B 31 -40.83 -34.80 -26.90
CA THR B 31 -40.49 -35.25 -28.23
C THR B 31 -41.04 -34.28 -29.26
N LEU B 32 -42.33 -33.96 -29.16
CA LEU B 32 -42.93 -33.03 -30.11
C LEU B 32 -42.16 -31.72 -30.12
N ALA B 33 -41.87 -31.21 -28.93
CA ALA B 33 -41.13 -29.96 -28.85
C ALA B 33 -39.89 -30.11 -29.70
N THR B 34 -39.08 -31.10 -29.36
CA THR B 34 -37.85 -31.42 -30.05
C THR B 34 -37.99 -31.60 -31.54
N ALA B 35 -39.04 -32.28 -31.97
CA ALA B 35 -39.21 -32.50 -33.38
C ALA B 35 -39.43 -31.21 -34.14
N SER B 36 -40.20 -30.29 -33.58
CA SER B 36 -40.47 -29.04 -34.29
C SER B 36 -39.44 -27.95 -34.14
N THR B 37 -38.56 -28.08 -33.14
CA THR B 37 -37.55 -27.07 -32.92
C THR B 37 -36.22 -27.55 -33.45
N GLY B 38 -36.06 -28.86 -33.52
CA GLY B 38 -34.82 -29.41 -34.01
C GLY B 38 -33.70 -29.35 -33.00
N LYS B 39 -34.03 -29.54 -31.74
CA LYS B 39 -33.02 -29.51 -30.68
C LYS B 39 -32.02 -30.66 -30.82
N SER B 40 -30.74 -30.36 -30.65
CA SER B 40 -29.71 -31.40 -30.74
C SER B 40 -28.86 -31.32 -29.49
N VAL B 41 -27.94 -30.37 -29.52
CA VAL B 41 -27.03 -30.14 -28.42
C VAL B 41 -27.67 -29.20 -27.40
N GLU B 42 -27.14 -29.23 -26.19
CA GLU B 42 -27.66 -28.40 -25.13
C GLU B 42 -27.03 -27.03 -25.08
N GLN B 43 -25.77 -26.92 -25.45
CA GLN B 43 -25.08 -25.64 -25.43
C GLN B 43 -24.83 -25.21 -26.87
N GLU B 44 -25.87 -24.79 -27.58
CA GLU B 44 -25.68 -24.41 -28.98
C GLU B 44 -24.51 -23.49 -29.32
N TRP B 45 -24.20 -22.55 -28.45
CA TRP B 45 -23.10 -21.67 -28.77
C TRP B 45 -21.78 -22.40 -29.01
N MET B 46 -21.76 -23.72 -28.86
CA MET B 46 -20.52 -24.44 -29.08
C MET B 46 -20.40 -25.02 -30.45
N THR B 47 -21.46 -24.90 -31.22
CA THR B 47 -21.46 -25.43 -32.57
C THR B 47 -21.33 -24.39 -33.65
N PHE B 48 -20.85 -23.19 -33.31
CA PHE B 48 -20.71 -22.17 -34.34
C PHE B 48 -19.92 -20.93 -33.90
N PHE B 49 -19.28 -20.24 -34.83
CA PHE B 49 -18.53 -19.04 -34.46
C PHE B 49 -19.51 -17.88 -34.42
N SER B 50 -19.25 -16.93 -33.51
CA SER B 50 -20.10 -15.75 -33.34
C SER B 50 -19.28 -14.47 -33.40
N TYR B 51 -19.84 -13.42 -33.98
CA TYR B 51 -19.14 -12.15 -34.09
C TYR B 51 -18.45 -11.71 -32.81
N HIS B 52 -17.22 -11.22 -32.93
CA HIS B 52 -16.53 -10.74 -31.75
C HIS B 52 -16.10 -9.32 -31.96
N THR B 53 -15.33 -9.09 -33.01
CA THR B 53 -14.85 -7.76 -33.33
C THR B 53 -14.46 -7.74 -34.79
N SER B 54 -14.20 -6.55 -35.30
CA SER B 54 -13.82 -6.41 -36.68
C SER B 54 -12.52 -5.63 -36.76
N ILE B 55 -11.71 -5.93 -37.78
CA ILE B 55 -10.42 -5.26 -37.94
C ILE B 55 -10.27 -4.71 -39.34
N ASN B 56 -9.92 -3.43 -39.45
CA ASN B 56 -9.74 -2.80 -40.75
C ASN B 56 -8.25 -2.65 -41.06
N TRP B 57 -7.74 -3.57 -41.86
CA TRP B 57 -6.33 -3.56 -42.20
C TRP B 57 -6.05 -2.60 -43.34
N SER B 58 -5.32 -1.54 -43.01
CA SER B 58 -4.98 -0.49 -43.95
C SER B 58 -3.57 -0.58 -44.51
N THR B 59 -3.40 -0.06 -45.72
CA THR B 59 -2.09 -0.08 -46.38
C THR B 59 -1.14 0.96 -45.82
N VAL B 60 -1.56 1.62 -44.77
CA VAL B 60 -0.74 2.61 -44.13
C VAL B 60 -0.15 1.98 -42.89
N GLU B 61 -0.83 0.97 -42.37
CA GLU B 61 -0.35 0.29 -41.18
C GLU B 61 0.87 -0.52 -41.57
N SER B 62 2.01 -0.14 -41.02
CA SER B 62 3.29 -0.80 -41.33
C SER B 62 3.68 -2.03 -40.52
N GLN B 63 4.79 -2.64 -40.93
CA GLN B 63 5.26 -3.83 -40.26
C GLN B 63 5.45 -3.60 -38.78
N GLY B 64 5.11 -4.62 -38.00
CA GLY B 64 5.27 -4.53 -36.55
C GLY B 64 4.04 -4.12 -35.77
N LYS B 65 3.14 -3.41 -36.41
CA LYS B 65 1.92 -2.97 -35.74
C LYS B 65 1.05 -4.14 -35.34
N ILE B 66 0.40 -4.02 -34.19
CA ILE B 66 -0.47 -5.06 -33.75
C ILE B 66 -1.89 -4.63 -34.08
N LEU B 67 -2.60 -5.50 -34.80
CA LEU B 67 -3.95 -5.16 -35.19
C LEU B 67 -4.95 -5.82 -34.27
N TYR B 68 -4.48 -6.82 -33.55
CA TYR B 68 -5.34 -7.55 -32.63
C TYR B 68 -4.53 -8.23 -31.56
N SER B 69 -5.01 -8.10 -30.33
CA SER B 69 -4.35 -8.71 -29.19
C SER B 69 -5.38 -8.92 -28.08
N GLN B 70 -5.77 -10.17 -27.84
CA GLN B 70 -6.76 -10.43 -26.81
C GLN B 70 -6.27 -11.56 -25.96
N ALA B 71 -6.60 -11.56 -24.68
CA ALA B 71 -6.18 -12.69 -23.89
C ALA B 71 -7.37 -13.61 -23.71
N LEU B 72 -7.07 -14.91 -23.63
CA LEU B 72 -8.07 -15.93 -23.47
C LEU B 72 -8.94 -15.62 -22.28
N ASN B 73 -10.24 -15.48 -22.51
CA ASN B 73 -11.16 -15.19 -21.42
C ASN B 73 -12.59 -15.30 -21.90
N PRO B 74 -13.50 -15.77 -21.03
CA PRO B 74 -14.91 -15.89 -21.42
C PRO B 74 -15.38 -14.66 -22.20
N SER B 75 -14.93 -13.48 -21.79
CA SER B 75 -15.33 -12.25 -22.46
C SER B 75 -15.17 -12.24 -23.98
N ILE B 76 -14.18 -12.93 -24.55
CA ILE B 76 -14.08 -12.88 -26.00
C ILE B 76 -15.23 -13.58 -26.74
N ASN B 77 -16.23 -14.08 -26.01
CA ASN B 77 -17.35 -14.70 -26.69
C ASN B 77 -18.66 -14.24 -26.09
N PRO B 78 -19.61 -13.80 -26.94
CA PRO B 78 -20.92 -13.32 -26.52
C PRO B 78 -21.66 -14.24 -25.53
N TYR B 79 -21.83 -15.49 -25.92
CA TYR B 79 -22.53 -16.43 -25.06
C TYR B 79 -21.70 -16.72 -23.83
N LEU B 80 -20.47 -17.18 -24.04
CA LEU B 80 -19.59 -17.47 -22.92
C LEU B 80 -19.67 -16.40 -21.86
N ASP B 81 -19.62 -15.15 -22.29
CA ASP B 81 -19.64 -14.05 -21.36
C ASP B 81 -20.92 -13.94 -20.56
N HIS B 82 -22.03 -14.01 -21.27
CA HIS B 82 -23.30 -13.88 -20.61
C HIS B 82 -23.52 -15.01 -19.63
N ILE B 83 -22.92 -16.17 -19.88
CA ILE B 83 -23.10 -17.25 -18.95
C ILE B 83 -22.18 -17.11 -17.75
N ALA B 84 -20.95 -16.67 -18.02
CA ALA B 84 -19.94 -16.51 -16.96
C ALA B 84 -20.47 -15.75 -15.76
N LYS B 85 -21.46 -14.89 -15.99
CA LYS B 85 -22.01 -14.12 -14.89
C LYS B 85 -22.60 -15.07 -13.85
N LEU B 86 -22.95 -16.28 -14.26
CA LEU B 86 -23.51 -17.26 -13.33
C LEU B 86 -22.48 -18.07 -12.60
N TYR B 87 -21.28 -18.13 -13.13
CA TYR B 87 -20.26 -18.92 -12.48
C TYR B 87 -19.16 -18.13 -11.83
N SER B 88 -18.32 -18.87 -11.12
CA SER B 88 -17.23 -18.30 -10.38
C SER B 88 -15.89 -18.90 -10.80
N THR B 89 -15.92 -19.82 -11.75
CA THR B 89 -14.73 -20.51 -12.22
C THR B 89 -14.78 -20.92 -13.70
N TRP B 90 -13.67 -20.77 -14.41
CA TRP B 90 -13.65 -21.20 -15.80
C TRP B 90 -12.30 -21.72 -16.16
N SER B 91 -12.27 -22.64 -17.12
CA SER B 91 -11.03 -23.23 -17.60
C SER B 91 -11.22 -23.63 -19.05
N GLY B 92 -10.14 -23.74 -19.80
CA GLY B 92 -10.26 -24.16 -21.18
C GLY B 92 -9.98 -23.09 -22.22
N GLY B 93 -9.78 -23.51 -23.46
CA GLY B 93 -9.47 -22.57 -24.51
C GLY B 93 -10.65 -22.10 -25.32
N ILE B 94 -10.39 -21.26 -26.31
CA ILE B 94 -11.44 -20.76 -27.16
C ILE B 94 -10.86 -20.53 -28.51
N ASP B 95 -11.59 -20.97 -29.53
CA ASP B 95 -11.16 -20.81 -30.91
C ASP B 95 -11.49 -19.42 -31.42
N VAL B 96 -10.54 -18.80 -32.10
CA VAL B 96 -10.75 -17.48 -32.66
C VAL B 96 -10.59 -17.65 -34.17
N ARG B 97 -11.65 -17.39 -34.91
CA ARG B 97 -11.60 -17.56 -36.36
C ARG B 97 -11.55 -16.20 -37.07
N PHE B 98 -10.52 -16.00 -37.90
CA PHE B 98 -10.34 -14.77 -38.65
C PHE B 98 -10.71 -14.99 -40.09
N THR B 99 -11.62 -14.16 -40.59
CA THR B 99 -12.08 -14.24 -41.98
C THR B 99 -11.65 -12.98 -42.73
N VAL B 100 -10.51 -13.05 -43.40
CA VAL B 100 -9.99 -11.93 -44.14
C VAL B 100 -10.72 -11.79 -45.46
N SER B 101 -11.10 -10.58 -45.81
CA SER B 101 -11.77 -10.40 -47.08
C SER B 101 -11.26 -9.16 -47.80
N GLY B 102 -10.26 -9.35 -48.65
CA GLY B 102 -9.71 -8.25 -49.41
C GLY B 102 -9.86 -8.64 -50.88
N SER B 103 -9.11 -8.00 -51.78
CA SER B 103 -9.18 -8.37 -53.20
C SER B 103 -8.08 -9.33 -53.55
N GLY B 104 -8.36 -10.23 -54.50
CA GLY B 104 -7.36 -11.19 -54.91
C GLY B 104 -6.14 -10.56 -55.55
N VAL B 105 -6.22 -9.27 -55.82
CA VAL B 105 -5.12 -8.57 -56.46
C VAL B 105 -4.11 -7.96 -55.45
N PHE B 106 -4.54 -7.84 -54.19
CA PHE B 106 -3.72 -7.29 -53.11
C PHE B 106 -2.52 -8.19 -52.80
N GLY B 107 -1.74 -7.77 -51.80
CA GLY B 107 -0.56 -8.49 -51.33
C GLY B 107 -0.33 -8.16 -49.87
N GLY B 108 0.26 -9.08 -49.10
CA GLY B 108 0.50 -8.80 -47.70
C GLY B 108 0.29 -9.99 -46.78
N LYS B 109 1.05 -10.05 -45.70
CA LYS B 109 0.93 -11.15 -44.77
C LYS B 109 0.65 -10.61 -43.38
N LEU B 110 0.05 -11.46 -42.57
CA LEU B 110 -0.30 -11.10 -41.22
C LEU B 110 0.21 -12.23 -40.34
N ALA B 111 0.94 -11.91 -39.28
CA ALA B 111 1.45 -12.95 -38.40
C ALA B 111 0.65 -13.15 -37.11
N ALA B 112 0.43 -14.41 -36.77
CA ALA B 112 -0.29 -14.74 -35.55
C ALA B 112 0.68 -15.40 -34.57
N LEU B 113 0.54 -15.13 -33.29
CA LEU B 113 1.39 -15.77 -32.30
C LEU B 113 0.69 -15.81 -30.96
N LEU B 114 1.08 -16.79 -30.15
CA LEU B 114 0.50 -16.97 -28.84
C LEU B 114 1.50 -16.54 -27.80
N VAL B 115 1.10 -15.59 -26.98
CA VAL B 115 2.01 -15.12 -25.96
C VAL B 115 1.63 -15.74 -24.64
N PRO B 116 2.54 -16.51 -24.06
CA PRO B 116 2.27 -17.15 -22.78
C PRO B 116 1.92 -16.17 -21.71
N PRO B 117 1.27 -16.68 -20.66
CA PRO B 117 0.88 -15.82 -19.54
C PRO B 117 2.12 -15.30 -18.84
N GLY B 118 1.99 -14.12 -18.27
CA GLY B 118 3.08 -13.48 -17.53
C GLY B 118 3.98 -12.66 -18.41
N VAL B 119 3.58 -12.48 -19.65
CA VAL B 119 4.37 -11.75 -20.60
C VAL B 119 3.52 -10.74 -21.35
N GLU B 120 3.97 -9.49 -21.40
CA GLU B 120 3.19 -8.48 -22.09
C GLU B 120 3.78 -8.26 -23.47
N PRO B 121 2.96 -8.37 -24.51
CA PRO B 121 3.49 -8.16 -25.86
C PRO B 121 3.68 -6.66 -26.15
N ILE B 122 4.58 -6.35 -27.08
CA ILE B 122 4.83 -4.96 -27.47
C ILE B 122 4.80 -4.83 -28.99
N GLU B 123 4.47 -3.65 -29.51
CA GLU B 123 4.41 -3.49 -30.95
C GLU B 123 5.80 -3.40 -31.58
N SER B 124 6.46 -4.55 -31.68
CA SER B 124 7.82 -4.63 -32.24
C SER B 124 8.02 -5.90 -33.05
N VAL B 125 8.87 -5.84 -34.06
CA VAL B 125 9.09 -7.05 -34.83
C VAL B 125 9.89 -8.05 -34.01
N SER B 126 10.28 -7.66 -32.81
CA SER B 126 11.04 -8.57 -31.98
C SER B 126 10.11 -9.75 -31.67
N MET B 127 8.83 -9.41 -31.49
CA MET B 127 7.84 -10.40 -31.17
C MET B 127 7.79 -11.53 -32.18
N LEU B 128 8.42 -11.31 -33.33
CA LEU B 128 8.45 -12.30 -34.40
C LEU B 128 9.69 -13.20 -34.35
N GLN B 129 10.50 -13.01 -33.31
CA GLN B 129 11.70 -13.81 -33.10
C GLN B 129 11.23 -14.82 -32.06
N TYR B 130 10.07 -15.37 -32.38
CA TYR B 130 9.35 -16.30 -31.55
C TYR B 130 8.53 -17.04 -32.58
N PRO B 131 8.12 -18.27 -32.27
CA PRO B 131 7.33 -19.06 -33.22
C PRO B 131 6.02 -18.38 -33.68
N HIS B 132 5.83 -18.26 -35.00
CA HIS B 132 4.62 -17.61 -35.54
C HIS B 132 4.18 -18.11 -36.93
N VAL B 133 2.87 -18.16 -37.13
CA VAL B 133 2.30 -18.57 -38.40
C VAL B 133 1.72 -17.33 -39.09
N LEU B 134 1.52 -17.39 -40.39
CA LEU B 134 1.01 -16.20 -41.04
C LEU B 134 0.04 -16.43 -42.16
N PHE B 135 -1.04 -15.66 -42.17
CA PHE B 135 -2.00 -15.78 -43.23
C PHE B 135 -1.92 -14.58 -44.15
N ASP B 136 -2.25 -14.80 -45.42
CA ASP B 136 -2.16 -13.77 -46.46
C ASP B 136 -3.43 -12.96 -46.66
N ALA B 137 -3.23 -11.75 -47.18
CA ALA B 137 -4.29 -10.82 -47.46
C ALA B 137 -5.28 -11.43 -48.41
N ARG B 138 -4.83 -12.27 -49.32
CA ARG B 138 -5.81 -12.84 -50.22
C ARG B 138 -6.25 -14.22 -49.75
N GLN B 139 -6.84 -14.26 -48.56
CA GLN B 139 -7.33 -15.53 -47.98
C GLN B 139 -8.56 -16.02 -48.73
N THR B 140 -8.73 -17.34 -48.75
CA THR B 140 -9.86 -17.96 -49.42
C THR B 140 -10.78 -18.51 -48.36
N GLU B 141 -10.25 -19.43 -47.55
CA GLU B 141 -11.01 -20.02 -46.47
C GLU B 141 -10.48 -19.49 -45.15
N PRO B 142 -11.37 -19.18 -44.20
CA PRO B 142 -11.08 -18.67 -42.86
C PRO B 142 -9.99 -19.42 -42.13
N VAL B 143 -9.23 -18.72 -41.31
CA VAL B 143 -8.18 -19.34 -40.52
C VAL B 143 -8.68 -19.39 -39.09
N ILE B 144 -8.54 -20.54 -38.46
CA ILE B 144 -8.99 -20.64 -37.08
C ILE B 144 -7.78 -20.84 -36.19
N PHE B 145 -7.63 -19.96 -35.21
CA PHE B 145 -6.52 -20.10 -34.29
C PHE B 145 -7.16 -20.50 -33.00
N THR B 146 -6.65 -21.55 -32.40
CA THR B 146 -7.23 -21.93 -31.13
C THR B 146 -6.26 -21.54 -30.05
N ILE B 147 -6.75 -20.73 -29.10
CA ILE B 147 -5.93 -20.24 -27.99
C ILE B 147 -5.93 -21.25 -26.84
N PRO B 148 -4.77 -21.88 -26.55
CA PRO B 148 -4.59 -22.85 -25.49
C PRO B 148 -4.75 -22.14 -24.18
N ASP B 149 -5.08 -22.90 -23.14
CA ASP B 149 -5.23 -22.34 -21.81
C ASP B 149 -4.04 -22.77 -20.97
N ILE B 150 -2.96 -22.03 -21.07
CA ILE B 150 -1.78 -22.35 -20.29
C ILE B 150 -1.97 -21.80 -18.88
N ARG B 151 -1.96 -22.64 -17.86
CA ARG B 151 -2.14 -22.12 -16.50
C ARG B 151 -1.33 -22.93 -15.49
N LYS B 152 -1.09 -22.39 -14.30
CA LYS B 152 -0.34 -23.14 -13.28
C LYS B 152 -1.26 -23.47 -12.12
N THR B 153 -2.55 -23.39 -12.39
CA THR B 153 -3.59 -23.68 -11.40
C THR B 153 -4.67 -24.56 -12.00
N LEU B 154 -5.25 -25.41 -11.17
CA LEU B 154 -6.28 -26.29 -11.66
C LEU B 154 -7.34 -25.54 -12.43
N PHE B 155 -7.63 -24.30 -12.06
CA PHE B 155 -8.62 -23.57 -12.82
C PHE B 155 -8.50 -22.08 -12.59
N HIS B 156 -9.35 -21.33 -13.28
CA HIS B 156 -9.35 -19.88 -13.20
C HIS B 156 -10.47 -19.30 -12.38
N SER B 157 -10.13 -18.19 -11.73
CA SER B 157 -11.07 -17.47 -10.88
C SER B 157 -11.64 -16.31 -11.69
N MET B 158 -12.95 -16.12 -11.69
CA MET B 158 -13.52 -15.06 -12.49
C MET B 158 -12.76 -13.73 -12.53
N ASP B 159 -11.88 -13.49 -11.58
CA ASP B 159 -11.11 -12.25 -11.54
C ASP B 159 -9.83 -12.32 -12.36
N GLU B 160 -9.34 -13.53 -12.59
CA GLU B 160 -8.11 -13.79 -13.33
C GLU B 160 -8.17 -13.24 -14.75
N THR B 161 -7.07 -12.62 -15.18
CA THR B 161 -6.92 -12.03 -16.51
C THR B 161 -5.63 -12.48 -17.23
N ASP B 162 -4.58 -12.75 -16.45
CA ASP B 162 -3.27 -13.20 -16.98
C ASP B 162 -3.35 -14.57 -17.63
N THR B 163 -3.76 -14.61 -18.88
CA THR B 163 -3.90 -15.87 -19.56
C THR B 163 -3.16 -15.77 -20.87
N THR B 164 -3.22 -16.83 -21.66
CA THR B 164 -2.55 -16.85 -22.96
C THR B 164 -3.11 -15.72 -23.79
N LYS B 165 -2.25 -15.06 -24.55
CA LYS B 165 -2.72 -13.95 -25.34
C LYS B 165 -2.46 -14.18 -26.82
N LEU B 166 -3.49 -13.97 -27.64
CA LEU B 166 -3.39 -14.13 -29.09
C LEU B 166 -3.03 -12.79 -29.68
N VAL B 167 -1.98 -12.74 -30.50
CA VAL B 167 -1.57 -11.49 -31.12
C VAL B 167 -1.51 -11.60 -32.64
N ILE B 168 -1.98 -10.56 -33.32
CA ILE B 168 -1.96 -10.52 -34.77
C ILE B 168 -1.16 -9.29 -35.13
N MET B 169 0.00 -9.52 -35.71
CA MET B 169 0.89 -8.44 -36.10
C MET B 169 0.99 -8.34 -37.61
N VAL B 170 1.29 -7.15 -38.09
CA VAL B 170 1.43 -6.93 -39.50
C VAL B 170 2.79 -7.48 -39.88
N TYR B 171 2.81 -8.53 -40.69
CA TYR B 171 4.09 -9.12 -41.10
C TYR B 171 4.61 -8.34 -42.29
N ASN B 172 3.87 -8.40 -43.38
CA ASN B 172 4.23 -7.70 -44.59
C ASN B 172 3.13 -6.73 -44.88
N GLU B 173 3.50 -5.46 -45.07
CA GLU B 173 2.54 -4.40 -45.34
C GLU B 173 1.57 -4.69 -46.47
N LEU B 174 0.29 -4.41 -46.23
CA LEU B 174 -0.72 -4.66 -47.25
C LEU B 174 -0.38 -3.80 -48.45
N ILE B 175 -0.64 -4.31 -49.64
CA ILE B 175 -0.31 -3.54 -50.81
C ILE B 175 -1.32 -3.71 -51.92
N ASN B 176 -1.67 -2.60 -52.54
CA ASN B 176 -2.63 -2.61 -53.63
C ASN B 176 -2.02 -2.00 -54.89
N PRO B 177 -1.88 -2.79 -55.96
CA PRO B 177 -1.28 -2.24 -57.17
C PRO B 177 -2.10 -1.14 -57.84
N TYR B 178 -3.36 -1.45 -58.13
CA TYR B 178 -4.27 -0.52 -58.79
C TYR B 178 -4.40 0.79 -58.02
N GLU B 179 -3.81 0.84 -56.82
CA GLU B 179 -3.88 2.05 -56.01
C GLU B 179 -2.98 3.13 -56.59
N ASN B 180 -3.46 4.36 -56.50
CA ASN B 180 -2.75 5.54 -57.00
C ASN B 180 -1.46 5.74 -56.22
N GLY B 181 -0.52 6.49 -56.79
CA GLY B 181 0.73 6.78 -56.11
C GLY B 181 0.53 7.95 -55.16
N VAL B 182 -0.52 8.74 -55.42
CA VAL B 182 -0.90 9.92 -54.63
C VAL B 182 -1.22 9.49 -53.18
N GLU B 183 -1.04 10.41 -52.23
CA GLU B 183 -1.30 10.11 -50.83
C GLU B 183 -2.76 9.64 -50.61
N ASN B 184 -2.94 8.32 -50.66
CA ASN B 184 -4.25 7.70 -50.48
C ASN B 184 -4.07 6.36 -49.75
N LYS B 185 -5.15 5.59 -49.65
CA LYS B 185 -5.10 4.30 -48.98
C LYS B 185 -6.35 3.44 -49.13
N THR B 186 -6.10 2.13 -49.28
CA THR B 186 -7.14 1.14 -49.42
C THR B 186 -7.18 0.32 -48.16
N THR B 187 -8.29 -0.37 -47.97
CA THR B 187 -8.45 -1.15 -46.77
C THR B 187 -8.98 -2.52 -47.05
N CYS B 188 -8.53 -3.43 -46.21
CA CYS B 188 -8.92 -4.81 -46.33
C CYS B 188 -9.58 -5.25 -45.04
N SER B 189 -10.89 -5.43 -45.06
CA SER B 189 -11.60 -5.83 -43.85
C SER B 189 -11.39 -7.29 -43.41
N ILE B 190 -11.39 -7.51 -42.10
CA ILE B 190 -11.22 -8.82 -41.44
C ILE B 190 -12.17 -8.93 -40.25
N THR B 191 -12.98 -9.98 -40.22
CA THR B 191 -13.93 -10.14 -39.13
C THR B 191 -13.46 -11.23 -38.15
N VAL B 192 -13.46 -10.92 -36.85
CA VAL B 192 -13.02 -11.89 -35.86
C VAL B 192 -14.17 -12.48 -35.05
N GLU B 193 -14.29 -13.80 -35.09
CA GLU B 193 -15.35 -14.51 -34.38
C GLU B 193 -14.79 -15.54 -33.38
N THR B 194 -15.64 -16.06 -32.50
CA THR B 194 -15.18 -17.04 -31.53
C THR B 194 -16.13 -18.20 -31.29
N ARG B 195 -15.55 -19.30 -30.83
CA ARG B 195 -16.27 -20.53 -30.50
C ARG B 195 -15.52 -21.19 -29.37
N PRO B 196 -16.20 -21.41 -28.25
CA PRO B 196 -15.49 -22.05 -27.14
C PRO B 196 -15.01 -23.44 -27.53
N SER B 197 -13.75 -23.74 -27.23
CA SER B 197 -13.22 -25.04 -27.58
C SER B 197 -13.93 -26.12 -26.79
N ALA B 198 -13.72 -27.37 -27.19
CA ALA B 198 -14.40 -28.48 -26.51
C ALA B 198 -14.03 -28.61 -25.06
N ASP B 199 -12.78 -28.31 -24.75
CA ASP B 199 -12.28 -28.43 -23.40
C ASP B 199 -12.65 -27.25 -22.51
N PHE B 200 -13.45 -26.32 -23.02
CA PHE B 200 -13.85 -25.15 -22.25
C PHE B 200 -15.00 -25.49 -21.32
N THR B 201 -15.00 -24.94 -20.10
CA THR B 201 -16.07 -25.22 -19.16
C THR B 201 -16.13 -24.29 -17.98
N PHE B 202 -17.36 -24.03 -17.54
CA PHE B 202 -17.59 -23.20 -16.39
C PHE B 202 -17.70 -24.13 -15.21
N ALA B 203 -17.15 -23.69 -14.07
CA ALA B 203 -17.08 -24.53 -12.88
C ALA B 203 -18.12 -24.50 -11.81
N LEU B 204 -17.90 -23.70 -10.79
CA LEU B 204 -18.87 -23.69 -9.72
C LEU B 204 -19.75 -22.50 -9.92
N LEU B 205 -21.00 -22.62 -9.49
CA LEU B 205 -21.92 -21.50 -9.63
C LEU B 205 -21.55 -20.49 -8.57
N LYS B 206 -21.86 -19.23 -8.84
CA LYS B 206 -21.60 -18.12 -7.94
C LYS B 206 -22.92 -17.59 -7.35
N PRO B 207 -23.02 -17.50 -6.00
CA PRO B 207 -24.21 -17.01 -5.31
C PRO B 207 -24.56 -15.64 -5.86
N PRO B 208 -25.64 -15.55 -6.64
CA PRO B 208 -26.04 -14.25 -7.20
C PRO B 208 -26.03 -13.09 -6.22
N GLY B 209 -25.37 -12.02 -6.63
CA GLY B 209 -25.27 -10.84 -5.79
C GLY B 209 -23.93 -10.76 -5.09
N SER B 210 -23.26 -11.90 -5.00
CA SER B 210 -21.96 -11.97 -4.35
C SER B 210 -20.88 -11.27 -5.19
N LEU B 211 -19.78 -10.96 -4.52
CA LEU B 211 -18.65 -10.27 -5.14
C LEU B 211 -17.51 -11.16 -5.49
N ILE B 212 -16.55 -10.62 -6.21
CA ILE B 212 -15.38 -11.39 -6.55
C ILE B 212 -14.26 -10.89 -5.66
N LYS B 213 -13.95 -11.69 -4.64
CA LYS B 213 -12.95 -11.33 -3.67
C LYS B 213 -11.90 -10.43 -4.25
N HIS B 214 -11.17 -10.91 -5.24
CA HIS B 214 -10.13 -10.10 -5.84
C HIS B 214 -10.60 -8.99 -6.77
N GLY B 215 -11.86 -8.99 -7.15
CA GLY B 215 -12.32 -7.90 -8.00
C GLY B 215 -12.59 -8.16 -9.46
N SER B 216 -13.80 -7.77 -9.86
CA SER B 216 -14.30 -7.93 -11.22
C SER B 216 -13.46 -7.17 -12.22
N ILE B 217 -13.34 -7.72 -13.42
CA ILE B 217 -12.56 -7.07 -14.45
C ILE B 217 -13.25 -5.80 -14.91
N PRO B 218 -12.50 -4.71 -15.04
CA PRO B 218 -13.01 -3.41 -15.47
C PRO B 218 -13.33 -3.35 -16.96
N SER B 219 -14.40 -4.01 -17.38
CA SER B 219 -14.72 -4.01 -18.79
C SER B 219 -15.96 -3.20 -19.11
N ASP B 220 -16.32 -2.27 -18.26
CA ASP B 220 -17.52 -1.50 -18.53
C ASP B 220 -17.45 -0.11 -17.94
N LEU B 221 -16.23 0.41 -17.86
CA LEU B 221 -16.02 1.73 -17.29
C LEU B 221 -16.27 2.84 -18.29
N ILE B 222 -16.37 2.50 -19.56
CA ILE B 222 -16.63 3.53 -20.53
C ILE B 222 -17.75 3.00 -21.37
N PRO B 223 -18.84 3.77 -21.46
CA PRO B 223 -20.04 3.42 -22.22
C PRO B 223 -19.67 3.10 -23.64
N ARG B 224 -20.48 2.26 -24.26
CA ARG B 224 -20.22 1.86 -25.62
C ARG B 224 -20.42 3.03 -26.62
N ASN B 225 -21.41 3.89 -26.37
CA ASN B 225 -21.68 5.05 -27.24
C ASN B 225 -21.31 6.38 -26.60
N SER B 226 -20.58 7.21 -27.32
CA SER B 226 -20.16 8.50 -26.81
C SER B 226 -21.37 9.36 -26.54
N ALA B 227 -22.54 8.88 -26.94
CA ALA B 227 -23.74 9.65 -26.71
C ALA B 227 -24.12 9.58 -25.24
N HIS B 228 -23.60 8.62 -24.50
CA HIS B 228 -23.90 8.48 -23.07
C HIS B 228 -22.70 8.86 -22.22
N TRP B 229 -21.85 9.73 -22.77
CA TRP B 229 -20.64 10.17 -22.07
C TRP B 229 -20.81 11.54 -21.40
N MET B 230 -21.33 11.58 -20.18
CA MET B 230 -21.46 12.84 -19.47
C MET B 230 -20.16 13.05 -18.71
N GLY B 231 -19.87 14.29 -18.32
CA GLY B 231 -18.64 14.56 -17.59
C GLY B 231 -18.79 14.43 -16.09
N ASN B 232 -17.69 14.23 -15.37
CA ASN B 232 -17.80 14.11 -13.91
C ASN B 232 -17.64 15.47 -13.26
N ARG B 233 -17.50 16.50 -14.11
CA ARG B 233 -17.38 17.87 -13.62
C ARG B 233 -18.62 18.62 -14.09
N TRP B 234 -18.92 18.55 -15.38
CA TRP B 234 -20.11 19.20 -15.87
C TRP B 234 -21.01 18.16 -16.56
N TRP B 235 -22.30 18.26 -16.28
CA TRP B 235 -23.29 17.35 -16.82
C TRP B 235 -23.43 17.30 -18.32
N SER B 236 -22.87 18.27 -19.02
CA SER B 236 -22.99 18.26 -20.48
C SER B 236 -22.23 17.07 -21.03
N THR B 237 -22.73 16.51 -22.12
CA THR B 237 -22.09 15.35 -22.75
C THR B 237 -20.77 15.69 -23.42
N ILE B 238 -19.79 14.79 -23.31
CA ILE B 238 -18.49 15.02 -23.90
C ILE B 238 -18.51 15.31 -25.39
N SER B 239 -17.67 16.27 -25.77
CA SER B 239 -17.58 16.74 -27.13
C SER B 239 -16.17 16.68 -27.73
N GLY B 240 -15.18 16.46 -26.87
CA GLY B 240 -13.80 16.38 -27.32
C GLY B 240 -12.85 15.90 -26.24
N PHE B 241 -11.58 15.75 -26.58
CA PHE B 241 -10.60 15.33 -25.59
C PHE B 241 -9.47 16.34 -25.61
N SER B 242 -8.61 16.27 -24.60
CA SER B 242 -7.44 17.15 -24.51
C SER B 242 -6.25 16.48 -23.81
N VAL B 243 -5.19 16.25 -24.56
CA VAL B 243 -3.99 15.61 -24.01
C VAL B 243 -3.17 16.64 -23.24
N GLN B 244 -2.89 16.33 -21.98
CA GLN B 244 -2.11 17.23 -21.14
C GLN B 244 -0.98 16.46 -20.48
N PRO B 245 0.15 17.13 -20.25
CA PRO B 245 1.27 16.44 -19.61
C PRO B 245 0.97 16.12 -18.16
N ARG B 246 -0.14 16.65 -17.65
CA ARG B 246 -0.56 16.41 -16.27
C ARG B 246 -2.05 16.64 -16.17
N VAL B 247 -2.76 15.70 -15.57
CA VAL B 247 -4.19 15.81 -15.41
C VAL B 247 -4.46 15.75 -13.92
N PHE B 248 -5.58 16.34 -13.48
CA PHE B 248 -5.90 16.37 -12.05
C PHE B 248 -7.35 16.73 -11.76
N GLN B 249 -7.83 16.31 -10.60
CA GLN B 249 -9.19 16.61 -10.21
C GLN B 249 -9.43 15.89 -8.92
N SER B 250 -10.43 16.32 -8.17
CA SER B 250 -10.70 15.67 -6.92
C SER B 250 -12.14 15.36 -6.72
N ASN B 251 -12.97 16.34 -7.03
CA ASN B 251 -14.38 16.19 -6.83
C ASN B 251 -15.08 15.27 -7.82
N ARG B 252 -15.89 14.36 -7.28
CA ARG B 252 -16.63 13.42 -8.10
C ARG B 252 -15.69 12.56 -8.93
N HIS B 253 -14.47 12.41 -8.43
CA HIS B 253 -13.51 11.58 -9.12
C HIS B 253 -13.20 10.44 -8.18
N PHE B 254 -13.54 9.22 -8.62
CA PHE B 254 -13.32 7.99 -7.86
C PHE B 254 -12.19 7.15 -8.43
N ASP B 255 -11.58 6.32 -7.59
CA ASP B 255 -10.52 5.44 -8.04
C ASP B 255 -10.99 4.01 -7.93
N PHE B 256 -10.15 3.06 -8.33
CA PHE B 256 -10.56 1.68 -8.26
C PHE B 256 -10.83 1.17 -6.86
N ASP B 257 -10.36 1.88 -5.84
CA ASP B 257 -10.65 1.43 -4.48
C ASP B 257 -12.02 1.95 -4.10
N SER B 258 -12.61 2.77 -4.96
CA SER B 258 -13.91 3.38 -4.73
C SER B 258 -13.80 4.56 -3.77
N THR B 259 -12.57 4.96 -3.49
CA THR B 259 -12.27 6.08 -2.61
C THR B 259 -12.52 7.37 -3.40
N THR B 260 -12.65 8.50 -2.70
CA THR B 260 -12.87 9.82 -3.32
C THR B 260 -12.35 10.92 -2.41
N THR B 261 -11.57 11.82 -2.97
CA THR B 261 -11.03 12.93 -2.20
C THR B 261 -11.96 14.12 -2.30
N GLY B 262 -13.10 13.89 -2.94
CA GLY B 262 -14.07 14.96 -3.12
C GLY B 262 -15.13 15.02 -2.05
N TRP B 263 -16.19 15.71 -2.38
CA TRP B 263 -17.30 15.92 -1.47
C TRP B 263 -18.63 15.70 -2.16
N SER B 264 -18.60 15.15 -3.35
CA SER B 264 -19.83 14.91 -4.08
C SER B 264 -19.94 13.47 -4.56
N THR B 265 -21.16 13.02 -4.80
CA THR B 265 -21.41 11.67 -5.28
C THR B 265 -21.30 11.70 -6.81
N PRO B 266 -21.27 10.52 -7.44
CA PRO B 266 -21.17 10.38 -8.89
C PRO B 266 -22.46 10.69 -9.65
N TYR B 267 -23.24 11.61 -9.11
CA TYR B 267 -24.49 11.99 -9.74
C TYR B 267 -24.66 13.51 -9.68
N TYR B 268 -25.66 14.03 -10.37
CA TYR B 268 -25.95 15.46 -10.36
C TYR B 268 -27.30 15.67 -9.70
N VAL B 269 -27.28 16.32 -8.55
CA VAL B 269 -28.51 16.57 -7.81
C VAL B 269 -28.58 18.03 -7.36
N PRO B 270 -29.80 18.49 -6.98
CA PRO B 270 -29.95 19.87 -6.53
C PRO B 270 -29.16 20.12 -5.26
N ILE B 271 -28.72 21.36 -5.13
CA ILE B 271 -27.94 21.77 -3.98
C ILE B 271 -28.78 22.53 -2.98
N GLU B 272 -29.19 21.85 -1.92
CA GLU B 272 -29.98 22.47 -0.87
C GLU B 272 -28.97 23.23 -0.02
N ILE B 273 -29.18 24.53 0.07
CA ILE B 273 -28.29 25.41 0.82
C ILE B 273 -29.08 26.22 1.84
N LYS B 274 -28.35 26.89 2.75
CA LYS B 274 -28.97 27.74 3.79
C LYS B 274 -28.10 28.98 4.00
N ILE B 275 -28.64 30.14 3.62
CA ILE B 275 -27.93 31.40 3.75
C ILE B 275 -28.38 32.24 4.92
N GLN B 276 -27.60 33.27 5.24
CA GLN B 276 -27.93 34.15 6.34
C GLN B 276 -27.43 35.56 6.06
N GLY B 277 -28.36 36.52 6.12
CA GLY B 277 -28.01 37.92 5.87
C GLY B 277 -27.99 38.70 7.17
N LYS B 278 -27.21 39.77 7.20
CA LYS B 278 -27.12 40.60 8.40
C LYS B 278 -27.31 42.08 8.07
N VAL B 279 -27.87 42.81 9.04
CA VAL B 279 -28.14 44.23 8.88
C VAL B 279 -26.87 45.01 8.54
N GLY B 280 -27.00 45.96 7.63
CA GLY B 280 -25.87 46.79 7.24
C GLY B 280 -24.77 46.02 6.53
N SER B 281 -24.98 45.77 5.24
CA SER B 281 -24.01 45.05 4.41
C SER B 281 -24.07 45.59 2.96
N ASN B 282 -23.18 46.54 2.66
CA ASN B 282 -23.09 47.18 1.33
C ASN B 282 -22.63 46.21 0.23
N ASN B 283 -22.38 44.96 0.63
CA ASN B 283 -21.94 43.88 -0.25
C ASN B 283 -23.09 42.97 -0.68
N LYS B 284 -22.78 41.96 -1.49
CA LYS B 284 -23.78 41.02 -1.97
C LYS B 284 -23.34 39.57 -1.85
N TRP B 285 -22.15 39.36 -1.30
CA TRP B 285 -21.63 38.01 -1.11
C TRP B 285 -22.13 37.50 0.24
N PHE B 286 -22.58 36.25 0.27
CA PHE B 286 -23.08 35.67 1.50
C PHE B 286 -22.36 34.42 1.94
N HIS B 287 -22.65 34.00 3.17
CA HIS B 287 -22.05 32.81 3.75
C HIS B 287 -23.08 31.69 3.78
N VAL B 288 -22.59 30.45 3.71
CA VAL B 288 -23.50 29.30 3.76
C VAL B 288 -23.39 28.70 5.15
N ILE B 289 -24.47 28.76 5.91
CA ILE B 289 -24.43 28.22 7.27
C ILE B 289 -24.80 26.75 7.41
N ASP B 290 -25.55 26.21 6.46
CA ASP B 290 -25.91 24.80 6.56
C ASP B 290 -26.40 24.23 5.24
N THR B 291 -26.52 22.91 5.18
CA THR B 291 -26.98 22.21 3.97
C THR B 291 -27.56 20.85 4.33
N ASP B 292 -28.63 20.47 3.65
CA ASP B 292 -29.29 19.18 3.90
C ASP B 292 -28.47 17.98 3.42
N LYS B 293 -28.81 17.49 2.23
CA LYS B 293 -28.11 16.35 1.66
C LYS B 293 -26.62 16.69 1.44
N ALA B 294 -25.74 15.90 2.08
CA ALA B 294 -24.30 16.08 1.97
C ALA B 294 -23.50 14.81 2.25
N LEU B 295 -22.43 14.63 1.47
CA LEU B 295 -21.55 13.48 1.57
C LEU B 295 -20.54 13.71 2.68
N VAL B 296 -19.73 14.74 2.49
CA VAL B 296 -18.75 15.10 3.49
C VAL B 296 -19.52 16.01 4.42
N PRO B 297 -19.54 15.69 5.71
CA PRO B 297 -20.27 16.51 6.67
C PRO B 297 -19.98 18.02 6.54
N GLY B 298 -21.03 18.79 6.29
CA GLY B 298 -20.87 20.23 6.19
C GLY B 298 -20.77 20.83 4.80
N ILE B 299 -20.21 20.09 3.86
CA ILE B 299 -20.09 20.60 2.50
C ILE B 299 -21.21 20.04 1.64
N PRO B 300 -21.94 20.92 0.97
CA PRO B 300 -23.05 20.46 0.13
C PRO B 300 -22.60 19.58 -1.03
N ASP B 301 -23.29 18.46 -1.20
CA ASP B 301 -23.00 17.49 -2.25
C ASP B 301 -23.21 18.08 -3.64
N GLY B 302 -22.11 18.28 -4.36
CA GLY B 302 -22.21 18.82 -5.69
C GLY B 302 -21.71 20.24 -5.81
N TRP B 303 -21.20 20.77 -4.71
CA TRP B 303 -20.69 22.11 -4.70
C TRP B 303 -19.55 22.24 -5.69
N PRO B 304 -19.68 23.15 -6.66
CA PRO B 304 -18.67 23.39 -7.69
C PRO B 304 -17.22 23.20 -7.26
N ASP B 305 -16.42 22.70 -8.20
CA ASP B 305 -15.02 22.35 -8.04
C ASP B 305 -14.01 23.45 -8.39
N THR B 306 -14.52 24.59 -8.85
CA THR B 306 -13.68 25.72 -9.24
C THR B 306 -13.88 26.89 -8.28
N THR B 307 -12.88 27.77 -8.23
CA THR B 307 -12.94 28.95 -7.37
C THR B 307 -12.68 30.20 -8.23
N ILE B 308 -12.80 31.35 -7.60
CA ILE B 308 -12.57 32.63 -8.27
C ILE B 308 -11.11 32.79 -8.62
N PRO B 309 -10.84 33.50 -9.72
CA PRO B 309 -9.48 33.73 -10.19
C PRO B 309 -8.57 34.52 -9.24
N ASP B 310 -8.90 35.81 -9.04
CA ASP B 310 -8.12 36.70 -8.18
C ASP B 310 -8.97 37.38 -7.11
N GLU B 311 -8.32 38.18 -6.27
CA GLU B 311 -9.01 38.90 -5.20
C GLU B 311 -9.78 40.09 -5.77
N THR B 312 -10.78 40.55 -5.04
CA THR B 312 -11.58 41.69 -5.45
C THR B 312 -12.51 42.11 -4.32
N LYS B 313 -12.80 43.41 -4.26
CA LYS B 313 -13.68 43.96 -3.23
C LYS B 313 -15.09 43.39 -3.38
N ALA B 314 -15.72 43.05 -2.25
CA ALA B 314 -17.08 42.50 -2.24
C ALA B 314 -18.13 43.57 -2.54
N THR B 315 -18.07 44.13 -3.75
CA THR B 315 -19.00 45.17 -4.18
C THR B 315 -20.04 44.68 -5.15
N ASN B 316 -21.27 45.18 -5.01
CA ASN B 316 -22.35 44.80 -5.91
C ASN B 316 -21.94 45.16 -7.34
N GLY B 317 -22.39 44.36 -8.32
CA GLY B 317 -22.05 44.62 -9.71
C GLY B 317 -22.77 43.69 -10.65
N ASN B 318 -22.59 43.93 -11.94
CA ASN B 318 -23.21 43.10 -12.96
C ASN B 318 -22.14 42.72 -13.96
N PHE B 319 -22.49 41.89 -14.94
CA PHE B 319 -21.53 41.48 -15.95
C PHE B 319 -20.97 42.72 -16.64
N SER B 320 -19.79 42.58 -17.23
CA SER B 320 -19.16 43.69 -17.95
C SER B 320 -17.86 43.25 -18.60
N TYR B 321 -17.88 43.11 -19.91
CA TYR B 321 -16.67 42.70 -20.61
C TYR B 321 -16.32 43.70 -21.71
N GLY B 322 -15.05 44.08 -21.78
CA GLY B 322 -14.59 45.01 -22.79
C GLY B 322 -14.83 44.48 -24.20
N GLU B 323 -14.47 45.26 -25.22
CA GLU B 323 -14.67 44.85 -26.61
C GLU B 323 -13.66 43.80 -27.07
N SER B 324 -12.89 43.29 -26.11
CA SER B 324 -11.88 42.27 -26.38
C SER B 324 -12.54 40.90 -26.34
N TYR B 325 -13.86 40.87 -26.15
CA TYR B 325 -14.60 39.61 -26.09
C TYR B 325 -15.60 39.47 -27.24
N ARG B 326 -15.63 40.46 -28.13
CA ARG B 326 -16.51 40.45 -29.28
C ARG B 326 -16.06 39.38 -30.28
N ALA B 327 -16.93 38.42 -30.56
CA ALA B 327 -16.62 37.33 -31.47
C ALA B 327 -15.96 37.85 -32.75
N GLY B 328 -14.76 37.35 -33.04
CA GLY B 328 -14.04 37.78 -34.22
C GLY B 328 -12.57 38.08 -33.94
N SER B 329 -12.27 38.43 -32.69
CA SER B 329 -10.89 38.73 -32.30
C SER B 329 -10.21 37.48 -31.73
N THR B 330 -9.09 37.07 -32.34
CA THR B 330 -8.35 35.88 -31.92
C THR B 330 -7.49 36.19 -30.69
N THR B 331 -7.82 37.26 -29.98
CA THR B 331 -7.09 37.67 -28.78
C THR B 331 -8.09 38.17 -27.74
N ILE B 332 -7.82 37.86 -26.47
CA ILE B 332 -8.69 38.27 -25.36
C ILE B 332 -7.87 38.76 -24.17
N LYS B 333 -7.93 40.05 -23.90
CA LYS B 333 -7.20 40.65 -22.79
C LYS B 333 -8.03 40.50 -21.50
N PRO B 334 -7.54 39.69 -20.55
CA PRO B 334 -8.21 39.43 -19.26
C PRO B 334 -8.40 40.64 -18.36
N ASN B 335 -8.05 41.81 -18.88
CA ASN B 335 -8.17 43.07 -18.13
C ASN B 335 -9.52 43.74 -18.39
N GLU B 336 -10.08 43.52 -19.59
CA GLU B 336 -11.36 44.09 -19.99
C GLU B 336 -12.47 43.51 -19.10
N ASN B 337 -12.26 42.28 -18.65
CA ASN B 337 -13.22 41.57 -17.81
C ASN B 337 -13.32 42.22 -16.44
N SER B 338 -14.21 43.18 -16.31
CA SER B 338 -14.40 43.89 -15.05
C SER B 338 -15.36 43.16 -14.12
N THR B 339 -16.00 42.10 -14.60
CA THR B 339 -16.95 41.32 -13.80
C THR B 339 -16.33 40.92 -12.48
N HIS B 340 -17.02 41.20 -11.39
CA HIS B 340 -16.46 40.86 -10.10
C HIS B 340 -16.68 39.41 -9.73
N PHE B 341 -17.85 38.87 -10.05
CA PHE B 341 -18.14 37.49 -9.73
C PHE B 341 -17.66 36.54 -10.83
N LYS B 342 -16.39 36.69 -11.19
CA LYS B 342 -15.77 35.86 -12.20
C LYS B 342 -15.65 34.46 -11.62
N GLY B 343 -15.42 33.48 -12.50
CA GLY B 343 -15.25 32.10 -12.07
C GLY B 343 -16.32 31.61 -11.12
N THR B 344 -17.55 32.02 -11.41
CA THR B 344 -18.68 31.64 -10.58
C THR B 344 -19.60 30.74 -11.35
N TYR B 345 -20.33 29.90 -10.63
CA TYR B 345 -21.26 29.01 -11.27
C TYR B 345 -22.68 29.53 -11.19
N ILE B 346 -23.28 29.75 -12.34
CA ILE B 346 -24.65 30.24 -12.42
C ILE B 346 -25.58 29.12 -11.96
N CYS B 347 -26.47 29.39 -11.01
CA CYS B 347 -27.41 28.38 -10.50
C CYS B 347 -28.84 28.87 -10.31
N GLY B 348 -29.79 28.34 -11.09
CA GLY B 348 -31.18 28.75 -10.92
C GLY B 348 -31.56 28.53 -9.47
N THR B 349 -32.50 29.32 -8.95
CA THR B 349 -32.81 29.13 -7.54
C THR B 349 -34.27 29.24 -7.16
N LEU B 350 -34.57 28.75 -5.97
CA LEU B 350 -35.91 28.82 -5.43
C LEU B 350 -35.68 29.05 -3.95
N SER B 351 -35.63 30.32 -3.58
CA SER B 351 -35.40 30.73 -2.20
C SER B 351 -36.67 31.02 -1.42
N THR B 352 -36.55 30.87 -0.11
CA THR B 352 -37.64 31.13 0.84
C THR B 352 -37.04 31.73 2.11
N VAL B 353 -37.85 32.51 2.82
CA VAL B 353 -37.39 33.13 4.03
C VAL B 353 -38.13 32.63 5.28
N GLU B 354 -37.40 32.52 6.38
CA GLU B 354 -37.99 32.07 7.63
C GLU B 354 -38.44 33.28 8.45
N ILE B 355 -39.73 33.61 8.34
CA ILE B 355 -40.28 34.73 9.09
C ILE B 355 -40.21 34.38 10.57
N PRO B 356 -39.40 35.12 11.33
CA PRO B 356 -39.26 34.86 12.77
C PRO B 356 -40.61 34.91 13.50
N GLU B 357 -40.64 34.41 14.74
CA GLU B 357 -41.87 34.38 15.54
C GLU B 357 -42.59 35.74 15.51
N ASN B 358 -43.83 35.76 15.99
CA ASN B 358 -44.63 36.99 16.01
C ASN B 358 -44.02 38.07 16.92
N ASP B 359 -43.17 38.90 16.31
CA ASP B 359 -42.50 40.00 17.01
C ASP B 359 -42.37 41.23 16.09
N GLU B 360 -41.80 41.02 14.91
CA GLU B 360 -41.64 42.09 13.93
C GLU B 360 -41.50 41.50 12.53
N GLN B 361 -42.63 41.43 11.84
CA GLN B 361 -42.67 40.89 10.48
C GLN B 361 -42.21 41.93 9.44
N GLN B 362 -41.07 42.57 9.68
CA GLN B 362 -40.52 43.58 8.76
C GLN B 362 -39.78 42.83 7.66
N ILE B 363 -39.69 41.52 7.84
CA ILE B 363 -39.01 40.64 6.92
C ILE B 363 -39.99 40.05 5.92
N LYS B 364 -41.24 39.92 6.34
CA LYS B 364 -42.29 39.36 5.50
C LYS B 364 -42.27 40.08 4.15
N THR B 365 -41.56 41.19 4.09
CA THR B 365 -41.46 41.94 2.85
C THR B 365 -40.38 41.35 1.97
N GLU B 366 -39.30 40.90 2.61
CA GLU B 366 -38.18 40.29 1.90
C GLU B 366 -38.48 38.83 1.64
N ALA B 367 -39.53 38.33 2.29
CA ALA B 367 -39.93 36.94 2.15
C ALA B 367 -40.84 36.74 0.95
N GLU B 368 -41.64 37.77 0.65
CA GLU B 368 -42.56 37.70 -0.46
C GLU B 368 -41.88 38.05 -1.77
N LYS B 369 -40.63 38.51 -1.71
CA LYS B 369 -39.92 38.88 -2.93
C LYS B 369 -39.69 37.67 -3.84
N LYS B 370 -39.68 37.90 -5.15
CA LYS B 370 -39.45 36.83 -6.09
C LYS B 370 -38.01 36.34 -5.96
N SER B 371 -37.80 35.06 -6.30
CA SER B 371 -36.49 34.42 -6.20
C SER B 371 -35.50 34.84 -7.28
N GLN B 372 -34.24 34.94 -6.87
CA GLN B 372 -33.13 35.35 -7.72
C GLN B 372 -32.16 34.20 -7.98
N THR B 373 -31.45 34.23 -9.10
CA THR B 373 -30.51 33.14 -9.36
C THR B 373 -29.16 33.51 -8.74
N MET B 374 -28.72 32.69 -7.81
CA MET B 374 -27.47 32.88 -7.10
C MET B 374 -26.26 32.41 -7.91
N TYR B 375 -25.14 33.10 -7.72
CA TYR B 375 -23.88 32.81 -8.39
C TYR B 375 -22.95 32.22 -7.33
N VAL B 376 -22.74 30.91 -7.38
CA VAL B 376 -21.92 30.24 -6.40
C VAL B 376 -20.43 30.09 -6.70
N VAL B 377 -19.64 30.08 -5.63
CA VAL B 377 -18.19 29.90 -5.70
C VAL B 377 -17.65 29.47 -4.33
N THR B 378 -16.34 29.27 -4.25
CA THR B 378 -15.71 28.83 -3.01
C THR B 378 -14.51 29.69 -2.69
N ALA B 379 -14.51 30.34 -1.53
CA ALA B 379 -13.40 31.19 -1.12
C ALA B 379 -13.49 31.63 0.34
N ASP B 380 -12.51 32.41 0.78
CA ASP B 380 -12.44 32.96 2.14
C ASP B 380 -13.20 34.29 2.12
N PHE B 381 -14.04 34.51 3.12
CA PHE B 381 -14.84 35.74 3.17
C PHE B 381 -14.60 36.74 4.28
N LYS B 382 -13.73 37.69 4.00
CA LYS B 382 -13.43 38.77 4.94
C LYS B 382 -14.40 39.84 4.44
N ASP B 383 -15.46 40.10 5.20
CA ASP B 383 -16.49 41.05 4.82
C ASP B 383 -16.13 42.15 3.79
N THR B 384 -14.88 42.59 3.77
CA THR B 384 -14.46 43.63 2.82
C THR B 384 -13.96 43.08 1.48
N ILE B 385 -13.17 42.02 1.53
CA ILE B 385 -12.59 41.41 0.33
C ILE B 385 -12.73 39.88 0.29
N VAL B 386 -12.93 39.32 -0.90
CA VAL B 386 -13.06 37.88 -1.10
C VAL B 386 -11.77 37.33 -1.70
N LYS B 387 -11.16 36.40 -0.97
CA LYS B 387 -9.91 35.79 -1.41
C LYS B 387 -10.16 34.37 -1.91
N PRO B 388 -9.56 34.02 -3.07
CA PRO B 388 -9.67 32.71 -3.72
C PRO B 388 -9.08 31.60 -2.85
N GLN B 389 -9.88 30.60 -2.50
CA GLN B 389 -9.40 29.49 -1.69
C GLN B 389 -9.65 28.17 -2.41
N HIS B 390 -8.58 27.41 -2.62
CA HIS B 390 -8.69 26.13 -3.31
C HIS B 390 -8.80 24.95 -2.36
N LYS B 391 -8.96 25.24 -1.07
CA LYS B 391 -9.11 24.21 -0.05
C LYS B 391 -10.46 24.39 0.61
N ILE B 392 -11.46 23.69 0.08
CA ILE B 392 -12.83 23.77 0.56
C ILE B 392 -13.03 23.37 2.02
N SER B 393 -14.07 23.95 2.62
CA SER B 393 -14.43 23.75 4.02
C SER B 393 -15.83 24.35 4.22
N PRO B 394 -16.64 23.81 5.15
CA PRO B 394 -17.98 24.36 5.35
C PRO B 394 -18.00 25.89 5.55
N GLN B 395 -16.82 26.45 5.86
CA GLN B 395 -16.70 27.88 6.09
C GLN B 395 -16.40 28.67 4.82
N LYS B 396 -15.72 28.05 3.86
CA LYS B 396 -15.37 28.74 2.62
C LYS B 396 -16.45 28.69 1.53
N LEU B 397 -17.67 28.36 1.93
CA LEU B 397 -18.80 28.30 1.00
C LEU B 397 -19.37 29.70 0.84
N VAL B 398 -19.36 30.21 -0.37
CA VAL B 398 -19.84 31.56 -0.66
C VAL B 398 -20.81 31.68 -1.84
N VAL B 399 -21.93 32.36 -1.61
CA VAL B 399 -22.97 32.60 -2.62
C VAL B 399 -23.07 34.11 -2.88
N TYR B 400 -23.36 34.48 -4.12
CA TYR B 400 -23.43 35.90 -4.49
C TYR B 400 -24.65 36.28 -5.34
N PHE B 401 -25.43 37.27 -4.89
CA PHE B 401 -26.61 37.71 -5.64
C PHE B 401 -27.21 38.93 -4.98
N ASP B 402 -28.41 39.33 -5.41
CA ASP B 402 -29.09 40.48 -4.82
C ASP B 402 -29.75 40.09 -3.51
N GLY B 403 -28.94 39.58 -2.59
CA GLY B 403 -29.42 39.14 -1.30
C GLY B 403 -29.88 40.25 -0.38
N PRO B 404 -30.83 39.95 0.51
CA PRO B 404 -31.38 40.91 1.47
C PRO B 404 -30.32 41.55 2.34
N GLU B 405 -30.54 42.82 2.67
CA GLU B 405 -29.62 43.60 3.48
C GLU B 405 -30.15 43.74 4.91
N LYS B 406 -31.01 42.80 5.30
CA LYS B 406 -31.61 42.77 6.63
C LYS B 406 -31.28 41.47 7.36
N ASP B 407 -31.10 41.54 8.68
CA ASP B 407 -30.79 40.35 9.50
C ASP B 407 -31.80 39.27 9.13
N LEU B 408 -31.31 38.15 8.60
CA LEU B 408 -32.20 37.09 8.16
C LEU B 408 -31.55 35.71 8.02
N THR B 409 -32.40 34.71 7.74
CA THR B 409 -31.96 33.32 7.55
C THR B 409 -32.79 32.73 6.40
N MET B 410 -32.20 32.69 5.20
CA MET B 410 -32.89 32.17 4.02
C MET B 410 -32.35 30.85 3.50
N SER B 411 -33.27 29.95 3.15
CA SER B 411 -32.97 28.63 2.61
C SER B 411 -33.23 28.65 1.11
N ALA B 412 -32.37 27.97 0.34
CA ALA B 412 -32.52 27.94 -1.12
C ALA B 412 -32.13 26.61 -1.71
N THR B 413 -32.71 26.31 -2.88
CA THR B 413 -32.44 25.08 -3.59
C THR B 413 -32.00 25.48 -4.99
N LEU B 414 -30.72 25.30 -5.30
CA LEU B 414 -30.25 25.68 -6.63
C LEU B 414 -29.74 24.53 -7.48
N SER B 415 -29.66 24.77 -8.79
CA SER B 415 -29.17 23.77 -9.73
C SER B 415 -28.27 24.45 -10.76
N PRO B 416 -26.95 24.17 -10.72
CA PRO B 416 -26.00 24.77 -11.67
C PRO B 416 -26.40 24.64 -13.13
N LEU B 417 -26.34 25.76 -13.85
CA LEU B 417 -26.72 25.78 -15.25
C LEU B 417 -25.67 26.39 -16.14
N GLY B 418 -24.80 27.19 -15.56
CA GLY B 418 -23.78 27.82 -16.38
C GLY B 418 -22.57 28.28 -15.60
N TYR B 419 -21.77 29.10 -16.25
CA TYR B 419 -20.55 29.60 -15.65
C TYR B 419 -20.17 31.03 -16.07
N THR B 420 -19.78 31.82 -15.08
CA THR B 420 -19.36 33.21 -15.28
C THR B 420 -18.00 33.22 -15.99
N LEU B 421 -17.99 33.42 -17.30
CA LEU B 421 -16.76 33.41 -18.08
C LEU B 421 -15.63 34.25 -17.50
N VAL B 422 -14.41 33.76 -17.61
CA VAL B 422 -13.26 34.50 -17.10
C VAL B 422 -12.26 34.79 -18.21
N ASP B 423 -12.06 33.82 -19.09
CA ASP B 423 -11.16 33.97 -20.21
C ASP B 423 -11.28 32.76 -21.14
N GLU B 424 -10.44 32.72 -22.18
CA GLU B 424 -10.45 31.64 -23.15
C GLU B 424 -10.06 30.26 -22.61
N GLN B 425 -9.22 30.24 -21.58
CA GLN B 425 -8.78 28.97 -20.99
C GLN B 425 -10.00 28.19 -20.48
N PRO B 426 -10.02 26.87 -20.72
CA PRO B 426 -11.11 25.99 -20.30
C PRO B 426 -11.27 25.93 -18.79
N VAL B 427 -12.42 25.48 -18.33
CA VAL B 427 -12.68 25.41 -16.91
C VAL B 427 -11.82 24.36 -16.21
N GLY B 428 -11.30 24.71 -15.03
CA GLY B 428 -10.48 23.79 -14.26
C GLY B 428 -9.25 23.22 -14.91
N SER B 429 -8.62 24.01 -15.77
CA SER B 429 -7.42 23.59 -16.45
C SER B 429 -6.14 24.00 -15.71
N VAL B 430 -6.30 24.43 -14.46
CA VAL B 430 -5.19 24.86 -13.60
C VAL B 430 -5.34 24.39 -12.15
N SER B 431 -4.32 23.68 -11.64
CA SER B 431 -4.25 23.13 -10.26
C SER B 431 -4.78 24.16 -9.29
N SER B 432 -4.01 25.23 -9.16
CA SER B 432 -4.32 26.34 -8.29
C SER B 432 -5.79 26.70 -8.16
N ARG B 433 -6.53 26.68 -9.26
CA ARG B 433 -7.95 27.04 -9.19
C ARG B 433 -8.86 25.83 -8.99
N VAL B 434 -8.28 24.67 -8.73
CA VAL B 434 -9.09 23.47 -8.51
C VAL B 434 -9.30 23.20 -7.04
N VAL B 435 -10.55 23.30 -6.61
CA VAL B 435 -10.90 23.07 -5.23
C VAL B 435 -10.64 21.64 -4.78
N ARG B 436 -10.23 21.49 -3.54
CA ARG B 436 -9.97 20.16 -2.99
C ARG B 436 -10.11 20.20 -1.50
N ILE B 437 -10.07 19.03 -0.86
CA ILE B 437 -10.12 19.02 0.59
C ILE B 437 -8.72 18.72 1.08
N ALA B 438 -8.42 17.44 1.24
CA ALA B 438 -7.09 17.03 1.72
C ALA B 438 -6.07 17.17 0.61
N THR B 439 -6.04 16.16 -0.26
CA THR B 439 -5.12 16.13 -1.39
C THR B 439 -5.84 16.29 -2.70
N LEU B 440 -5.06 16.44 -3.76
CA LEU B 440 -5.59 16.58 -5.12
C LEU B 440 -4.99 15.52 -6.03
N PRO B 441 -5.82 14.54 -6.43
CA PRO B 441 -5.41 13.43 -7.30
C PRO B 441 -4.82 13.96 -8.60
N GLU B 442 -3.80 13.29 -9.08
CA GLU B 442 -3.20 13.75 -10.31
C GLU B 442 -2.56 12.61 -11.07
N ALA B 443 -2.29 12.86 -12.34
CA ALA B 443 -1.70 11.87 -13.22
C ALA B 443 -0.75 12.55 -14.19
N PHE B 444 0.49 12.07 -14.23
CA PHE B 444 1.50 12.64 -15.14
C PHE B 444 1.81 11.68 -16.26
N THR B 445 2.32 12.23 -17.36
CA THR B 445 2.71 11.44 -18.52
C THR B 445 3.70 10.40 -18.06
N GLN B 446 3.53 9.18 -18.52
CA GLN B 446 4.48 8.16 -18.15
C GLN B 446 4.81 7.26 -19.35
N GLY B 447 6.05 7.35 -19.81
CA GLY B 447 6.50 6.53 -20.91
C GLY B 447 5.70 6.47 -22.19
N GLY B 448 5.55 7.61 -22.85
CA GLY B 448 4.83 7.67 -24.10
C GLY B 448 3.33 7.65 -23.97
N ASN B 449 2.84 7.53 -22.74
CA ASN B 449 1.41 7.53 -22.53
C ASN B 449 1.03 8.82 -21.84
N TYR B 450 0.31 9.68 -22.53
CA TYR B 450 -0.08 10.95 -21.95
C TYR B 450 -1.49 10.89 -21.40
N PRO B 451 -1.75 11.56 -20.28
CA PRO B 451 -3.07 11.58 -19.66
C PRO B 451 -4.00 12.54 -20.39
N ILE B 452 -5.31 12.33 -20.28
CA ILE B 452 -6.23 13.21 -20.96
C ILE B 452 -7.31 13.79 -20.07
N PHE B 453 -8.05 14.74 -20.64
CA PHE B 453 -9.15 15.41 -19.97
C PHE B 453 -10.33 15.27 -20.94
N TYR B 454 -11.49 14.86 -20.44
CA TYR B 454 -12.66 14.76 -21.32
C TYR B 454 -13.30 16.14 -21.34
N VAL B 455 -13.47 16.68 -22.53
CA VAL B 455 -14.03 18.01 -22.67
C VAL B 455 -15.51 18.07 -23.03
N ASN B 456 -16.19 19.05 -22.48
CA ASN B 456 -17.60 19.23 -22.78
C ASN B 456 -17.90 20.71 -22.65
N LYS B 457 -18.97 21.16 -23.30
CA LYS B 457 -19.35 22.55 -23.28
C LYS B 457 -20.22 22.94 -22.08
N ILE B 458 -20.00 24.14 -21.53
CA ILE B 458 -20.76 24.65 -20.38
C ILE B 458 -21.27 26.07 -20.66
N LYS B 459 -22.55 26.33 -20.39
CA LYS B 459 -23.13 27.66 -20.60
C LYS B 459 -22.33 28.74 -19.91
N VAL B 460 -22.21 29.91 -20.54
CA VAL B 460 -21.44 31.02 -20.00
C VAL B 460 -22.18 32.21 -19.41
N GLY B 461 -21.40 33.28 -19.18
CA GLY B 461 -21.92 34.50 -18.60
C GLY B 461 -22.99 35.28 -19.36
N TYR B 462 -22.77 36.57 -19.50
CA TYR B 462 -23.72 37.45 -20.16
C TYR B 462 -23.73 37.35 -21.68
N PHE B 463 -22.78 36.62 -22.24
CA PHE B 463 -22.72 36.48 -23.69
C PHE B 463 -23.95 35.81 -24.24
N ASP B 464 -24.06 35.72 -25.56
CA ASP B 464 -25.25 35.12 -26.11
C ASP B 464 -25.42 33.67 -25.71
N ARG B 465 -25.90 32.85 -26.64
CA ARG B 465 -26.08 31.43 -26.34
C ARG B 465 -24.70 30.79 -26.30
N ALA B 466 -23.67 31.61 -26.10
CA ALA B 466 -22.30 31.13 -26.07
C ALA B 466 -21.98 30.14 -24.96
N THR B 467 -20.85 29.47 -25.13
CA THR B 467 -20.39 28.46 -24.20
C THR B 467 -18.88 28.34 -24.24
N THR B 468 -18.29 27.90 -23.12
CA THR B 468 -16.84 27.71 -23.01
C THR B 468 -16.52 26.22 -22.76
N ASN B 469 -15.26 25.83 -22.92
CA ASN B 469 -14.85 24.45 -22.73
C ASN B 469 -14.63 24.10 -21.26
N CYS B 470 -15.03 22.89 -20.89
CA CYS B 470 -14.84 22.45 -19.51
C CYS B 470 -14.19 21.07 -19.44
N TYR B 471 -13.08 20.99 -18.71
CA TYR B 471 -12.38 19.71 -18.53
C TYR B 471 -13.05 18.81 -17.53
N ASN B 472 -12.84 17.51 -17.69
CA ASN B 472 -13.41 16.49 -16.79
C ASN B 472 -12.39 15.36 -16.70
N SER B 473 -12.10 14.87 -15.50
CA SER B 473 -11.12 13.80 -15.36
C SER B 473 -11.70 12.43 -15.73
N GLN B 474 -13.00 12.27 -15.51
CA GLN B 474 -13.65 11.00 -15.80
C GLN B 474 -14.97 11.19 -16.50
N ILE B 475 -15.47 10.13 -17.11
CA ILE B 475 -16.75 10.22 -17.75
C ILE B 475 -17.69 9.91 -16.62
N LEU B 476 -18.77 10.67 -16.47
CA LEU B 476 -19.67 10.43 -15.34
C LEU B 476 -19.83 8.95 -14.99
N MET B 477 -20.05 8.11 -16.00
CA MET B 477 -20.22 6.68 -15.77
C MET B 477 -19.03 6.00 -15.12
N THR B 478 -17.84 6.32 -15.57
CA THR B 478 -16.67 5.68 -14.98
C THR B 478 -16.72 5.93 -13.49
N SER B 479 -17.09 7.15 -13.15
CA SER B 479 -17.18 7.58 -11.77
C SER B 479 -18.25 6.77 -11.06
N GLN B 480 -19.35 6.53 -11.75
CA GLN B 480 -20.41 5.74 -11.15
C GLN B 480 -19.96 4.32 -10.98
N ARG B 481 -19.66 3.65 -12.09
CA ARG B 481 -19.22 2.27 -12.02
C ARG B 481 -18.16 2.14 -10.95
N LEU B 482 -17.03 2.80 -11.13
CA LEU B 482 -15.97 2.71 -10.15
C LEU B 482 -16.41 2.99 -8.71
N ALA B 483 -17.45 3.78 -8.55
CA ALA B 483 -17.89 4.13 -7.22
C ALA B 483 -18.64 3.00 -6.54
N GLU B 484 -19.69 2.55 -7.21
CA GLU B 484 -20.57 1.50 -6.70
C GLU B 484 -20.11 0.07 -7.01
N GLY B 485 -19.05 -0.06 -7.79
CA GLY B 485 -18.57 -1.38 -8.14
C GLY B 485 -17.38 -1.89 -7.34
N ASN B 486 -16.99 -3.12 -7.63
CA ASN B 486 -15.88 -3.79 -6.96
C ASN B 486 -14.91 -4.14 -8.08
N TYR B 487 -14.29 -3.15 -8.69
CA TYR B 487 -13.37 -3.47 -9.76
C TYR B 487 -11.97 -3.63 -9.22
N ASN B 488 -11.05 -4.03 -10.09
CA ASN B 488 -9.66 -4.20 -9.71
C ASN B 488 -8.71 -4.42 -10.87
N LEU B 489 -7.46 -3.97 -10.70
CA LEU B 489 -6.44 -4.19 -11.70
C LEU B 489 -5.09 -3.81 -11.12
N PRO B 490 -4.04 -4.56 -11.48
CA PRO B 490 -2.70 -4.26 -10.94
C PRO B 490 -2.34 -2.76 -11.07
N PRO B 491 -1.83 -2.12 -9.99
CA PRO B 491 -1.45 -0.68 -10.00
C PRO B 491 -0.36 -0.32 -11.01
N ASP B 492 0.06 -1.33 -11.77
CA ASP B 492 1.07 -1.18 -12.80
C ASP B 492 0.43 -1.47 -14.15
N SER B 493 -0.91 -1.47 -14.18
CA SER B 493 -1.65 -1.76 -15.41
C SER B 493 -2.72 -0.70 -15.75
N LEU B 494 -3.43 -0.91 -16.86
CA LEU B 494 -4.48 0.00 -17.31
C LEU B 494 -5.67 -0.74 -17.87
N ALA B 495 -6.86 -0.21 -17.63
CA ALA B 495 -8.04 -0.83 -18.18
C ALA B 495 -8.19 -0.18 -19.54
N VAL B 496 -7.76 -0.90 -20.56
CA VAL B 496 -7.78 -0.37 -21.92
C VAL B 496 -9.06 -0.53 -22.70
N TYR B 497 -9.47 0.56 -23.36
CA TYR B 497 -10.66 0.55 -24.18
C TYR B 497 -10.28 1.18 -25.52
N ARG B 498 -10.92 0.74 -26.59
CA ARG B 498 -10.62 1.29 -27.88
C ARG B 498 -11.72 2.18 -28.44
N ILE B 499 -11.37 3.44 -28.69
CA ILE B 499 -12.32 4.40 -29.22
C ILE B 499 -12.25 4.53 -30.72
N THR B 500 -13.41 4.41 -31.35
CA THR B 500 -13.49 4.51 -32.80
C THR B 500 -14.45 5.61 -33.19
N ASP B 501 -13.97 6.55 -34.01
CA ASP B 501 -14.83 7.64 -34.45
C ASP B 501 -15.65 7.18 -35.66
N SER B 502 -16.55 8.03 -36.13
CA SER B 502 -17.40 7.69 -37.27
C SER B 502 -16.65 7.75 -38.59
N SER B 503 -15.40 7.30 -38.53
CA SER B 503 -14.53 7.25 -39.68
C SER B 503 -13.58 6.06 -39.50
N SER B 504 -12.45 6.08 -40.18
CA SER B 504 -11.54 4.96 -40.03
C SER B 504 -10.53 5.24 -38.90
N GLN B 505 -10.74 6.32 -38.14
CA GLN B 505 -9.83 6.64 -37.05
C GLN B 505 -10.19 6.03 -35.70
N TRP B 506 -9.17 5.68 -34.93
CA TRP B 506 -9.37 5.09 -33.61
C TRP B 506 -8.12 5.25 -32.76
N PHE B 507 -8.27 5.06 -31.47
CA PHE B 507 -7.13 5.18 -30.58
C PHE B 507 -7.54 4.57 -29.26
N ASP B 508 -6.60 3.93 -28.57
CA ASP B 508 -6.88 3.28 -27.29
C ASP B 508 -6.74 4.20 -26.09
N ILE B 509 -7.59 3.97 -25.10
CA ILE B 509 -7.60 4.74 -23.88
C ILE B 509 -7.36 3.80 -22.71
N GLY B 510 -6.35 4.08 -21.89
CA GLY B 510 -6.08 3.21 -20.76
C GLY B 510 -6.46 3.88 -19.46
N ILE B 511 -7.13 3.17 -18.57
CA ILE B 511 -7.48 3.82 -17.32
C ILE B 511 -6.59 3.38 -16.19
N ASN B 512 -6.05 4.37 -15.51
CA ASN B 512 -5.15 4.20 -14.37
C ASN B 512 -5.87 3.65 -13.17
N HIS B 513 -5.13 3.11 -12.22
CA HIS B 513 -5.79 2.61 -11.03
C HIS B 513 -6.35 3.78 -10.25
N ASP B 514 -5.71 4.94 -10.38
CA ASP B 514 -6.16 6.11 -9.67
C ASP B 514 -7.42 6.68 -10.29
N GLY B 515 -7.70 6.28 -11.54
CA GLY B 515 -8.92 6.73 -12.19
C GLY B 515 -8.73 7.64 -13.38
N PHE B 516 -7.49 7.98 -13.70
CA PHE B 516 -7.27 8.85 -14.84
C PHE B 516 -7.10 8.08 -16.13
N SER B 517 -7.37 8.75 -17.25
CA SER B 517 -7.24 8.07 -18.53
C SER B 517 -6.00 8.55 -19.27
N TYR B 518 -5.40 7.66 -20.04
CA TYR B 518 -4.21 7.98 -20.83
C TYR B 518 -4.43 7.65 -22.28
N VAL B 519 -3.51 8.11 -23.10
CA VAL B 519 -3.59 7.86 -24.51
C VAL B 519 -2.18 7.68 -25.03
N GLY B 520 -2.02 6.86 -26.05
CA GLY B 520 -0.69 6.63 -26.57
C GLY B 520 -0.18 7.68 -27.54
N LEU B 521 -0.73 8.88 -27.44
CA LEU B 521 -0.34 10.01 -28.29
C LEU B 521 -0.09 11.23 -27.42
N SER B 522 0.70 12.17 -27.93
CA SER B 522 1.03 13.39 -27.20
C SER B 522 0.01 14.47 -27.52
N ASP B 523 -0.92 14.14 -28.41
CA ASP B 523 -1.96 15.08 -28.84
C ASP B 523 -2.96 14.39 -29.77
N LEU B 524 -4.24 14.43 -29.41
CA LEU B 524 -5.31 13.84 -30.20
C LEU B 524 -5.85 14.84 -31.21
N PRO B 525 -6.33 14.36 -32.37
CA PRO B 525 -6.89 15.17 -33.45
C PRO B 525 -8.15 15.94 -33.06
N ASN B 526 -8.59 16.84 -33.94
CA ASN B 526 -9.79 17.64 -33.69
C ASN B 526 -10.88 17.17 -34.62
N ASP B 527 -10.46 16.81 -35.84
CA ASP B 527 -11.33 16.34 -36.89
C ASP B 527 -12.03 15.01 -36.58
N LEU B 528 -12.04 14.65 -35.32
CA LEU B 528 -12.70 13.42 -34.90
C LEU B 528 -14.21 13.48 -35.14
N SER B 529 -14.70 12.65 -36.06
CA SER B 529 -16.14 12.58 -36.36
C SER B 529 -16.75 12.07 -35.05
N PHE B 530 -17.26 12.98 -34.22
CA PHE B 530 -17.69 12.57 -32.91
C PHE B 530 -18.69 11.50 -32.57
N PRO B 531 -19.56 11.11 -33.49
CA PRO B 531 -20.47 10.05 -33.03
C PRO B 531 -19.56 8.80 -32.78
N LEU B 532 -19.00 8.69 -31.56
CA LEU B 532 -18.05 7.62 -31.15
C LEU B 532 -18.58 6.29 -30.61
N THR B 533 -17.70 5.29 -30.57
CA THR B 533 -18.01 3.95 -30.05
C THR B 533 -16.78 3.33 -29.41
N SER B 534 -16.94 2.90 -28.16
CA SER B 534 -15.86 2.28 -27.39
C SER B 534 -16.08 0.80 -27.15
N THR B 535 -14.99 0.04 -27.08
CA THR B 535 -15.05 -1.39 -26.83
C THR B 535 -13.89 -1.80 -25.94
N PHE B 536 -14.17 -2.61 -24.94
CA PHE B 536 -13.13 -3.03 -24.03
C PHE B 536 -12.13 -3.93 -24.72
N MET B 537 -10.85 -3.62 -24.54
CA MET B 537 -9.80 -4.41 -25.15
C MET B 537 -9.24 -5.40 -24.16
N GLY B 538 -9.11 -4.95 -22.92
CA GLY B 538 -8.58 -5.81 -21.88
C GLY B 538 -7.68 -5.01 -20.97
N VAL B 539 -6.71 -5.70 -20.37
CA VAL B 539 -5.78 -5.05 -19.46
C VAL B 539 -4.35 -5.09 -19.97
N GLN B 540 -3.64 -3.96 -19.85
CA GLN B 540 -2.25 -3.87 -20.31
C GLN B 540 -1.34 -3.23 -19.28
N LEU B 541 -0.06 -3.58 -19.31
CA LEU B 541 0.86 -2.95 -18.39
C LEU B 541 0.89 -1.52 -18.83
N ALA B 542 1.00 -0.62 -17.86
CA ALA B 542 1.03 0.79 -18.20
C ALA B 542 2.31 1.09 -18.96
N ARG B 543 3.33 0.30 -18.69
CA ARG B 543 4.62 0.49 -19.34
C ARG B 543 4.56 0.34 -20.84
N VAL B 544 3.43 -0.10 -21.37
CA VAL B 544 3.36 -0.26 -22.81
C VAL B 544 2.59 0.89 -23.42
N LYS B 545 3.10 1.41 -24.53
CA LYS B 545 2.47 2.54 -25.23
C LYS B 545 1.10 2.18 -25.80
N LEU B 546 0.06 2.86 -25.33
CA LEU B 546 -1.28 2.62 -25.81
C LEU B 546 -1.35 2.75 -27.33
N ALA B 547 -2.05 1.81 -27.97
CA ALA B 547 -2.16 1.81 -29.42
C ALA B 547 -3.08 2.88 -29.99
N SER B 548 -3.00 3.04 -31.31
CA SER B 548 -3.81 4.04 -31.98
C SER B 548 -3.53 4.08 -33.46
N LYS B 549 -4.51 4.59 -34.19
CA LYS B 549 -4.39 4.73 -35.63
C LYS B 549 -5.14 6.00 -36.01
N VAL B 550 -4.41 7.11 -36.02
CA VAL B 550 -4.98 8.40 -36.37
C VAL B 550 -4.09 9.11 -37.37
N LYS B 551 -4.73 9.86 -38.27
CA LYS B 551 -4.04 10.62 -39.31
C LYS B 551 -3.80 12.09 -38.89
N GLU C 8 -3.15 -18.49 -48.67
CA GLU C 8 -2.02 -19.36 -48.23
C GLU C 8 -1.67 -19.11 -46.77
N ILE C 9 -1.32 -20.19 -46.08
CA ILE C 9 -0.95 -20.09 -44.69
C ILE C 9 0.43 -20.69 -44.56
N VAL C 10 1.31 -19.92 -43.92
CA VAL C 10 2.68 -20.35 -43.72
C VAL C 10 2.87 -20.67 -42.25
N THR C 11 3.28 -21.91 -42.02
CA THR C 11 3.49 -22.34 -40.67
C THR C 11 4.81 -21.80 -40.15
N GLU C 12 5.22 -22.26 -38.97
CA GLU C 12 6.44 -21.77 -38.37
C GLU C 12 7.75 -22.25 -38.99
N GLU C 13 7.71 -23.29 -39.79
CA GLU C 13 8.94 -23.76 -40.42
C GLU C 13 8.69 -23.90 -41.88
N GLN C 14 7.47 -23.55 -42.29
CA GLN C 14 7.12 -23.69 -43.70
C GLN C 14 8.05 -22.93 -44.63
N GLY C 15 8.30 -23.54 -45.79
CA GLY C 15 9.16 -22.92 -46.76
C GLY C 15 9.88 -23.89 -47.66
N THR C 16 10.04 -23.51 -48.92
CA THR C 16 10.73 -24.35 -49.88
C THR C 16 12.22 -24.12 -49.80
N VAL C 17 12.97 -25.19 -49.63
CA VAL C 17 14.42 -25.04 -49.54
C VAL C 17 15.08 -25.12 -50.91
N VAL C 18 15.91 -24.15 -51.22
CA VAL C 18 16.56 -24.14 -52.52
C VAL C 18 18.03 -24.45 -52.36
N GLN C 19 18.61 -25.27 -53.22
CA GLN C 19 20.04 -25.55 -53.06
C GLN C 19 20.91 -24.55 -53.81
N GLN C 20 21.93 -24.06 -53.13
CA GLN C 20 22.87 -23.08 -53.68
C GLN C 20 24.03 -23.76 -54.39
N GLN C 21 24.44 -23.17 -55.51
CA GLN C 21 25.52 -23.73 -56.30
C GLN C 21 26.84 -23.93 -55.55
N PRO C 22 27.45 -22.86 -55.03
CA PRO C 22 28.72 -22.96 -54.32
C PRO C 22 28.63 -23.44 -52.89
N ALA C 23 28.20 -24.67 -52.69
CA ALA C 23 28.07 -25.19 -51.32
C ALA C 23 28.67 -26.58 -51.17
N PRO C 24 29.45 -26.80 -50.10
CA PRO C 24 30.11 -28.07 -49.81
C PRO C 24 29.20 -29.05 -49.07
N ALA C 25 29.77 -30.24 -48.78
CA ALA C 25 29.08 -31.30 -48.05
C ALA C 25 29.22 -31.04 -46.55
N PRO C 26 28.11 -30.73 -45.87
CA PRO C 26 28.11 -30.43 -44.43
C PRO C 26 28.73 -31.49 -43.53
N THR C 27 28.33 -32.74 -43.74
CA THR C 27 28.83 -33.88 -42.97
C THR C 27 30.35 -33.89 -42.75
N ALA C 28 31.10 -33.48 -43.77
CA ALA C 28 32.55 -33.42 -43.72
C ALA C 28 33.01 -32.40 -42.69
N LEU C 29 32.73 -31.13 -42.93
CA LEU C 29 33.13 -30.09 -42.01
C LEU C 29 32.59 -30.39 -40.62
N ALA C 30 31.37 -30.91 -40.58
CA ALA C 30 30.70 -31.25 -39.33
C ALA C 30 31.57 -32.08 -38.39
N THR C 31 32.03 -33.22 -38.90
CA THR C 31 32.88 -34.11 -38.12
C THR C 31 34.22 -33.48 -37.78
N LEU C 32 34.76 -32.71 -38.71
CA LEU C 32 36.03 -32.06 -38.43
C LEU C 32 35.89 -31.25 -37.15
N ALA C 33 34.72 -30.66 -36.96
CA ALA C 33 34.46 -29.86 -35.78
C ALA C 33 34.42 -30.79 -34.59
N THR C 34 33.42 -31.66 -34.60
CA THR C 34 33.25 -32.61 -33.53
C THR C 34 34.58 -33.23 -33.11
N ALA C 35 35.46 -33.46 -34.07
CA ALA C 35 36.75 -34.08 -33.79
C ALA C 35 37.75 -33.21 -33.07
N SER C 36 37.84 -31.95 -33.43
CA SER C 36 38.80 -31.06 -32.83
C SER C 36 38.23 -30.44 -31.60
N THR C 37 36.92 -30.40 -31.56
CA THR C 37 36.23 -29.78 -30.46
C THR C 37 35.86 -30.78 -29.37
N GLY C 38 35.70 -32.04 -29.72
CA GLY C 38 35.33 -33.03 -28.71
C GLY C 38 33.87 -32.97 -28.30
N LYS C 39 33.05 -32.25 -29.06
CA LYS C 39 31.62 -32.11 -28.78
C LYS C 39 30.96 -33.45 -28.56
N SER C 40 30.16 -33.56 -27.50
CA SER C 40 29.50 -34.82 -27.20
C SER C 40 27.99 -34.69 -26.96
N VAL C 41 27.62 -34.08 -25.84
CA VAL C 41 26.22 -33.91 -25.51
C VAL C 41 25.87 -32.48 -25.73
N GLU C 42 24.62 -32.12 -25.50
CA GLU C 42 24.24 -30.76 -25.72
C GLU C 42 24.23 -29.88 -24.48
N GLN C 43 23.44 -30.22 -23.47
CA GLN C 43 23.44 -29.39 -22.28
C GLN C 43 24.58 -29.89 -21.41
N GLU C 44 25.82 -29.70 -21.84
CA GLU C 44 26.94 -30.18 -21.05
C GLU C 44 26.83 -29.89 -19.54
N TRP C 45 26.21 -28.78 -19.17
CA TRP C 45 26.09 -28.47 -17.76
C TRP C 45 25.30 -29.49 -16.96
N MET C 46 24.65 -30.43 -17.65
CA MET C 46 23.86 -31.49 -17.02
C MET C 46 24.81 -32.58 -16.58
N THR C 47 26.01 -32.58 -17.12
CA THR C 47 26.97 -33.61 -16.79
C THR C 47 28.11 -33.27 -15.86
N PHE C 48 27.97 -32.24 -15.03
CA PHE C 48 29.03 -31.91 -14.11
C PHE C 48 28.57 -30.92 -13.05
N PHE C 49 29.11 -31.07 -11.84
CA PHE C 49 28.79 -30.19 -10.74
C PHE C 49 29.56 -28.90 -10.86
N SER C 50 28.86 -27.77 -10.70
CA SER C 50 29.47 -26.45 -10.78
C SER C 50 29.53 -25.85 -9.40
N TYR C 51 30.62 -25.18 -9.10
CA TYR C 51 30.80 -24.54 -7.79
C TYR C 51 29.57 -23.74 -7.41
N HIS C 52 29.26 -23.72 -6.11
CA HIS C 52 28.13 -22.94 -5.62
C HIS C 52 28.66 -22.00 -4.55
N THR C 53 29.10 -22.57 -3.42
CA THR C 53 29.66 -21.81 -2.30
C THR C 53 30.48 -22.75 -1.41
N SER C 54 31.05 -22.22 -0.35
CA SER C 54 31.81 -23.07 0.55
C SER C 54 31.45 -22.76 2.00
N ILE C 55 31.66 -23.74 2.86
CA ILE C 55 31.34 -23.66 4.28
C ILE C 55 32.55 -23.93 5.14
N ASN C 56 32.80 -23.08 6.13
CA ASN C 56 33.91 -23.30 7.06
C ASN C 56 33.31 -23.80 8.36
N TRP C 57 33.55 -25.06 8.66
CA TRP C 57 33.02 -25.65 9.88
C TRP C 57 34.11 -25.66 10.92
N SER C 58 33.96 -24.79 11.91
CA SER C 58 34.96 -24.68 12.97
C SER C 58 34.51 -25.35 14.26
N THR C 59 35.47 -25.63 15.12
CA THR C 59 35.16 -26.29 16.37
C THR C 59 34.46 -25.36 17.33
N VAL C 60 34.18 -24.15 16.90
CA VAL C 60 33.52 -23.23 17.78
C VAL C 60 32.03 -23.26 17.60
N GLU C 61 31.58 -23.52 16.39
CA GLU C 61 30.15 -23.56 16.12
C GLU C 61 29.52 -24.70 16.89
N SER C 62 28.55 -24.37 17.73
CA SER C 62 27.90 -25.39 18.55
C SER C 62 26.65 -25.99 17.91
N GLN C 63 26.21 -27.10 18.48
CA GLN C 63 25.03 -27.82 18.01
C GLN C 63 23.88 -26.85 17.79
N GLY C 64 23.34 -26.86 16.57
CA GLY C 64 22.22 -25.99 16.24
C GLY C 64 22.48 -24.98 15.13
N LYS C 65 23.70 -24.47 15.11
CA LYS C 65 24.12 -23.50 14.12
C LYS C 65 23.87 -23.97 12.69
N ILE C 66 23.23 -23.12 11.91
CA ILE C 66 22.95 -23.46 10.52
C ILE C 66 24.13 -22.98 9.70
N LEU C 67 24.76 -23.87 8.95
CA LEU C 67 25.90 -23.49 8.14
C LEU C 67 25.54 -23.32 6.68
N TYR C 68 24.32 -23.69 6.32
CA TYR C 68 23.91 -23.59 4.94
C TYR C 68 22.42 -23.77 4.86
N SER C 69 21.79 -22.90 4.09
CA SER C 69 20.35 -22.93 3.89
C SER C 69 20.03 -22.36 2.52
N GLN C 70 19.91 -23.23 1.52
CA GLN C 70 19.62 -22.76 0.19
C GLN C 70 18.24 -23.18 -0.27
N ALA C 71 17.57 -22.33 -1.04
CA ALA C 71 16.25 -22.69 -1.53
C ALA C 71 16.41 -23.10 -2.99
N LEU C 72 15.56 -24.00 -3.46
CA LEU C 72 15.63 -24.47 -4.83
C LEU C 72 15.31 -23.32 -5.77
N ASN C 73 16.13 -23.16 -6.80
CA ASN C 73 15.89 -22.11 -7.74
C ASN C 73 16.90 -22.11 -8.86
N PRO C 74 16.44 -22.10 -10.11
CA PRO C 74 17.42 -22.11 -11.19
C PRO C 74 18.64 -21.19 -11.01
N SER C 75 18.51 -20.13 -10.21
CA SER C 75 19.63 -19.20 -10.05
C SER C 75 20.88 -19.80 -9.44
N ILE C 76 20.71 -20.85 -8.66
CA ILE C 76 21.85 -21.51 -8.02
C ILE C 76 22.94 -21.93 -9.02
N ASN C 77 22.53 -22.33 -10.21
CA ASN C 77 23.46 -22.79 -11.22
C ASN C 77 23.68 -21.74 -12.33
N PRO C 78 24.92 -21.24 -12.45
CA PRO C 78 25.30 -20.22 -13.43
C PRO C 78 24.79 -20.57 -14.80
N TYR C 79 24.81 -21.87 -15.13
CA TYR C 79 24.30 -22.25 -16.45
C TYR C 79 22.80 -22.13 -16.49
N LEU C 80 22.11 -22.80 -15.57
CA LEU C 80 20.65 -22.70 -15.55
C LEU C 80 20.24 -21.23 -15.52
N ASP C 81 20.94 -20.46 -14.69
CA ASP C 81 20.61 -19.05 -14.54
C ASP C 81 20.64 -18.34 -15.86
N HIS C 82 21.59 -18.70 -16.69
CA HIS C 82 21.67 -18.02 -17.96
C HIS C 82 20.58 -18.45 -18.91
N ILE C 83 20.35 -19.74 -19.01
CA ILE C 83 19.32 -20.22 -19.91
C ILE C 83 17.94 -19.76 -19.51
N ALA C 84 17.71 -19.71 -18.20
CA ALA C 84 16.41 -19.31 -17.71
C ALA C 84 15.94 -17.98 -18.28
N LYS C 85 16.88 -17.18 -18.77
CA LYS C 85 16.51 -15.88 -19.28
C LYS C 85 15.68 -15.95 -20.55
N LEU C 86 15.77 -17.06 -21.27
CA LEU C 86 14.98 -17.18 -22.49
C LEU C 86 13.59 -17.65 -22.16
N TYR C 87 13.48 -18.37 -21.06
CA TYR C 87 12.19 -18.91 -20.70
C TYR C 87 11.40 -18.11 -19.66
N SER C 88 10.21 -18.62 -19.35
CA SER C 88 9.29 -17.98 -18.41
C SER C 88 8.70 -18.98 -17.41
N THR C 89 9.12 -20.23 -17.50
CA THR C 89 8.61 -21.25 -16.61
C THR C 89 9.71 -22.23 -16.26
N TRP C 90 9.66 -22.76 -15.06
CA TRP C 90 10.65 -23.74 -14.68
C TRP C 90 10.05 -24.69 -13.67
N SER C 91 10.66 -25.86 -13.55
CA SER C 91 10.16 -26.87 -12.64
C SER C 91 11.18 -27.99 -12.62
N GLY C 92 11.27 -28.69 -11.49
CA GLY C 92 12.23 -29.77 -11.40
C GLY C 92 13.15 -29.48 -10.25
N GLY C 93 13.99 -30.43 -9.90
CA GLY C 93 14.89 -30.22 -8.78
C GLY C 93 16.29 -29.86 -9.20
N ILE C 94 17.21 -29.93 -8.26
CA ILE C 94 18.59 -29.63 -8.52
C ILE C 94 19.41 -30.38 -7.50
N ASP C 95 20.42 -31.11 -7.99
CA ASP C 95 21.28 -31.89 -7.12
C ASP C 95 22.36 -30.97 -6.55
N VAL C 96 22.72 -31.22 -5.29
CA VAL C 96 23.73 -30.44 -4.61
C VAL C 96 24.75 -31.42 -4.02
N ARG C 97 26.03 -31.15 -4.27
CA ARG C 97 27.08 -32.02 -3.79
C ARG C 97 27.92 -31.33 -2.71
N PHE C 98 28.06 -31.99 -1.55
CA PHE C 98 28.89 -31.43 -0.49
C PHE C 98 30.15 -32.27 -0.44
N THR C 99 31.29 -31.61 -0.41
CA THR C 99 32.58 -32.30 -0.36
C THR C 99 33.28 -31.80 0.88
N VAL C 100 33.35 -32.67 1.88
CA VAL C 100 33.96 -32.35 3.16
C VAL C 100 35.38 -32.84 3.18
N SER C 101 36.29 -32.05 3.75
CA SER C 101 37.68 -32.48 3.85
C SER C 101 38.29 -32.05 5.18
N GLY C 102 38.24 -33.00 6.13
CA GLY C 102 38.76 -32.79 7.46
C GLY C 102 39.75 -33.89 7.77
N SER C 103 40.47 -33.77 8.87
CA SER C 103 41.46 -34.78 9.27
C SER C 103 40.76 -36.05 9.72
N GLY C 104 41.38 -37.20 9.51
CA GLY C 104 40.76 -38.43 9.95
C GLY C 104 40.69 -38.44 11.47
N VAL C 105 41.52 -37.61 12.09
CA VAL C 105 41.55 -37.56 13.52
C VAL C 105 40.37 -36.80 14.10
N PHE C 106 39.69 -36.02 13.27
CA PHE C 106 38.54 -35.25 13.75
C PHE C 106 37.37 -36.07 14.19
N GLY C 107 36.36 -35.36 14.64
CA GLY C 107 35.13 -35.95 15.09
C GLY C 107 34.09 -34.87 14.97
N GLY C 108 32.86 -35.27 14.73
CA GLY C 108 31.80 -34.28 14.57
C GLY C 108 30.87 -34.71 13.45
N LYS C 109 29.65 -34.19 13.47
CA LYS C 109 28.67 -34.55 12.47
C LYS C 109 27.76 -33.39 12.08
N LEU C 110 27.43 -33.30 10.80
CA LEU C 110 26.53 -32.27 10.31
C LEU C 110 25.21 -32.94 10.02
N ALA C 111 24.15 -32.15 9.96
CA ALA C 111 22.82 -32.67 9.69
C ALA C 111 22.21 -32.03 8.46
N ALA C 112 21.51 -32.83 7.65
CA ALA C 112 20.88 -32.33 6.44
C ALA C 112 19.35 -32.42 6.53
N LEU C 113 18.68 -31.27 6.39
CA LEU C 113 17.23 -31.18 6.44
C LEU C 113 16.67 -30.76 5.13
N LEU C 114 15.41 -31.10 4.92
CA LEU C 114 14.72 -30.68 3.72
C LEU C 114 13.47 -29.97 4.19
N VAL C 115 13.49 -28.65 4.19
CA VAL C 115 12.33 -27.91 4.66
C VAL C 115 11.28 -27.69 3.59
N PRO C 116 10.01 -27.97 3.91
CA PRO C 116 8.95 -27.79 2.92
C PRO C 116 8.81 -26.35 2.49
N PRO C 117 8.11 -26.14 1.37
CA PRO C 117 7.95 -24.75 0.95
C PRO C 117 6.84 -24.13 1.83
N GLY C 118 6.91 -22.81 2.00
CA GLY C 118 5.92 -22.12 2.79
C GLY C 118 6.17 -22.10 4.29
N VAL C 119 7.40 -22.41 4.68
CA VAL C 119 7.78 -22.43 6.08
C VAL C 119 9.21 -22.00 6.16
N GLU C 120 9.46 -20.89 6.87
CA GLU C 120 10.80 -20.35 7.05
C GLU C 120 11.44 -21.01 8.24
N PRO C 121 12.56 -21.71 8.04
CA PRO C 121 13.24 -22.38 9.14
C PRO C 121 13.91 -21.41 10.10
N ILE C 122 13.93 -21.77 11.37
CA ILE C 122 14.56 -20.96 12.39
C ILE C 122 15.84 -21.66 12.84
N GLU C 123 16.83 -20.91 13.33
CA GLU C 123 18.06 -21.57 13.76
C GLU C 123 17.91 -22.01 15.20
N SER C 124 17.79 -23.33 15.41
CA SER C 124 17.66 -23.90 16.75
C SER C 124 17.72 -25.41 16.76
N VAL C 125 18.15 -25.97 17.88
CA VAL C 125 18.22 -27.41 17.97
C VAL C 125 16.89 -28.06 17.64
N SER C 126 15.80 -27.43 18.08
CA SER C 126 14.46 -27.96 17.81
C SER C 126 14.27 -28.33 16.34
N MET C 127 15.13 -27.82 15.47
CA MET C 127 15.06 -28.14 14.05
C MET C 127 15.36 -29.61 13.83
N LEU C 128 16.19 -30.17 14.71
CA LEU C 128 16.57 -31.56 14.59
C LEU C 128 15.45 -32.50 15.02
N GLN C 129 14.32 -31.95 15.44
CA GLN C 129 13.20 -32.80 15.82
C GLN C 129 12.39 -32.91 14.52
N TYR C 130 13.08 -33.21 13.45
CA TYR C 130 12.47 -33.28 12.12
C TYR C 130 13.35 -34.33 11.43
N PRO C 131 12.78 -35.13 10.52
CA PRO C 131 13.59 -36.14 9.83
C PRO C 131 14.88 -35.50 9.28
N HIS C 132 16.02 -36.14 9.51
CA HIS C 132 17.29 -35.59 9.04
C HIS C 132 18.36 -36.64 8.84
N VAL C 133 19.26 -36.33 7.91
CA VAL C 133 20.39 -37.18 7.55
C VAL C 133 21.70 -36.64 8.08
N LEU C 134 22.56 -37.54 8.53
CA LEU C 134 23.84 -37.13 9.08
C LEU C 134 25.03 -37.53 8.30
N PHE C 135 26.06 -36.69 8.30
CA PHE C 135 27.31 -37.10 7.68
C PHE C 135 28.43 -36.58 8.57
N ASP C 136 29.38 -37.49 8.85
CA ASP C 136 30.50 -37.27 9.76
C ASP C 136 31.61 -36.39 9.17
N ALA C 137 32.40 -35.81 10.04
CA ALA C 137 33.49 -34.94 9.66
C ALA C 137 34.53 -35.69 8.86
N ARG C 138 34.77 -36.96 9.16
CA ARG C 138 35.78 -37.62 8.37
C ARG C 138 35.22 -38.24 7.11
N GLN C 139 34.06 -37.77 6.69
CA GLN C 139 33.44 -38.27 5.46
C GLN C 139 34.40 -38.00 4.31
N THR C 140 34.48 -38.94 3.39
CA THR C 140 35.35 -38.83 2.24
C THR C 140 34.61 -38.54 0.94
N GLU C 141 34.04 -39.57 0.31
CA GLU C 141 33.32 -39.39 -0.93
C GLU C 141 32.22 -38.36 -0.73
N PRO C 142 32.08 -37.40 -1.67
CA PRO C 142 31.06 -36.36 -1.59
C PRO C 142 29.66 -36.92 -1.43
N VAL C 143 28.77 -36.17 -0.80
CA VAL C 143 27.41 -36.63 -0.66
C VAL C 143 26.55 -35.74 -1.55
N ILE C 144 25.56 -36.34 -2.19
CA ILE C 144 24.71 -35.57 -3.06
C ILE C 144 23.29 -35.59 -2.58
N PHE C 145 22.78 -34.42 -2.24
CA PHE C 145 21.43 -34.32 -1.79
C PHE C 145 20.65 -33.72 -2.94
N THR C 146 19.48 -34.28 -3.22
CA THR C 146 18.69 -33.75 -4.31
C THR C 146 17.60 -32.89 -3.70
N ILE C 147 17.48 -31.63 -4.11
CA ILE C 147 16.40 -30.80 -3.57
C ILE C 147 15.20 -31.01 -4.50
N PRO C 148 14.16 -31.70 -4.02
CA PRO C 148 12.97 -31.97 -4.81
C PRO C 148 12.11 -30.75 -4.93
N ASP C 149 11.44 -30.61 -6.07
CA ASP C 149 10.58 -29.47 -6.30
C ASP C 149 9.16 -29.72 -5.79
N ILE C 150 8.94 -29.52 -4.50
CA ILE C 150 7.62 -29.69 -3.93
C ILE C 150 6.89 -28.40 -4.23
N ARG C 151 5.82 -28.43 -5.02
CA ARG C 151 5.12 -27.19 -5.32
C ARG C 151 3.60 -27.36 -5.32
N LYS C 152 2.85 -26.29 -5.13
CA LYS C 152 1.39 -26.41 -5.11
C LYS C 152 0.81 -25.98 -6.44
N THR C 153 1.68 -25.63 -7.39
CA THR C 153 1.21 -25.21 -8.69
C THR C 153 1.70 -26.17 -9.75
N LEU C 154 1.16 -26.03 -10.95
CA LEU C 154 1.54 -26.91 -12.04
C LEU C 154 2.95 -26.66 -12.51
N PHE C 155 3.44 -25.44 -12.34
CA PHE C 155 4.80 -25.12 -12.72
C PHE C 155 5.20 -23.81 -12.04
N HIS C 156 6.45 -23.41 -12.20
CA HIS C 156 6.92 -22.18 -11.58
C HIS C 156 7.03 -21.03 -12.54
N SER C 157 7.00 -19.82 -11.99
CA SER C 157 7.14 -18.59 -12.77
C SER C 157 8.52 -18.05 -12.42
N MET C 158 9.17 -17.41 -13.38
CA MET C 158 10.51 -16.95 -13.11
C MET C 158 10.63 -16.09 -11.85
N ASP C 159 9.51 -15.51 -11.42
CA ASP C 159 9.51 -14.64 -10.26
C ASP C 159 9.30 -15.36 -8.93
N GLU C 160 8.86 -16.62 -8.97
CA GLU C 160 8.63 -17.37 -7.76
C GLU C 160 9.94 -17.58 -7.03
N THR C 161 9.84 -17.65 -5.70
CA THR C 161 10.99 -17.86 -4.84
C THR C 161 10.69 -18.78 -3.68
N ASP C 162 9.41 -18.95 -3.35
CA ASP C 162 9.03 -19.81 -2.23
C ASP C 162 9.01 -21.28 -2.60
N THR C 163 10.20 -21.88 -2.62
CA THR C 163 10.33 -23.28 -2.97
C THR C 163 10.89 -24.07 -1.80
N THR C 164 11.16 -25.34 -2.07
CA THR C 164 11.71 -26.27 -1.07
C THR C 164 13.08 -25.76 -0.66
N LYS C 165 13.52 -26.10 0.54
CA LYS C 165 14.81 -25.61 1.00
C LYS C 165 15.67 -26.66 1.70
N LEU C 166 16.94 -26.71 1.32
CA LEU C 166 17.88 -27.67 1.92
C LEU C 166 18.74 -26.96 2.96
N VAL C 167 18.64 -27.40 4.22
CA VAL C 167 19.41 -26.79 5.29
C VAL C 167 20.46 -27.76 5.84
N ILE C 168 21.65 -27.24 6.10
CA ILE C 168 22.70 -28.07 6.65
C ILE C 168 23.02 -27.46 8.01
N MET C 169 22.94 -28.23 9.09
CA MET C 169 23.27 -27.66 10.40
C MET C 169 24.14 -28.53 11.28
N VAL C 170 24.85 -27.89 12.20
CA VAL C 170 25.73 -28.60 13.11
C VAL C 170 24.93 -29.53 13.98
N TYR C 171 25.26 -30.82 13.94
CA TYR C 171 24.55 -31.80 14.76
C TYR C 171 25.36 -32.07 16.00
N ASN C 172 26.64 -32.31 15.77
CA ASN C 172 27.58 -32.63 16.82
C ASN C 172 28.85 -31.84 16.65
N GLU C 173 29.16 -30.97 17.61
CA GLU C 173 30.35 -30.13 17.51
C GLU C 173 31.60 -30.77 16.91
N LEU C 174 32.34 -29.98 16.16
CA LEU C 174 33.57 -30.44 15.53
C LEU C 174 34.63 -30.61 16.60
N ILE C 175 35.35 -31.72 16.53
CA ILE C 175 36.33 -32.01 17.54
C ILE C 175 37.71 -32.30 17.02
N ASN C 176 38.70 -31.85 17.78
CA ASN C 176 40.06 -32.11 17.42
C ASN C 176 40.74 -32.52 18.70
N PRO C 177 41.37 -33.69 18.71
CA PRO C 177 42.07 -34.19 19.90
C PRO C 177 43.27 -33.36 20.27
N TYR C 178 43.74 -32.53 19.35
CA TYR C 178 44.90 -31.70 19.62
C TYR C 178 44.48 -30.32 20.03
N GLU C 179 43.18 -30.08 20.04
CA GLU C 179 42.61 -28.78 20.41
C GLU C 179 43.18 -28.38 21.78
N ASN C 180 44.02 -27.36 21.81
CA ASN C 180 44.65 -26.89 23.05
C ASN C 180 43.70 -26.15 24.00
N GLY C 181 42.78 -25.37 23.45
CA GLY C 181 41.82 -24.62 24.25
C GLY C 181 40.76 -23.91 23.43
N VAL C 182 40.21 -22.84 23.99
CA VAL C 182 39.19 -22.05 23.29
C VAL C 182 39.83 -21.11 22.27
N GLU C 183 40.97 -20.52 22.64
CA GLU C 183 41.70 -19.58 21.77
C GLU C 183 42.56 -20.30 20.73
N ASN C 184 42.18 -21.54 20.42
CA ASN C 184 42.91 -22.36 19.45
C ASN C 184 41.94 -22.99 18.44
N LYS C 185 41.04 -22.18 17.88
CA LYS C 185 40.05 -22.63 16.91
C LYS C 185 40.66 -23.48 15.79
N THR C 186 39.92 -24.51 15.41
CA THR C 186 40.32 -25.43 14.36
C THR C 186 39.14 -25.49 13.42
N THR C 187 39.40 -25.71 12.13
CA THR C 187 38.31 -25.72 11.16
C THR C 187 38.58 -26.47 9.88
N CYS C 188 37.54 -27.07 9.28
CA CYS C 188 37.69 -27.77 8.01
C CYS C 188 36.69 -27.22 7.00
N SER C 189 37.00 -27.36 5.71
CA SER C 189 36.15 -26.84 4.65
C SER C 189 35.19 -27.81 4.04
N ILE C 190 34.11 -27.25 3.51
CA ILE C 190 33.08 -28.03 2.87
C ILE C 190 32.70 -27.24 1.65
N THR C 191 32.85 -27.85 0.47
CA THR C 191 32.50 -27.09 -0.72
C THR C 191 31.22 -27.60 -1.35
N VAL C 192 30.34 -26.66 -1.64
CA VAL C 192 29.05 -27.01 -2.19
C VAL C 192 28.90 -26.77 -3.67
N GLU C 193 28.44 -27.79 -4.39
CA GLU C 193 28.27 -27.64 -5.81
C GLU C 193 26.89 -28.09 -6.30
N THR C 194 26.46 -27.54 -7.44
CA THR C 194 25.16 -27.89 -8.00
C THR C 194 25.20 -28.44 -9.41
N ARG C 195 24.24 -29.33 -9.66
CA ARG C 195 24.06 -29.94 -10.96
C ARG C 195 22.57 -30.11 -11.15
N PRO C 196 22.01 -29.58 -12.24
CA PRO C 196 20.58 -29.70 -12.48
C PRO C 196 20.15 -31.14 -12.49
N SER C 197 19.01 -31.38 -11.84
CA SER C 197 18.44 -32.69 -11.72
C SER C 197 17.82 -33.15 -13.04
N ALA C 198 17.69 -34.47 -13.20
CA ALA C 198 17.15 -35.05 -14.41
C ALA C 198 15.81 -34.45 -14.83
N ASP C 199 14.99 -34.14 -13.84
CA ASP C 199 13.67 -33.61 -14.10
C ASP C 199 13.57 -32.09 -14.14
N PHE C 200 14.71 -31.40 -14.20
CA PHE C 200 14.66 -29.95 -14.24
C PHE C 200 14.29 -29.53 -15.67
N THR C 201 13.40 -28.55 -15.82
CA THR C 201 12.94 -28.12 -17.15
C THR C 201 12.44 -26.69 -17.28
N PHE C 202 12.95 -25.98 -18.29
CA PHE C 202 12.50 -24.63 -18.53
C PHE C 202 11.36 -24.75 -19.49
N ALA C 203 10.32 -23.96 -19.26
CA ALA C 203 9.16 -24.14 -20.06
C ALA C 203 8.81 -23.26 -21.21
N LEU C 204 7.92 -22.31 -21.01
CA LEU C 204 7.53 -21.52 -22.16
C LEU C 204 8.52 -20.44 -22.51
N LEU C 205 8.81 -20.30 -23.80
CA LEU C 205 9.72 -19.27 -24.24
C LEU C 205 8.98 -17.97 -24.27
N LYS C 206 9.72 -16.88 -24.12
CA LYS C 206 9.09 -15.58 -24.16
C LYS C 206 9.61 -14.68 -25.27
N PRO C 207 8.69 -14.11 -26.07
CA PRO C 207 9.02 -13.22 -27.19
C PRO C 207 10.04 -12.19 -26.76
N PRO C 208 11.14 -12.11 -27.49
CA PRO C 208 12.26 -11.21 -27.27
C PRO C 208 12.02 -9.84 -26.63
N GLY C 209 11.08 -9.05 -27.15
CA GLY C 209 10.91 -7.72 -26.55
C GLY C 209 9.85 -7.57 -25.48
N SER C 210 9.06 -8.60 -25.31
CA SER C 210 7.98 -8.60 -24.34
C SER C 210 8.45 -8.19 -22.97
N LEU C 211 7.49 -7.74 -22.17
CA LEU C 211 7.73 -7.31 -20.81
C LEU C 211 7.20 -8.32 -19.84
N ILE C 212 7.73 -8.27 -18.61
CA ILE C 212 7.33 -9.20 -17.56
C ILE C 212 6.21 -8.65 -16.68
N LYS C 213 5.04 -9.27 -16.74
CA LYS C 213 3.91 -8.79 -15.95
C LYS C 213 4.17 -8.73 -14.45
N HIS C 214 4.94 -9.69 -13.94
CA HIS C 214 5.28 -9.72 -12.52
C HIS C 214 6.79 -9.57 -12.47
N GLY C 215 7.25 -8.44 -11.95
CA GLY C 215 8.68 -8.18 -11.88
C GLY C 215 9.57 -9.38 -11.60
N SER C 216 10.86 -9.22 -11.87
CA SER C 216 11.82 -10.29 -11.64
C SER C 216 12.44 -10.20 -10.25
N ILE C 217 13.09 -11.26 -9.83
CA ILE C 217 13.73 -11.31 -8.51
C ILE C 217 14.82 -10.24 -8.39
N PRO C 218 14.86 -9.53 -7.26
CA PRO C 218 15.84 -8.48 -6.98
C PRO C 218 17.19 -9.05 -6.59
N SER C 219 18.04 -9.32 -7.58
CA SER C 219 19.34 -9.91 -7.25
C SER C 219 20.49 -9.01 -7.64
N ASP C 220 20.19 -7.86 -8.22
CA ASP C 220 21.23 -6.95 -8.65
C ASP C 220 21.01 -5.55 -8.11
N LEU C 221 20.34 -5.44 -6.97
CA LEU C 221 20.09 -4.12 -6.40
C LEU C 221 21.32 -3.50 -5.75
N ILE C 222 22.28 -4.31 -5.37
CA ILE C 222 23.50 -3.78 -4.77
C ILE C 222 24.71 -4.26 -5.54
N PRO C 223 25.39 -3.33 -6.22
CA PRO C 223 26.58 -3.67 -7.01
C PRO C 223 27.59 -4.59 -6.34
N ARG C 224 28.45 -5.19 -7.16
CA ARG C 224 29.46 -6.15 -6.73
C ARG C 224 30.54 -5.59 -5.80
N ASN C 225 31.15 -4.47 -6.21
CA ASN C 225 32.20 -3.82 -5.42
C ASN C 225 31.74 -2.47 -4.88
N SER C 226 32.05 -2.20 -3.61
CA SER C 226 31.67 -0.94 -2.96
C SER C 226 32.32 0.23 -3.69
N ALA C 227 33.23 -0.08 -4.60
CA ALA C 227 33.90 0.97 -5.35
C ALA C 227 32.89 1.66 -6.23
N HIS C 228 31.74 1.01 -6.45
CA HIS C 228 30.71 1.57 -7.31
C HIS C 228 29.49 2.05 -6.51
N TRP C 229 29.64 2.09 -5.20
CA TRP C 229 28.57 2.52 -4.32
C TRP C 229 28.49 4.02 -4.14
N MET C 230 27.89 4.72 -5.10
CA MET C 230 27.74 6.15 -4.95
C MET C 230 26.53 6.36 -4.04
N GLY C 231 26.41 7.57 -3.51
CA GLY C 231 25.32 7.87 -2.62
C GLY C 231 24.00 8.24 -3.24
N ASN C 232 23.03 8.37 -2.36
CA ASN C 232 21.68 8.69 -2.73
C ASN C 232 21.41 10.18 -2.62
N ARG C 233 21.97 10.77 -1.56
CA ARG C 233 21.84 12.19 -1.27
C ARG C 233 23.00 12.88 -1.96
N TRP C 234 24.21 12.41 -1.69
CA TRP C 234 25.40 12.99 -2.30
C TRP C 234 26.00 12.04 -3.30
N TRP C 235 26.83 12.56 -4.21
CA TRP C 235 27.44 11.77 -5.25
C TRP C 235 28.78 11.13 -4.87
N SER C 236 29.26 11.38 -3.66
CA SER C 236 30.53 10.82 -3.24
C SER C 236 30.40 9.32 -3.04
N THR C 237 31.53 8.63 -2.98
CA THR C 237 31.51 7.19 -2.77
C THR C 237 31.25 6.82 -1.33
N ILE C 238 30.33 5.91 -1.10
CA ILE C 238 30.03 5.51 0.26
C ILE C 238 31.26 5.00 0.97
N SER C 239 31.38 5.34 2.26
CA SER C 239 32.53 4.94 3.03
C SER C 239 32.20 4.58 4.46
N GLY C 240 30.93 4.31 4.75
CA GLY C 240 30.55 3.94 6.11
C GLY C 240 29.06 3.73 6.25
N PHE C 241 28.65 3.15 7.37
CA PHE C 241 27.23 2.88 7.62
C PHE C 241 26.76 3.49 8.93
N SER C 242 25.44 3.55 9.12
CA SER C 242 24.91 4.05 10.38
C SER C 242 23.62 3.36 10.74
N VAL C 243 23.65 2.50 11.74
CA VAL C 243 22.47 1.77 12.16
C VAL C 243 21.57 2.59 13.07
N GLN C 244 20.49 3.12 12.52
CA GLN C 244 19.55 3.93 13.29
C GLN C 244 18.26 3.17 13.61
N PRO C 245 17.60 3.55 14.70
CA PRO C 245 16.35 2.86 15.04
C PRO C 245 15.27 3.30 14.07
N ARG C 246 15.62 4.23 13.20
CA ARG C 246 14.65 4.73 12.25
C ARG C 246 15.34 5.49 11.13
N VAL C 247 15.22 4.97 9.93
CA VAL C 247 15.83 5.59 8.80
C VAL C 247 14.74 6.33 8.03
N PHE C 248 15.12 7.27 7.17
CA PHE C 248 14.14 8.02 6.40
C PHE C 248 14.78 8.92 5.36
N GLN C 249 14.02 9.20 4.31
CA GLN C 249 14.47 10.05 3.23
C GLN C 249 13.37 10.09 2.24
N SER C 250 13.42 11.05 1.32
CA SER C 250 12.36 11.12 0.33
C SER C 250 12.72 11.53 -1.05
N ASN C 251 13.89 12.14 -1.24
CA ASN C 251 14.24 12.62 -2.56
C ASN C 251 14.55 11.56 -3.62
N ARG C 252 15.83 11.22 -3.77
CA ARG C 252 16.16 10.23 -4.77
C ARG C 252 15.82 8.83 -4.31
N HIS C 253 15.14 8.72 -3.19
CA HIS C 253 14.78 7.40 -2.71
C HIS C 253 13.63 6.83 -3.54
N PHE C 254 13.81 5.58 -3.96
CA PHE C 254 12.84 4.87 -4.78
C PHE C 254 12.29 3.59 -4.17
N ASP C 255 11.03 3.38 -4.49
CA ASP C 255 10.22 2.26 -4.02
C ASP C 255 10.31 1.04 -4.92
N PHE C 256 10.04 -0.14 -4.37
CA PHE C 256 10.07 -1.37 -5.16
C PHE C 256 9.02 -1.33 -6.25
N ASP C 257 8.11 -0.37 -6.13
CA ASP C 257 7.06 -0.19 -7.12
C ASP C 257 7.49 0.87 -8.10
N SER C 258 8.77 1.21 -8.06
CA SER C 258 9.33 2.22 -8.97
C SER C 258 8.74 3.61 -8.75
N THR C 259 8.08 3.82 -7.61
CA THR C 259 7.48 5.12 -7.29
C THR C 259 8.43 5.95 -6.45
N THR C 260 8.28 7.28 -6.52
CA THR C 260 9.13 8.20 -5.74
C THR C 260 8.35 9.36 -5.18
N THR C 261 8.56 9.65 -3.90
CA THR C 261 7.89 10.76 -3.26
C THR C 261 8.78 11.98 -3.40
N GLY C 262 9.84 11.85 -4.18
CA GLY C 262 10.77 12.93 -4.37
C GLY C 262 10.48 13.85 -5.53
N TRP C 263 11.48 14.64 -5.90
CA TRP C 263 11.31 15.58 -7.00
C TRP C 263 12.46 15.49 -7.98
N SER C 264 13.33 14.52 -7.77
CA SER C 264 14.45 14.35 -8.67
C SER C 264 14.60 12.90 -9.07
N THR C 265 15.23 12.67 -10.21
CA THR C 265 15.46 11.34 -10.76
C THR C 265 16.68 10.70 -10.13
N PRO C 266 16.87 9.38 -10.33
CA PRO C 266 18.02 8.65 -9.76
C PRO C 266 19.37 8.97 -10.39
N TYR C 267 19.56 10.21 -10.80
CA TYR C 267 20.82 10.62 -11.40
C TYR C 267 21.27 12.00 -10.90
N TYR C 268 22.56 12.29 -11.03
CA TYR C 268 23.08 13.59 -10.62
C TYR C 268 23.37 14.47 -11.84
N VAL C 269 22.39 15.29 -12.18
CA VAL C 269 22.52 16.20 -13.31
C VAL C 269 22.53 17.65 -12.84
N PRO C 270 23.10 18.56 -13.64
CA PRO C 270 23.16 19.97 -13.29
C PRO C 270 21.77 20.55 -13.12
N ILE C 271 21.71 21.59 -12.30
CA ILE C 271 20.47 22.29 -12.00
C ILE C 271 20.33 23.59 -12.79
N GLU C 272 19.22 23.70 -13.51
CA GLU C 272 18.93 24.87 -14.32
C GLU C 272 17.75 25.68 -13.75
N ILE C 273 18.08 26.75 -13.02
CA ILE C 273 17.09 27.62 -12.41
C ILE C 273 17.06 28.97 -13.10
N LYS C 274 16.34 29.89 -12.47
CA LYS C 274 16.18 31.27 -12.96
C LYS C 274 15.89 32.20 -11.78
N ILE C 275 16.84 33.10 -11.53
CA ILE C 275 16.74 34.06 -10.43
C ILE C 275 16.16 35.40 -10.89
N GLN C 276 15.35 36.01 -10.02
CA GLN C 276 14.72 37.30 -10.29
C GLN C 276 15.34 38.37 -9.39
N GLY C 277 15.57 39.54 -9.95
CA GLY C 277 16.14 40.61 -9.17
C GLY C 277 15.50 41.95 -9.50
N LYS C 278 14.79 42.55 -8.55
CA LYS C 278 14.17 43.86 -8.77
C LYS C 278 14.81 44.89 -7.85
N VAL C 279 14.62 46.16 -8.17
CA VAL C 279 15.20 47.24 -7.37
C VAL C 279 14.37 47.46 -6.11
N GLY C 280 15.07 47.74 -5.01
CA GLY C 280 14.39 47.99 -3.74
C GLY C 280 14.00 46.70 -3.04
N SER C 281 14.49 45.57 -3.54
CA SER C 281 14.21 44.26 -2.96
C SER C 281 15.38 43.80 -2.09
N ASN C 282 15.71 42.51 -2.15
CA ASN C 282 16.84 41.97 -1.36
C ASN C 282 18.08 41.86 -2.27
N ASN C 283 19.25 42.12 -1.68
CA ASN C 283 20.53 42.10 -2.38
C ASN C 283 21.40 40.88 -2.01
N LYS C 284 20.78 39.83 -1.47
CA LYS C 284 21.51 38.63 -1.06
C LYS C 284 20.71 37.36 -1.34
N TRP C 285 19.64 37.15 -0.57
CA TRP C 285 18.81 35.97 -0.77
C TRP C 285 17.81 36.25 -1.87
N PHE C 286 17.75 35.35 -2.85
CA PHE C 286 16.83 35.50 -3.97
C PHE C 286 15.85 34.33 -4.15
N HIS C 287 14.74 34.63 -4.80
CA HIS C 287 13.69 33.65 -5.09
C HIS C 287 13.94 33.06 -6.49
N VAL C 288 13.60 31.79 -6.65
CA VAL C 288 13.78 31.13 -7.94
C VAL C 288 12.44 31.19 -8.66
N ILE C 289 12.47 31.34 -9.98
CA ILE C 289 11.23 31.41 -10.74
C ILE C 289 10.91 30.10 -11.45
N ASP C 290 11.27 30.02 -12.73
CA ASP C 290 11.03 28.83 -13.56
C ASP C 290 12.25 27.88 -13.56
N THR C 291 12.15 26.81 -14.35
CA THR C 291 13.20 25.80 -14.48
C THR C 291 13.06 25.07 -15.82
N ASP C 292 14.17 24.56 -16.32
CA ASP C 292 14.17 23.84 -17.59
C ASP C 292 13.96 22.36 -17.41
N LYS C 293 14.86 21.75 -16.64
CA LYS C 293 14.79 20.31 -16.38
C LYS C 293 14.22 20.04 -15.00
N ALA C 294 13.08 19.35 -14.96
CA ALA C 294 12.42 19.00 -13.70
C ALA C 294 11.42 17.84 -13.85
N LEU C 295 11.34 17.04 -12.79
CA LEU C 295 10.44 15.90 -12.77
C LEU C 295 9.10 16.40 -12.29
N VAL C 296 9.13 17.14 -11.20
CA VAL C 296 7.94 17.73 -10.65
C VAL C 296 7.77 19.04 -11.38
N PRO C 297 6.54 19.34 -11.84
CA PRO C 297 6.25 20.57 -12.59
C PRO C 297 6.96 21.87 -12.14
N GLY C 298 7.18 22.04 -10.85
CA GLY C 298 7.83 23.27 -10.41
C GLY C 298 9.23 23.14 -9.85
N ILE C 299 9.42 22.15 -8.99
CA ILE C 299 10.72 21.91 -8.37
C ILE C 299 11.73 21.30 -9.33
N PRO C 300 12.93 21.90 -9.41
CA PRO C 300 14.00 21.46 -10.28
C PRO C 300 14.65 20.12 -9.87
N ASP C 301 14.89 19.27 -10.86
CA ASP C 301 15.50 17.96 -10.63
C ASP C 301 16.85 18.13 -9.97
N GLY C 302 17.04 17.45 -8.85
CA GLY C 302 18.31 17.53 -8.17
C GLY C 302 18.37 18.45 -6.99
N TRP C 303 17.43 19.37 -6.90
CA TRP C 303 17.40 20.33 -5.81
C TRP C 303 17.58 19.65 -4.46
N PRO C 304 18.64 20.02 -3.74
CA PRO C 304 18.96 19.46 -2.43
C PRO C 304 17.78 19.34 -1.46
N ASP C 305 17.73 18.21 -0.75
CA ASP C 305 16.67 17.90 0.20
C ASP C 305 16.97 18.19 1.67
N THR C 306 17.37 19.42 1.93
CA THR C 306 17.68 19.84 3.29
C THR C 306 17.41 21.35 3.39
N THR C 307 17.23 21.82 4.61
CA THR C 307 16.93 23.22 4.85
C THR C 307 17.77 23.73 6.02
N ILE C 308 17.83 25.05 6.16
CA ILE C 308 18.59 25.70 7.22
C ILE C 308 18.10 25.29 8.60
N PRO C 309 19.01 25.17 9.57
CA PRO C 309 18.67 24.77 10.94
C PRO C 309 17.72 25.69 11.71
N ASP C 310 18.04 26.98 11.79
CA ASP C 310 17.22 27.94 12.52
C ASP C 310 16.80 29.09 11.60
N GLU C 311 16.00 30.00 12.14
CA GLU C 311 15.54 31.15 11.35
C GLU C 311 16.54 32.30 11.52
N THR C 312 16.81 33.02 10.44
CA THR C 312 17.71 34.18 10.48
C THR C 312 17.23 35.25 9.49
N LYS C 313 17.80 36.45 9.61
CA LYS C 313 17.42 37.57 8.74
C LYS C 313 18.28 37.64 7.49
N ALA C 314 17.69 38.13 6.40
CA ALA C 314 18.38 38.24 5.11
C ALA C 314 19.55 39.22 5.10
N THR C 315 20.50 39.01 6.00
CA THR C 315 21.67 39.87 6.09
C THR C 315 22.87 39.33 5.35
N ASN C 316 23.61 40.25 4.73
CA ASN C 316 24.82 39.96 3.98
C ASN C 316 25.86 39.37 4.93
N GLY C 317 26.50 38.28 4.54
CA GLY C 317 27.49 37.69 5.43
C GLY C 317 28.49 36.81 4.71
N ASN C 318 29.38 36.20 5.47
CA ASN C 318 30.39 35.32 4.92
C ASN C 318 30.72 34.28 5.95
N PHE C 319 31.56 33.32 5.61
CA PHE C 319 31.93 32.27 6.55
C PHE C 319 32.52 32.88 7.82
N SER C 320 32.16 32.31 8.96
CA SER C 320 32.69 32.79 10.23
C SER C 320 32.41 31.80 11.35
N TYR C 321 33.32 30.85 11.51
CA TYR C 321 33.17 29.85 12.55
C TYR C 321 34.11 30.17 13.70
N GLY C 322 33.60 30.02 14.93
CA GLY C 322 34.40 30.28 16.11
C GLY C 322 35.70 29.50 16.08
N GLU C 323 36.60 29.82 17.00
CA GLU C 323 37.91 29.17 17.07
C GLU C 323 37.81 27.73 17.57
N SER C 324 36.66 27.41 18.15
CA SER C 324 36.40 26.08 18.70
C SER C 324 35.95 25.11 17.61
N TYR C 325 36.73 25.02 16.54
CA TYR C 325 36.45 24.13 15.43
C TYR C 325 37.69 23.34 15.00
N ARG C 326 38.17 23.59 13.78
CA ARG C 326 39.36 22.90 13.25
C ARG C 326 40.69 23.55 13.65
N ALA C 327 41.08 23.29 14.90
CA ALA C 327 42.33 23.81 15.47
C ALA C 327 42.77 22.76 16.51
N GLY C 328 41.90 21.76 16.68
CA GLY C 328 42.13 20.68 17.62
C GLY C 328 41.04 19.61 17.48
N SER C 329 40.61 19.06 18.61
CA SER C 329 39.55 18.03 18.64
C SER C 329 38.46 18.46 19.64
N THR C 330 38.33 19.78 19.82
CA THR C 330 37.35 20.35 20.74
C THR C 330 35.93 19.95 20.34
N THR C 331 34.95 20.48 21.06
CA THR C 331 33.55 20.19 20.78
C THR C 331 33.04 21.27 19.82
N ILE C 332 31.74 21.55 19.86
CA ILE C 332 31.18 22.55 18.97
C ILE C 332 29.94 23.19 19.58
N LYS C 333 29.86 24.51 19.49
CA LYS C 333 28.71 25.24 20.02
C LYS C 333 28.00 25.96 18.89
N PRO C 334 26.68 25.72 18.76
CA PRO C 334 25.86 26.35 17.71
C PRO C 334 25.94 27.88 17.69
N ASN C 335 26.54 28.46 18.73
CA ASN C 335 26.67 29.91 18.83
C ASN C 335 27.93 30.40 18.09
N GLU C 336 29.01 29.63 18.17
CA GLU C 336 30.27 29.98 17.51
C GLU C 336 30.05 30.22 16.03
N ASN C 337 29.47 29.23 15.36
CA ASN C 337 29.19 29.32 13.93
C ASN C 337 28.11 30.36 13.69
N SER C 338 28.49 31.47 13.06
CA SER C 338 27.56 32.54 12.79
C SER C 338 27.42 32.80 11.30
N THR C 339 27.73 31.78 10.50
CA THR C 339 27.62 31.93 9.05
C THR C 339 26.16 32.05 8.67
N HIS C 340 25.71 33.26 8.38
CA HIS C 340 24.32 33.46 8.04
C HIS C 340 23.70 32.43 7.09
N PHE C 341 24.46 31.98 6.10
CA PHE C 341 23.95 31.02 5.12
C PHE C 341 24.33 29.58 5.49
N LYS C 342 24.33 29.30 6.78
CA LYS C 342 24.67 27.98 7.25
C LYS C 342 23.58 27.02 6.80
N GLY C 343 23.99 25.83 6.39
CA GLY C 343 23.03 24.84 5.97
C GLY C 343 22.73 24.75 4.49
N THR C 344 23.05 25.79 3.73
CA THR C 344 22.79 25.79 2.30
C THR C 344 23.80 24.90 1.58
N TYR C 345 23.49 24.57 0.34
CA TYR C 345 24.37 23.72 -0.46
C TYR C 345 25.19 24.56 -1.44
N ILE C 346 26.50 24.43 -1.29
CA ILE C 346 27.43 25.15 -2.12
C ILE C 346 27.46 24.52 -3.49
N CYS C 347 27.25 25.33 -4.54
CA CYS C 347 27.30 24.79 -5.89
C CYS C 347 27.62 25.81 -6.98
N GLY C 348 28.77 25.59 -7.62
CA GLY C 348 29.26 26.46 -8.69
C GLY C 348 28.19 26.71 -9.73
N THR C 349 28.37 27.73 -10.55
CA THR C 349 27.35 28.00 -11.53
C THR C 349 27.82 28.80 -12.73
N LEU C 350 26.96 28.89 -13.74
CA LEU C 350 27.25 29.64 -14.95
C LEU C 350 26.14 30.67 -15.10
N SER C 351 26.43 31.92 -14.71
CA SER C 351 25.48 33.03 -14.76
C SER C 351 25.37 33.69 -16.12
N THR C 352 24.20 34.23 -16.37
CA THR C 352 23.94 34.89 -17.63
C THR C 352 22.59 35.64 -17.59
N VAL C 353 22.66 36.95 -17.37
CA VAL C 353 21.47 37.81 -17.28
C VAL C 353 20.95 38.26 -18.65
N GLU C 354 19.65 38.55 -18.70
CA GLU C 354 19.00 39.00 -19.92
C GLU C 354 19.15 40.51 -20.16
N ILE C 355 18.96 40.93 -21.40
CA ILE C 355 19.07 42.34 -21.75
C ILE C 355 17.86 42.81 -22.56
N PRO C 356 17.08 43.73 -22.00
CA PRO C 356 15.89 44.26 -22.70
C PRO C 356 16.28 45.07 -23.95
N GLU C 357 15.37 45.15 -24.93
CA GLU C 357 15.63 45.89 -26.18
C GLU C 357 15.94 47.38 -25.91
N ASN C 358 15.59 47.82 -24.71
CA ASN C 358 15.80 49.20 -24.28
C ASN C 358 16.47 49.24 -22.89
N ASP C 359 17.67 48.67 -22.80
CA ASP C 359 18.43 48.63 -21.56
C ASP C 359 18.45 50.00 -20.88
N GLU C 360 17.54 50.20 -19.93
CA GLU C 360 17.46 51.48 -19.21
C GLU C 360 18.59 51.57 -18.20
N GLN C 361 18.49 50.76 -17.15
CA GLN C 361 19.49 50.73 -16.10
C GLN C 361 20.79 50.06 -16.60
N GLN C 362 21.81 50.02 -15.77
CA GLN C 362 23.10 49.43 -16.15
C GLN C 362 23.02 47.90 -16.09
N ILE C 363 22.15 47.32 -16.90
CA ILE C 363 21.98 45.86 -16.93
C ILE C 363 23.20 45.21 -17.55
N LYS C 364 23.48 45.54 -18.81
CA LYS C 364 24.62 44.99 -19.51
C LYS C 364 25.86 45.03 -18.63
N THR C 365 25.90 46.00 -17.72
CA THR C 365 27.05 46.12 -16.82
C THR C 365 27.19 44.86 -16.00
N GLU C 366 26.05 44.24 -15.70
CA GLU C 366 26.00 43.03 -14.90
C GLU C 366 26.29 41.82 -15.78
N ALA C 367 25.71 41.84 -16.99
CA ALA C 367 25.92 40.75 -17.93
C ALA C 367 27.40 40.61 -18.25
N GLU C 368 28.21 41.60 -17.88
CA GLU C 368 29.64 41.55 -18.14
C GLU C 368 30.40 41.22 -16.87
N LYS C 369 29.75 40.46 -15.99
CA LYS C 369 30.37 40.10 -14.73
C LYS C 369 30.57 38.58 -14.63
N LYS C 370 31.68 38.18 -14.01
CA LYS C 370 32.01 36.78 -13.83
C LYS C 370 31.01 36.09 -12.91
N SER C 371 30.52 34.94 -13.34
CA SER C 371 29.55 34.17 -12.58
C SER C 371 30.07 33.87 -11.19
N GLN C 372 29.16 33.70 -10.24
CA GLN C 372 29.59 33.40 -8.88
C GLN C 372 28.87 32.20 -8.28
N THR C 373 29.58 31.49 -7.40
CA THR C 373 29.06 30.31 -6.74
C THR C 373 27.86 30.63 -5.85
N MET C 374 26.75 29.94 -6.08
CA MET C 374 25.56 30.17 -5.29
C MET C 374 25.46 29.19 -4.12
N TYR C 375 24.58 29.52 -3.18
CA TYR C 375 24.37 28.70 -1.99
C TYR C 375 22.90 28.34 -1.86
N VAL C 376 22.48 27.44 -2.73
CA VAL C 376 21.12 26.96 -2.80
C VAL C 376 20.57 26.35 -1.51
N VAL C 377 19.25 26.34 -1.41
CA VAL C 377 18.55 25.76 -0.25
C VAL C 377 17.03 25.90 -0.36
N THR C 378 16.31 25.24 0.54
CA THR C 378 14.86 25.29 0.54
C THR C 378 14.42 25.88 1.85
N ALA C 379 13.79 27.05 1.78
CA ALA C 379 13.32 27.73 2.97
C ALA C 379 12.27 28.78 2.68
N ASP C 380 11.71 29.33 3.76
CA ASP C 380 10.70 30.37 3.70
C ASP C 380 11.36 31.72 3.53
N PHE C 381 10.71 32.60 2.79
CA PHE C 381 11.26 33.90 2.56
C PHE C 381 10.25 35.04 2.48
N LYS C 382 10.39 36.00 3.39
CA LYS C 382 9.52 37.18 3.43
C LYS C 382 10.37 38.43 3.30
N ASP C 383 11.41 38.32 2.49
CA ASP C 383 12.36 39.41 2.21
C ASP C 383 13.16 39.94 3.41
N THR C 384 12.71 39.65 4.63
CA THR C 384 13.44 40.12 5.80
C THR C 384 14.01 38.94 6.57
N ILE C 385 13.21 37.90 6.68
CA ILE C 385 13.64 36.70 7.40
C ILE C 385 13.58 35.43 6.54
N VAL C 386 14.48 34.51 6.87
CA VAL C 386 14.59 33.22 6.18
C VAL C 386 14.36 32.12 7.22
N LYS C 387 13.17 31.53 7.17
CA LYS C 387 12.84 30.47 8.12
C LYS C 387 12.85 29.11 7.43
N PRO C 388 13.34 28.07 8.12
CA PRO C 388 13.39 26.73 7.57
C PRO C 388 12.02 26.10 7.38
N GLN C 389 11.79 25.58 6.17
CA GLN C 389 10.54 24.91 5.83
C GLN C 389 10.86 23.61 5.11
N HIS C 390 10.52 22.49 5.72
CA HIS C 390 10.79 21.21 5.10
C HIS C 390 9.77 20.82 4.03
N LYS C 391 8.64 21.53 3.98
CA LYS C 391 7.64 21.22 2.95
C LYS C 391 8.01 21.99 1.68
N ILE C 392 8.73 21.33 0.79
CA ILE C 392 9.15 21.96 -0.45
C ILE C 392 7.99 22.25 -1.37
N SER C 393 8.21 23.24 -2.23
CA SER C 393 7.22 23.67 -3.20
C SER C 393 7.99 24.51 -4.21
N PRO C 394 7.42 24.76 -5.39
CA PRO C 394 8.10 25.57 -6.40
C PRO C 394 8.28 27.02 -5.97
N GLN C 395 7.92 27.29 -4.72
CA GLN C 395 8.03 28.62 -4.15
C GLN C 395 9.24 28.74 -3.21
N LYS C 396 9.34 27.81 -2.26
CA LYS C 396 10.43 27.81 -1.28
C LYS C 396 11.83 27.52 -1.80
N LEU C 397 12.04 27.80 -3.07
CA LEU C 397 13.34 27.58 -3.69
C LEU C 397 14.13 28.89 -3.62
N VAL C 398 15.09 28.98 -2.71
CA VAL C 398 15.88 30.21 -2.58
C VAL C 398 17.39 30.00 -2.70
N VAL C 399 18.07 30.95 -3.32
CA VAL C 399 19.51 30.88 -3.47
C VAL C 399 20.13 32.05 -2.76
N TYR C 400 21.42 31.95 -2.43
CA TYR C 400 22.09 33.03 -1.72
C TYR C 400 23.50 33.31 -2.23
N PHE C 401 23.80 34.58 -2.48
CA PHE C 401 25.10 35.02 -2.97
C PHE C 401 25.09 36.55 -3.13
N ASP C 402 26.04 37.09 -3.88
CA ASP C 402 26.11 38.54 -4.09
C ASP C 402 24.96 39.06 -4.93
N GLY C 403 24.67 38.37 -6.03
CA GLY C 403 23.56 38.75 -6.88
C GLY C 403 23.52 40.19 -7.36
N PRO C 404 22.52 40.52 -8.18
CA PRO C 404 22.35 41.86 -8.73
C PRO C 404 21.48 42.77 -7.87
N GLU C 405 21.11 43.91 -8.46
CA GLU C 405 20.28 44.92 -7.81
C GLU C 405 19.17 45.44 -8.72
N LYS C 406 19.50 45.84 -9.94
CA LYS C 406 18.48 46.36 -10.85
C LYS C 406 17.44 45.30 -11.20
N ASP C 407 16.56 45.62 -12.15
CA ASP C 407 15.51 44.71 -12.60
C ASP C 407 16.10 43.69 -13.60
N LEU C 408 16.79 42.67 -13.07
CA LEU C 408 17.43 41.64 -13.88
C LEU C 408 16.76 40.29 -13.82
N THR C 409 16.72 39.60 -14.95
CA THR C 409 16.15 38.27 -15.04
C THR C 409 17.34 37.38 -15.40
N MET C 410 18.11 37.04 -14.36
CA MET C 410 19.32 36.22 -14.47
C MET C 410 19.04 34.73 -14.39
N SER C 411 19.46 33.99 -15.41
CA SER C 411 19.28 32.54 -15.47
C SER C 411 20.63 31.86 -15.18
N ALA C 412 20.60 30.72 -14.48
CA ALA C 412 21.84 30.04 -14.15
C ALA C 412 21.77 28.53 -14.26
N THR C 413 22.94 27.91 -14.17
CA THR C 413 23.07 26.44 -14.26
C THR C 413 23.98 25.96 -13.13
N LEU C 414 23.37 25.53 -12.03
CA LEU C 414 24.06 25.04 -10.83
C LEU C 414 24.65 23.63 -10.89
N SER C 415 25.44 23.30 -9.88
CA SER C 415 26.09 22.01 -9.80
C SER C 415 26.61 21.73 -8.40
N PRO C 416 25.77 21.12 -7.54
CA PRO C 416 26.11 20.80 -6.15
C PRO C 416 27.52 20.25 -5.97
N LEU C 417 28.30 20.91 -5.11
CA LEU C 417 29.67 20.53 -4.86
C LEU C 417 30.02 20.44 -3.41
N GLY C 418 29.36 21.25 -2.59
CA GLY C 418 29.66 21.25 -1.19
C GLY C 418 28.48 21.52 -0.30
N TYR C 419 28.76 21.91 0.93
CA TYR C 419 27.74 22.15 1.92
C TYR C 419 28.26 23.09 3.01
N THR C 420 27.45 24.07 3.39
CA THR C 420 27.84 25.02 4.44
C THR C 420 27.70 24.30 5.77
N LEU C 421 28.82 23.91 6.36
CA LEU C 421 28.79 23.19 7.64
C LEU C 421 27.89 23.85 8.67
N VAL C 422 27.44 23.07 9.65
CA VAL C 422 26.57 23.61 10.68
C VAL C 422 26.80 23.02 12.06
N ASP C 423 26.76 21.70 12.16
CA ASP C 423 26.94 21.03 13.44
C ASP C 423 27.99 19.92 13.31
N GLU C 424 28.02 19.04 14.31
CA GLU C 424 28.95 17.91 14.35
C GLU C 424 28.23 16.67 13.80
N GLN C 425 26.91 16.79 13.67
CA GLN C 425 26.06 15.73 13.18
C GLN C 425 25.99 15.72 11.65
N PRO C 426 25.85 14.52 11.05
CA PRO C 426 25.77 14.29 9.60
C PRO C 426 24.59 14.94 8.94
N VAL C 427 24.70 15.10 7.64
CA VAL C 427 23.65 15.72 6.86
C VAL C 427 22.41 14.85 6.73
N GLY C 428 21.26 15.44 7.03
CA GLY C 428 20.01 14.73 6.93
C GLY C 428 19.77 13.72 8.02
N SER C 429 20.52 13.85 9.11
CA SER C 429 20.38 12.93 10.21
C SER C 429 19.20 13.32 11.10
N VAL C 430 18.55 14.43 10.75
CA VAL C 430 17.41 14.89 11.52
C VAL C 430 16.17 15.02 10.65
N SER C 431 15.14 14.25 11.00
CA SER C 431 13.86 14.23 10.29
C SER C 431 13.33 15.64 9.98
N SER C 432 13.21 16.43 11.04
CA SER C 432 12.74 17.80 11.02
C SER C 432 13.40 18.65 9.94
N ARG C 433 14.65 18.36 9.64
CA ARG C 433 15.39 19.11 8.64
C ARG C 433 15.31 18.52 7.25
N VAL C 434 14.93 17.25 7.12
CA VAL C 434 14.85 16.65 5.79
C VAL C 434 13.65 17.11 5.00
N VAL C 435 13.92 17.69 3.83
CA VAL C 435 12.86 18.20 2.98
C VAL C 435 11.89 17.15 2.51
N ARG C 436 10.71 17.20 3.10
CA ARG C 436 9.63 16.29 2.79
C ARG C 436 8.97 16.91 1.52
N ILE C 437 7.67 16.73 1.31
CA ILE C 437 6.99 17.28 0.12
C ILE C 437 5.49 16.97 0.16
N ALA C 438 5.13 16.01 1.00
CA ALA C 438 3.76 15.56 1.19
C ALA C 438 3.78 14.44 2.20
N THR C 439 4.76 13.56 2.07
CA THR C 439 4.98 12.42 2.97
C THR C 439 6.46 12.13 3.01
N LEU C 440 6.91 11.55 4.12
CA LEU C 440 8.31 11.20 4.27
C LEU C 440 8.53 9.71 4.53
N PRO C 441 8.96 8.98 3.49
CA PRO C 441 9.21 7.54 3.61
C PRO C 441 10.12 7.27 4.79
N GLU C 442 9.94 6.12 5.41
CA GLU C 442 10.77 5.79 6.55
C GLU C 442 10.66 4.31 6.80
N ALA C 443 11.60 3.79 7.57
CA ALA C 443 11.63 2.37 7.88
C ALA C 443 12.04 2.20 9.34
N PHE C 444 11.21 1.55 10.13
CA PHE C 444 11.53 1.38 11.54
C PHE C 444 12.18 0.03 11.86
N THR C 445 12.69 -0.08 13.08
CA THR C 445 13.32 -1.31 13.53
C THR C 445 12.25 -2.38 13.38
N GLN C 446 12.68 -3.59 13.06
CA GLN C 446 11.74 -4.67 12.90
C GLN C 446 12.24 -5.85 13.69
N GLY C 447 11.87 -5.89 14.97
CA GLY C 447 12.32 -6.97 15.80
C GLY C 447 13.82 -7.02 15.98
N GLY C 448 14.50 -7.75 15.10
CA GLY C 448 15.95 -7.86 15.22
C GLY C 448 16.71 -7.20 14.09
N ASN C 449 15.98 -6.55 13.19
CA ASN C 449 16.64 -5.90 12.08
C ASN C 449 16.47 -4.41 12.24
N TYR C 450 17.59 -3.70 12.27
CA TYR C 450 17.56 -2.25 12.41
C TYR C 450 17.90 -1.61 11.08
N PRO C 451 17.12 -0.60 10.69
CA PRO C 451 17.39 0.07 9.42
C PRO C 451 18.73 0.81 9.46
N ILE C 452 19.28 1.12 8.30
CA ILE C 452 20.55 1.81 8.29
C ILE C 452 20.64 2.90 7.24
N PHE C 453 21.64 3.75 7.42
CA PHE C 453 21.92 4.86 6.53
C PHE C 453 23.29 4.61 5.93
N TYR C 454 23.41 4.89 4.64
CA TYR C 454 24.67 4.73 3.93
C TYR C 454 25.39 6.07 4.06
N VAL C 455 26.56 6.05 4.70
CA VAL C 455 27.31 7.27 4.92
C VAL C 455 28.34 7.65 3.85
N ASN C 456 28.12 8.86 3.31
CA ASN C 456 28.95 9.49 2.29
C ASN C 456 29.99 10.39 2.93
N LYS C 457 30.43 11.38 2.16
CA LYS C 457 31.40 12.36 2.65
C LYS C 457 31.27 13.61 1.80
N ILE C 458 30.47 14.56 2.26
CA ILE C 458 30.27 15.79 1.52
C ILE C 458 31.26 16.85 1.99
N LYS C 459 31.65 17.71 1.05
CA LYS C 459 32.61 18.79 1.31
C LYS C 459 31.98 20.03 1.93
N VAL C 460 32.70 20.66 2.86
CA VAL C 460 32.23 21.87 3.53
C VAL C 460 32.76 23.10 2.82
N GLY C 461 32.66 24.26 3.46
CA GLY C 461 33.13 25.43 2.76
C GLY C 461 34.02 26.44 3.45
N TYR C 462 34.94 25.99 4.28
CA TYR C 462 35.79 26.97 4.93
C TYR C 462 36.98 26.27 5.51
N PHE C 463 36.78 25.04 5.93
CA PHE C 463 37.86 24.29 6.54
C PHE C 463 38.74 23.61 5.51
N ASP C 464 39.89 24.24 5.28
CA ASP C 464 40.89 23.80 4.31
C ASP C 464 40.31 22.92 3.23
N ARG C 465 40.33 21.62 3.49
CA ARG C 465 39.83 20.66 2.52
C ARG C 465 39.03 19.62 3.27
N ALA C 466 38.64 19.95 4.49
CA ALA C 466 37.87 19.03 5.30
C ALA C 466 36.46 18.85 4.77
N THR C 467 35.79 17.83 5.31
CA THR C 467 34.42 17.45 4.93
C THR C 467 33.66 16.88 6.11
N THR C 468 32.36 16.72 5.94
CA THR C 468 31.52 16.17 6.99
C THR C 468 30.79 14.94 6.43
N ASN C 469 30.20 14.14 7.31
CA ASN C 469 29.50 12.95 6.88
C ASN C 469 28.11 13.25 6.35
N CYS C 470 27.73 12.56 5.28
CA CYS C 470 26.41 12.76 4.72
C CYS C 470 25.68 11.43 4.66
N TYR C 471 24.43 11.45 5.12
CA TYR C 471 23.56 10.27 5.13
C TYR C 471 22.85 10.03 3.81
N ASN C 472 22.61 8.75 3.52
CA ASN C 472 21.93 8.34 2.30
C ASN C 472 21.00 7.18 2.62
N SER C 473 19.83 7.16 1.97
CA SER C 473 18.85 6.09 2.22
C SER C 473 19.12 4.84 1.40
N GLN C 474 19.89 4.98 0.33
CA GLN C 474 20.17 3.83 -0.49
C GLN C 474 21.29 4.09 -1.48
N ILE C 475 22.02 3.03 -1.82
CA ILE C 475 23.10 3.18 -2.76
C ILE C 475 22.47 3.71 -4.04
N LEU C 476 23.18 4.57 -4.75
CA LEU C 476 22.62 5.16 -5.97
C LEU C 476 22.17 4.14 -7.00
N MET C 477 22.97 3.09 -7.21
CA MET C 477 22.60 2.08 -8.18
C MET C 477 21.28 1.45 -7.73
N THR C 478 21.15 1.18 -6.43
CA THR C 478 19.93 0.59 -5.90
C THR C 478 18.75 1.44 -6.32
N SER C 479 18.94 2.75 -6.30
CA SER C 479 17.86 3.66 -6.66
C SER C 479 17.54 3.60 -8.14
N GLN C 480 18.58 3.65 -8.97
CA GLN C 480 18.41 3.58 -10.42
C GLN C 480 17.68 2.32 -10.84
N ARG C 481 18.06 1.19 -10.25
CA ARG C 481 17.43 -0.05 -10.62
C ARG C 481 16.01 -0.15 -10.14
N LEU C 482 15.75 0.25 -8.91
CA LEU C 482 14.37 0.20 -8.46
C LEU C 482 13.60 1.21 -9.29
N ALA C 483 14.29 2.22 -9.79
CA ALA C 483 13.59 3.22 -10.56
C ALA C 483 13.17 2.74 -11.93
N GLU C 484 14.17 2.45 -12.76
CA GLU C 484 13.98 2.03 -14.14
C GLU C 484 13.65 0.56 -14.30
N GLY C 485 13.73 -0.19 -13.20
CA GLY C 485 13.46 -1.62 -13.28
C GLY C 485 12.06 -2.06 -12.89
N ASN C 486 11.87 -3.37 -12.86
CA ASN C 486 10.59 -3.96 -12.48
C ASN C 486 10.91 -5.16 -11.61
N TYR C 487 11.02 -4.95 -10.30
CA TYR C 487 11.34 -6.07 -9.41
C TYR C 487 10.13 -6.49 -8.57
N ASN C 488 10.10 -7.78 -8.22
CA ASN C 488 9.03 -8.38 -7.44
C ASN C 488 9.55 -8.75 -6.06
N LEU C 489 8.80 -8.43 -5.03
CA LEU C 489 9.24 -8.76 -3.68
C LEU C 489 8.03 -8.66 -2.79
N PRO C 490 7.67 -9.77 -2.11
CA PRO C 490 6.51 -9.75 -1.20
C PRO C 490 6.82 -8.87 0.01
N PRO C 491 5.99 -7.83 0.24
CA PRO C 491 6.22 -6.91 1.36
C PRO C 491 6.68 -7.54 2.68
N ASP C 492 6.17 -8.74 2.96
CA ASP C 492 6.53 -9.45 4.18
C ASP C 492 7.99 -9.89 4.18
N SER C 493 8.64 -9.74 3.02
CA SER C 493 10.02 -10.16 2.88
C SER C 493 10.97 -9.04 2.45
N LEU C 494 12.25 -9.38 2.33
CA LEU C 494 13.29 -8.43 1.93
C LEU C 494 14.50 -9.07 1.24
N ALA C 495 14.93 -8.43 0.14
CA ALA C 495 16.07 -8.89 -0.65
C ALA C 495 17.36 -8.78 0.12
N VAL C 496 17.93 -9.94 0.46
CA VAL C 496 19.15 -9.98 1.25
C VAL C 496 20.45 -10.05 0.49
N TYR C 497 21.46 -9.35 1.01
CA TYR C 497 22.79 -9.31 0.42
C TYR C 497 23.89 -9.51 1.47
N ARG C 498 24.94 -10.22 1.06
CA ARG C 498 26.10 -10.50 1.91
C ARG C 498 27.18 -9.49 1.64
N ILE C 499 27.47 -8.72 2.66
CA ILE C 499 28.52 -7.74 2.54
C ILE C 499 29.74 -8.32 3.22
N THR C 500 30.83 -8.45 2.46
CA THR C 500 32.07 -9.00 3.00
C THR C 500 33.19 -7.98 2.97
N ASP C 501 33.79 -7.79 4.14
CA ASP C 501 34.89 -6.86 4.38
C ASP C 501 36.17 -7.31 3.65
N SER C 502 37.13 -6.41 3.52
CA SER C 502 38.37 -6.76 2.83
C SER C 502 39.20 -7.75 3.65
N SER C 503 38.83 -7.93 4.91
CA SER C 503 39.49 -8.87 5.79
C SER C 503 38.64 -10.13 5.80
N SER C 504 38.15 -10.52 6.98
CA SER C 504 37.32 -11.69 7.10
C SER C 504 36.14 -11.31 7.98
N GLN C 505 35.50 -10.22 7.61
CA GLN C 505 34.35 -9.72 8.35
C GLN C 505 33.19 -9.59 7.38
N TRP C 506 31.97 -9.87 7.85
CA TRP C 506 30.80 -9.76 7.00
C TRP C 506 29.49 -9.63 7.75
N PHE C 507 28.49 -9.11 7.05
CA PHE C 507 27.17 -8.92 7.63
C PHE C 507 26.14 -8.86 6.50
N ASP C 508 24.92 -9.32 6.82
CA ASP C 508 23.83 -9.35 5.87
C ASP C 508 22.99 -8.06 5.84
N ILE C 509 22.68 -7.59 4.63
CA ILE C 509 21.88 -6.38 4.43
C ILE C 509 20.61 -6.77 3.70
N GLY C 510 19.46 -6.45 4.27
CA GLY C 510 18.21 -6.79 3.62
C GLY C 510 17.44 -5.54 3.23
N ILE C 511 16.97 -5.50 1.99
CA ILE C 511 16.21 -4.38 1.48
C ILE C 511 14.73 -4.70 1.55
N ASN C 512 13.95 -3.85 2.22
CA ASN C 512 12.52 -4.08 2.34
C ASN C 512 11.78 -3.55 1.12
N HIS C 513 10.50 -3.88 1.00
CA HIS C 513 9.73 -3.47 -0.16
C HIS C 513 9.75 -1.97 -0.38
N ASP C 514 9.73 -1.22 0.72
CA ASP C 514 9.74 0.24 0.64
C ASP C 514 11.01 0.79 0.01
N GLY C 515 12.12 0.10 0.21
CA GLY C 515 13.36 0.57 -0.37
C GLY C 515 14.47 0.83 0.61
N PHE C 516 14.25 0.57 1.89
CA PHE C 516 15.30 0.80 2.88
C PHE C 516 16.07 -0.47 3.22
N SER C 517 17.35 -0.33 3.50
CA SER C 517 18.17 -1.48 3.83
C SER C 517 18.23 -1.72 5.35
N TYR C 518 18.30 -2.97 5.76
CA TYR C 518 18.37 -3.32 7.18
C TYR C 518 19.59 -4.14 7.51
N VAL C 519 19.83 -4.32 8.80
CA VAL C 519 20.96 -5.10 9.24
C VAL C 519 20.58 -5.87 10.50
N GLY C 520 21.24 -7.00 10.71
CA GLY C 520 20.94 -7.81 11.87
C GLY C 520 21.55 -7.32 13.16
N LEU C 521 22.20 -6.16 13.11
CA LEU C 521 22.82 -5.61 14.30
C LEU C 521 22.25 -4.25 14.64
N SER C 522 22.48 -3.85 15.89
CA SER C 522 22.02 -2.56 16.38
C SER C 522 23.11 -1.50 16.22
N ASP C 523 24.25 -1.90 15.68
CA ASP C 523 25.36 -0.99 15.48
C ASP C 523 26.50 -1.75 14.82
N LEU C 524 26.93 -1.29 13.66
CA LEU C 524 28.02 -1.92 12.93
C LEU C 524 29.32 -1.28 13.36
N PRO C 525 30.40 -2.06 13.34
CA PRO C 525 31.74 -1.58 13.72
C PRO C 525 32.29 -0.50 12.78
N ASN C 526 33.21 0.33 13.27
CA ASN C 526 33.82 1.41 12.48
C ASN C 526 34.97 0.91 11.62
N ASP C 527 35.87 0.15 12.25
CA ASP C 527 37.01 -0.42 11.57
C ASP C 527 36.55 -1.46 10.53
N LEU C 528 36.50 -1.05 9.27
CA LEU C 528 36.09 -1.95 8.20
C LEU C 528 36.87 -1.62 6.94
N SER C 529 37.80 -2.49 6.55
CA SER C 529 38.58 -2.27 5.33
C SER C 529 37.53 -2.08 4.26
N PHE C 530 37.30 -0.84 3.83
CA PHE C 530 36.22 -0.61 2.89
C PHE C 530 36.21 -1.12 1.46
N PRO C 531 37.28 -1.79 1.01
CA PRO C 531 37.10 -2.24 -0.37
C PRO C 531 36.13 -3.45 -0.33
N LEU C 532 34.91 -3.21 0.15
CA LEU C 532 33.85 -4.22 0.32
C LEU C 532 33.36 -4.92 -0.94
N THR C 533 32.68 -6.05 -0.74
CA THR C 533 32.09 -6.81 -1.85
C THR C 533 30.71 -7.33 -1.46
N SER C 534 29.86 -7.49 -2.45
CA SER C 534 28.51 -7.95 -2.21
C SER C 534 28.12 -9.14 -3.07
N THR C 535 27.20 -9.93 -2.54
CA THR C 535 26.72 -11.11 -3.23
C THR C 535 25.30 -11.43 -2.77
N PHE C 536 24.38 -11.46 -3.74
CA PHE C 536 22.98 -11.75 -3.45
C PHE C 536 22.79 -13.13 -2.81
N MET C 537 21.98 -13.18 -1.77
CA MET C 537 21.72 -14.42 -1.05
C MET C 537 20.33 -14.98 -1.37
N GLY C 538 19.36 -14.08 -1.52
CA GLY C 538 18.00 -14.49 -1.81
C GLY C 538 16.96 -13.64 -1.10
N VAL C 539 15.76 -14.19 -0.91
CA VAL C 539 14.72 -13.44 -0.24
C VAL C 539 14.34 -14.10 1.08
N GLN C 540 14.36 -13.36 2.17
CA GLN C 540 14.00 -13.92 3.47
C GLN C 540 12.88 -13.10 4.10
N LEU C 541 12.33 -13.61 5.19
CA LEU C 541 11.28 -12.91 5.88
C LEU C 541 11.83 -11.79 6.69
N ALA C 542 10.98 -10.81 6.92
CA ALA C 542 11.41 -9.69 7.70
C ALA C 542 11.50 -10.06 9.17
N ARG C 543 10.61 -10.91 9.67
CA ARG C 543 10.70 -11.26 11.08
C ARG C 543 11.81 -12.27 11.34
N VAL C 544 12.86 -12.22 10.54
CA VAL C 544 13.98 -13.11 10.72
C VAL C 544 15.27 -12.33 10.80
N LYS C 545 15.91 -12.36 11.97
CA LYS C 545 17.16 -11.64 12.22
C LYS C 545 18.18 -12.01 11.13
N LEU C 546 18.80 -11.01 10.54
CA LEU C 546 19.79 -11.24 9.49
C LEU C 546 21.13 -11.73 10.01
N ALA C 547 21.83 -12.50 9.20
CA ALA C 547 23.12 -13.02 9.61
C ALA C 547 24.24 -11.98 9.69
N SER C 548 25.31 -12.35 10.40
CA SER C 548 26.49 -11.51 10.60
C SER C 548 27.60 -12.19 11.42
N LYS C 549 28.84 -11.99 10.99
CA LYS C 549 30.02 -12.56 11.66
C LYS C 549 30.99 -11.40 11.86
N VAL C 550 30.59 -10.40 12.65
CA VAL C 550 31.42 -9.23 12.89
C VAL C 550 32.16 -9.33 14.24
N LYS C 551 32.57 -8.19 14.79
CA LYS C 551 33.28 -8.15 16.08
C LYS C 551 34.69 -8.77 16.00
#